data_6EDX
# 
_entry.id   6EDX 
# 
_audit_conform.dict_name       mmcif_pdbx.dic 
_audit_conform.dict_version    5.379 
_audit_conform.dict_location   http://mmcif.pdb.org/dictionaries/ascii/mmcif_pdbx.dic 
# 
loop_
_database_2.database_id 
_database_2.database_code 
_database_2.pdbx_database_accession 
_database_2.pdbx_DOI 
PDB   6EDX         pdb_00006edx 10.2210/pdb6edx/pdb 
WWPDB D_1000236085 ?            ?                   
# 
_pdbx_database_status.status_code                     REL 
_pdbx_database_status.status_code_sf                  REL 
_pdbx_database_status.status_code_mr                  ? 
_pdbx_database_status.entry_id                        6EDX 
_pdbx_database_status.recvd_initial_deposition_date   2018-08-12 
_pdbx_database_status.SG_entry                        N 
_pdbx_database_status.deposit_site                    RCSB 
_pdbx_database_status.process_site                    RCSB 
_pdbx_database_status.status_code_cs                  ? 
_pdbx_database_status.methods_development_category    ? 
_pdbx_database_status.pdb_format_compatible           Y 
_pdbx_database_status.status_code_nmr_data            ? 
# 
loop_
_audit_author.name 
_audit_author.pdbx_ordinal 
_audit_author.identifier_ORCID 
'Chandra, M.'   1 0000-0003-2382-5024 
'Collins, B.M.' 2 0000-0002-6070-3774 
# 
_citation.abstract                  ? 
_citation.abstract_id_CAS           ? 
_citation.book_id_ISBN              ? 
_citation.book_publisher            ? 
_citation.book_publisher_city       ? 
_citation.book_title                ? 
_citation.coordinate_linkage        ? 
_citation.country                   UK 
_citation.database_id_Medline       ? 
_citation.details                   ? 
_citation.id                        primary 
_citation.journal_abbrev            'Nat Commun' 
_citation.journal_id_ASTM           ? 
_citation.journal_id_CSD            ? 
_citation.journal_id_ISSN           2041-1723 
_citation.journal_full              ? 
_citation.journal_issue             ? 
_citation.journal_volume            10 
_citation.language                  ? 
_citation.page_first                1528 
_citation.page_last                 1528 
_citation.title                     
'Classification of the human phox homology (PX) domains based on their phosphoinositide binding specificities.' 
_citation.year                      2019 
_citation.database_id_CSD           ? 
_citation.pdbx_database_id_DOI      10.1038/s41467-019-09355-y 
_citation.pdbx_database_id_PubMed   30948714 
_citation.unpublished_flag          ? 
# 
loop_
_citation_author.citation_id 
_citation_author.name 
_citation_author.ordinal 
_citation_author.identifier_ORCID 
primary 'Chandra, M.'    1  ?                   
primary 'Chin, Y.K.'     2  ?                   
primary 'Mas, C.'        3  ?                   
primary 'Feathers, J.R.' 4  ?                   
primary 'Paul, B.'       5  ?                   
primary 'Datta, S.'      6  ?                   
primary 'Chen, K.E.'     7  0000-0003-1106-1629 
primary 'Jia, X.'        8  0000-0003-0133-8321 
primary 'Yang, Z.'       9  ?                   
primary 'Norwood, S.J.'  10 ?                   
primary 'Mohanty, B.'    11 ?                   
primary 'Bugarcic, A.'   12 ?                   
primary 'Teasdale, R.D.' 13 ?                   
primary 'Henne, W.M.'    14 ?                   
primary 'Mobli, M.'      15 0000-0003-2420-4262 
primary 'Collins, B.M.'  16 ?                   
# 
_cell.angle_alpha                  90.00 
_cell.angle_alpha_esd              ? 
_cell.angle_beta                   90.00 
_cell.angle_beta_esd               ? 
_cell.angle_gamma                  90.00 
_cell.angle_gamma_esd              ? 
_cell.entry_id                     6EDX 
_cell.details                      ? 
_cell.formula_units_Z              ? 
_cell.length_a                     74.339 
_cell.length_a_esd                 ? 
_cell.length_b                     74.339 
_cell.length_b_esd                 ? 
_cell.length_c                     51.963 
_cell.length_c_esd                 ? 
_cell.volume                       ? 
_cell.volume_esd                   ? 
_cell.Z_PDB                        8 
_cell.reciprocal_angle_alpha       ? 
_cell.reciprocal_angle_beta        ? 
_cell.reciprocal_angle_gamma       ? 
_cell.reciprocal_angle_alpha_esd   ? 
_cell.reciprocal_angle_beta_esd    ? 
_cell.reciprocal_angle_gamma_esd   ? 
_cell.reciprocal_length_a          ? 
_cell.reciprocal_length_b          ? 
_cell.reciprocal_length_c          ? 
_cell.reciprocal_length_a_esd      ? 
_cell.reciprocal_length_b_esd      ? 
_cell.reciprocal_length_c_esd      ? 
_cell.pdbx_unique_axis             ? 
# 
_symmetry.entry_id                         6EDX 
_symmetry.cell_setting                     ? 
_symmetry.Int_Tables_number                79 
_symmetry.space_group_name_Hall            ? 
_symmetry.space_group_name_H-M             'I 4' 
_symmetry.pdbx_full_space_group_name_H-M   ? 
# 
loop_
_entity.id 
_entity.type 
_entity.src_method 
_entity.pdbx_description 
_entity.formula_weight 
_entity.pdbx_number_of_molecules 
_entity.pdbx_ec 
_entity.pdbx_mutation 
_entity.pdbx_fragment 
_entity.details 
1 polymer     man 'Serine/threonine-protein kinase Sgk3' 13996.068 1  2.7.11.1 ? ? ? 
2 non-polymer syn GLYCEROL                               92.094    1  ?        ? ? ? 
3 water       nat water                                  18.015    21 ?        ? ? ? 
# 
_entity_name_com.entity_id   1 
_entity_name_com.name        
'Cytokine-independent survival kinase,Serum/glucocorticoid-regulated kinase 3,Serum/glucocorticoid-regulated kinase-like' 
# 
_entity_poly.entity_id                      1 
_entity_poly.type                           'polypeptide(L)' 
_entity_poly.nstd_linkage                   no 
_entity_poly.nstd_monomer                   no 
_entity_poly.pdbx_seq_one_letter_code       
;GSKESCPSVSIPSSDEHREKKKRFTVYKVLVSVGRSEWFVFRRYAEFDKLYNTLKKQFPAMALKIPAKRIFGDNFDPDFI
KQRRAGLNEFIQNLVRYPELYNHPDVRAFLQMDSPKHQ
;
_entity_poly.pdbx_seq_one_letter_code_can   
;GSKESCPSVSIPSSDEHREKKKRFTVYKVLVSVGRSEWFVFRRYAEFDKLYNTLKKQFPAMALKIPAKRIFGDNFDPDFI
KQRRAGLNEFIQNLVRYPELYNHPDVRAFLQMDSPKHQ
;
_entity_poly.pdbx_strand_id                 A 
_entity_poly.pdbx_target_identifier         ? 
# 
loop_
_entity_poly_seq.entity_id 
_entity_poly_seq.num 
_entity_poly_seq.mon_id 
_entity_poly_seq.hetero 
1 1   GLY n 
1 2   SER n 
1 3   LYS n 
1 4   GLU n 
1 5   SER n 
1 6   CYS n 
1 7   PRO n 
1 8   SER n 
1 9   VAL n 
1 10  SER n 
1 11  ILE n 
1 12  PRO n 
1 13  SER n 
1 14  SER n 
1 15  ASP n 
1 16  GLU n 
1 17  HIS n 
1 18  ARG n 
1 19  GLU n 
1 20  LYS n 
1 21  LYS n 
1 22  LYS n 
1 23  ARG n 
1 24  PHE n 
1 25  THR n 
1 26  VAL n 
1 27  TYR n 
1 28  LYS n 
1 29  VAL n 
1 30  LEU n 
1 31  VAL n 
1 32  SER n 
1 33  VAL n 
1 34  GLY n 
1 35  ARG n 
1 36  SER n 
1 37  GLU n 
1 38  TRP n 
1 39  PHE n 
1 40  VAL n 
1 41  PHE n 
1 42  ARG n 
1 43  ARG n 
1 44  TYR n 
1 45  ALA n 
1 46  GLU n 
1 47  PHE n 
1 48  ASP n 
1 49  LYS n 
1 50  LEU n 
1 51  TYR n 
1 52  ASN n 
1 53  THR n 
1 54  LEU n 
1 55  LYS n 
1 56  LYS n 
1 57  GLN n 
1 58  PHE n 
1 59  PRO n 
1 60  ALA n 
1 61  MET n 
1 62  ALA n 
1 63  LEU n 
1 64  LYS n 
1 65  ILE n 
1 66  PRO n 
1 67  ALA n 
1 68  LYS n 
1 69  ARG n 
1 70  ILE n 
1 71  PHE n 
1 72  GLY n 
1 73  ASP n 
1 74  ASN n 
1 75  PHE n 
1 76  ASP n 
1 77  PRO n 
1 78  ASP n 
1 79  PHE n 
1 80  ILE n 
1 81  LYS n 
1 82  GLN n 
1 83  ARG n 
1 84  ARG n 
1 85  ALA n 
1 86  GLY n 
1 87  LEU n 
1 88  ASN n 
1 89  GLU n 
1 90  PHE n 
1 91  ILE n 
1 92  GLN n 
1 93  ASN n 
1 94  LEU n 
1 95  VAL n 
1 96  ARG n 
1 97  TYR n 
1 98  PRO n 
1 99  GLU n 
1 100 LEU n 
1 101 TYR n 
1 102 ASN n 
1 103 HIS n 
1 104 PRO n 
1 105 ASP n 
1 106 VAL n 
1 107 ARG n 
1 108 ALA n 
1 109 PHE n 
1 110 LEU n 
1 111 GLN n 
1 112 MET n 
1 113 ASP n 
1 114 SER n 
1 115 PRO n 
1 116 LYS n 
1 117 HIS n 
1 118 GLN n 
# 
_entity_src_gen.entity_id                          1 
_entity_src_gen.pdbx_src_id                        1 
_entity_src_gen.pdbx_alt_source_flag               sample 
_entity_src_gen.pdbx_seq_type                      'Biological sequence' 
_entity_src_gen.pdbx_beg_seq_num                   1 
_entity_src_gen.pdbx_end_seq_num                   118 
_entity_src_gen.gene_src_common_name               Human 
_entity_src_gen.gene_src_genus                     ? 
_entity_src_gen.pdbx_gene_src_gene                 'SGK3, CISK, SGKL' 
_entity_src_gen.gene_src_species                   ? 
_entity_src_gen.gene_src_strain                    ? 
_entity_src_gen.gene_src_tissue                    ? 
_entity_src_gen.gene_src_tissue_fraction           ? 
_entity_src_gen.gene_src_details                   ? 
_entity_src_gen.pdbx_gene_src_fragment             ? 
_entity_src_gen.pdbx_gene_src_scientific_name      'Homo sapiens' 
_entity_src_gen.pdbx_gene_src_ncbi_taxonomy_id     9606 
_entity_src_gen.pdbx_gene_src_variant              ? 
_entity_src_gen.pdbx_gene_src_cell_line            ? 
_entity_src_gen.pdbx_gene_src_atcc                 ? 
_entity_src_gen.pdbx_gene_src_organ                ? 
_entity_src_gen.pdbx_gene_src_organelle            ? 
_entity_src_gen.pdbx_gene_src_cell                 ? 
_entity_src_gen.pdbx_gene_src_cellular_location    ? 
_entity_src_gen.host_org_common_name               ? 
_entity_src_gen.pdbx_host_org_scientific_name      'Escherichia coli' 
_entity_src_gen.pdbx_host_org_ncbi_taxonomy_id     562 
_entity_src_gen.host_org_genus                     ? 
_entity_src_gen.pdbx_host_org_gene                 ? 
_entity_src_gen.pdbx_host_org_organ                ? 
_entity_src_gen.host_org_species                   ? 
_entity_src_gen.pdbx_host_org_tissue               ? 
_entity_src_gen.pdbx_host_org_tissue_fraction      ? 
_entity_src_gen.pdbx_host_org_strain               ? 
_entity_src_gen.pdbx_host_org_variant              ? 
_entity_src_gen.pdbx_host_org_cell_line            ? 
_entity_src_gen.pdbx_host_org_atcc                 ? 
_entity_src_gen.pdbx_host_org_culture_collection   ? 
_entity_src_gen.pdbx_host_org_cell                 ? 
_entity_src_gen.pdbx_host_org_organelle            ? 
_entity_src_gen.pdbx_host_org_cellular_location    ? 
_entity_src_gen.pdbx_host_org_vector_type          ? 
_entity_src_gen.pdbx_host_org_vector               ? 
_entity_src_gen.host_org_details                   ? 
_entity_src_gen.expression_system_id               ? 
_entity_src_gen.plasmid_name                       ? 
_entity_src_gen.plasmid_details                    ? 
_entity_src_gen.pdbx_description                   ? 
# 
_struct_ref.id                         1 
_struct_ref.db_name                    UNP 
_struct_ref.db_code                    SGK3_HUMAN 
_struct_ref.pdbx_db_accession          Q96BR1 
_struct_ref.pdbx_db_isoform            ? 
_struct_ref.entity_id                  1 
_struct_ref.pdbx_seq_one_letter_code   
;KESCPSVSIPSSDEHREKKKRFTVYKVLVSVGRSEWFVFRRYAEFDKLYNTLKKQFPAMALKIPAKRIFGDNFDPDFIKQ
RRAGLNEFIQNLVRYPELYNHPDVRAFLQMDSPKHQ
;
_struct_ref.pdbx_align_begin           10 
# 
_struct_ref_seq.align_id                      1 
_struct_ref_seq.ref_id                        1 
_struct_ref_seq.pdbx_PDB_id_code              6EDX 
_struct_ref_seq.pdbx_strand_id                A 
_struct_ref_seq.seq_align_beg                 3 
_struct_ref_seq.pdbx_seq_align_beg_ins_code   ? 
_struct_ref_seq.seq_align_end                 118 
_struct_ref_seq.pdbx_seq_align_end_ins_code   ? 
_struct_ref_seq.pdbx_db_accession             Q96BR1 
_struct_ref_seq.db_align_beg                  10 
_struct_ref_seq.pdbx_db_align_beg_ins_code    ? 
_struct_ref_seq.db_align_end                  125 
_struct_ref_seq.pdbx_db_align_end_ins_code    ? 
_struct_ref_seq.pdbx_auth_seq_align_beg       4 
_struct_ref_seq.pdbx_auth_seq_align_end       119 
# 
loop_
_struct_ref_seq_dif.align_id 
_struct_ref_seq_dif.pdbx_pdb_id_code 
_struct_ref_seq_dif.mon_id 
_struct_ref_seq_dif.pdbx_pdb_strand_id 
_struct_ref_seq_dif.seq_num 
_struct_ref_seq_dif.pdbx_pdb_ins_code 
_struct_ref_seq_dif.pdbx_seq_db_name 
_struct_ref_seq_dif.pdbx_seq_db_accession_code 
_struct_ref_seq_dif.db_mon_id 
_struct_ref_seq_dif.pdbx_seq_db_seq_num 
_struct_ref_seq_dif.details 
_struct_ref_seq_dif.pdbx_auth_seq_num 
_struct_ref_seq_dif.pdbx_ordinal 
1 6EDX GLY A 1 ? UNP Q96BR1 ? ? 'expression tag' 2 1 
1 6EDX SER A 2 ? UNP Q96BR1 ? ? 'expression tag' 3 2 
# 
loop_
_chem_comp.id 
_chem_comp.type 
_chem_comp.mon_nstd_flag 
_chem_comp.name 
_chem_comp.pdbx_synonyms 
_chem_comp.formula 
_chem_comp.formula_weight 
ALA 'L-peptide linking' y ALANINE         ?                               'C3 H7 N O2'     89.093  
ARG 'L-peptide linking' y ARGININE        ?                               'C6 H15 N4 O2 1' 175.209 
ASN 'L-peptide linking' y ASPARAGINE      ?                               'C4 H8 N2 O3'    132.118 
ASP 'L-peptide linking' y 'ASPARTIC ACID' ?                               'C4 H7 N O4'     133.103 
CYS 'L-peptide linking' y CYSTEINE        ?                               'C3 H7 N O2 S'   121.158 
GLN 'L-peptide linking' y GLUTAMINE       ?                               'C5 H10 N2 O3'   146.144 
GLU 'L-peptide linking' y 'GLUTAMIC ACID' ?                               'C5 H9 N O4'     147.129 
GLY 'peptide linking'   y GLYCINE         ?                               'C2 H5 N O2'     75.067  
GOL non-polymer         . GLYCEROL        'GLYCERIN; PROPANE-1,2,3-TRIOL' 'C3 H8 O3'       92.094  
HIS 'L-peptide linking' y HISTIDINE       ?                               'C6 H10 N3 O2 1' 156.162 
HOH non-polymer         . WATER           ?                               'H2 O'           18.015  
ILE 'L-peptide linking' y ISOLEUCINE      ?                               'C6 H13 N O2'    131.173 
LEU 'L-peptide linking' y LEUCINE         ?                               'C6 H13 N O2'    131.173 
LYS 'L-peptide linking' y LYSINE          ?                               'C6 H15 N2 O2 1' 147.195 
MET 'L-peptide linking' y METHIONINE      ?                               'C5 H11 N O2 S'  149.211 
PHE 'L-peptide linking' y PHENYLALANINE   ?                               'C9 H11 N O2'    165.189 
PRO 'L-peptide linking' y PROLINE         ?                               'C5 H9 N O2'     115.130 
SER 'L-peptide linking' y SERINE          ?                               'C3 H7 N O3'     105.093 
THR 'L-peptide linking' y THREONINE       ?                               'C4 H9 N O3'     119.119 
TRP 'L-peptide linking' y TRYPTOPHAN      ?                               'C11 H12 N2 O2'  204.225 
TYR 'L-peptide linking' y TYROSINE        ?                               'C9 H11 N O3'    181.189 
VAL 'L-peptide linking' y VALINE          ?                               'C5 H11 N O2'    117.146 
# 
_exptl.absorpt_coefficient_mu     ? 
_exptl.absorpt_correction_T_max   ? 
_exptl.absorpt_correction_T_min   ? 
_exptl.absorpt_correction_type    ? 
_exptl.absorpt_process_details    ? 
_exptl.entry_id                   6EDX 
_exptl.crystals_number            1 
_exptl.details                    ? 
_exptl.method                     'X-RAY DIFFRACTION' 
_exptl.method_details             ? 
# 
_exptl_crystal.colour                      ? 
_exptl_crystal.density_diffrn              ? 
_exptl_crystal.density_Matthews            2.56 
_exptl_crystal.density_method              ? 
_exptl_crystal.density_percent_sol         52.04 
_exptl_crystal.description                 ? 
_exptl_crystal.F_000                       ? 
_exptl_crystal.id                          1 
_exptl_crystal.preparation                 ? 
_exptl_crystal.size_max                    ? 
_exptl_crystal.size_mid                    ? 
_exptl_crystal.size_min                    ? 
_exptl_crystal.size_rad                    ? 
_exptl_crystal.colour_lustre               ? 
_exptl_crystal.colour_modifier             ? 
_exptl_crystal.colour_primary              ? 
_exptl_crystal.density_meas                ? 
_exptl_crystal.density_meas_esd            ? 
_exptl_crystal.density_meas_gt             ? 
_exptl_crystal.density_meas_lt             ? 
_exptl_crystal.density_meas_temp           ? 
_exptl_crystal.density_meas_temp_esd       ? 
_exptl_crystal.density_meas_temp_gt        ? 
_exptl_crystal.density_meas_temp_lt        ? 
_exptl_crystal.pdbx_crystal_image_url      ? 
_exptl_crystal.pdbx_crystal_image_format   ? 
_exptl_crystal.pdbx_mosaicity              ? 
_exptl_crystal.pdbx_mosaicity_esd          ? 
# 
_exptl_crystal_grow.apparatus       ? 
_exptl_crystal_grow.atmosphere      ? 
_exptl_crystal_grow.crystal_id      1 
_exptl_crystal_grow.details         ? 
_exptl_crystal_grow.method          'VAPOR DIFFUSION, HANGING DROP' 
_exptl_crystal_grow.method_ref      ? 
_exptl_crystal_grow.pH              5.0 
_exptl_crystal_grow.pressure        ? 
_exptl_crystal_grow.pressure_esd    ? 
_exptl_crystal_grow.seeding         ? 
_exptl_crystal_grow.seeding_ref     ? 
_exptl_crystal_grow.temp            293 
_exptl_crystal_grow.temp_details    ? 
_exptl_crystal_grow.temp_esd        ? 
_exptl_crystal_grow.time            ? 
_exptl_crystal_grow.pdbx_details    '0.1 M Sodium Citrate, 2M Sodium Malonate (pH 5.0)' 
_exptl_crystal_grow.pdbx_pH_range   ? 
# 
_diffrn.ambient_environment              ? 
_diffrn.ambient_temp                     100 
_diffrn.ambient_temp_details             ? 
_diffrn.ambient_temp_esd                 ? 
_diffrn.crystal_id                       1 
_diffrn.crystal_support                  ? 
_diffrn.crystal_treatment                ? 
_diffrn.details                          ? 
_diffrn.id                               1 
_diffrn.ambient_pressure                 ? 
_diffrn.ambient_pressure_esd             ? 
_diffrn.ambient_pressure_gt              ? 
_diffrn.ambient_pressure_lt              ? 
_diffrn.ambient_temp_gt                  ? 
_diffrn.ambient_temp_lt                  ? 
_diffrn.pdbx_serial_crystal_experiment   ? 
# 
_diffrn_detector.details                      ? 
_diffrn_detector.detector                     PIXEL 
_diffrn_detector.diffrn_id                    1 
_diffrn_detector.type                         'DECTRIS EIGER X 16M' 
_diffrn_detector.area_resol_mean              ? 
_diffrn_detector.dtime                        ? 
_diffrn_detector.pdbx_frames_total            ? 
_diffrn_detector.pdbx_collection_time_total   ? 
_diffrn_detector.pdbx_collection_date         2018-02-07 
_diffrn_detector.pdbx_frequency               ? 
# 
_diffrn_radiation.collimation                      ? 
_diffrn_radiation.diffrn_id                        1 
_diffrn_radiation.filter_edge                      ? 
_diffrn_radiation.inhomogeneity                    ? 
_diffrn_radiation.monochromator                    ? 
_diffrn_radiation.polarisn_norm                    ? 
_diffrn_radiation.polarisn_ratio                   ? 
_diffrn_radiation.probe                            ? 
_diffrn_radiation.type                             ? 
_diffrn_radiation.xray_symbol                      ? 
_diffrn_radiation.wavelength_id                    1 
_diffrn_radiation.pdbx_monochromatic_or_laue_m_l   M 
_diffrn_radiation.pdbx_wavelength_list             ? 
_diffrn_radiation.pdbx_wavelength                  ? 
_diffrn_radiation.pdbx_diffrn_protocol             'SINGLE WAVELENGTH' 
_diffrn_radiation.pdbx_analyzer                    ? 
_diffrn_radiation.pdbx_scattering_type             x-ray 
# 
_diffrn_radiation_wavelength.id           1 
_diffrn_radiation_wavelength.wavelength   0.978 
_diffrn_radiation_wavelength.wt           1.0 
# 
_diffrn_source.current                     ? 
_diffrn_source.details                     ? 
_diffrn_source.diffrn_id                   1 
_diffrn_source.power                       ? 
_diffrn_source.size                        ? 
_diffrn_source.source                      SYNCHROTRON 
_diffrn_source.target                      ? 
_diffrn_source.type                        'AUSTRALIAN SYNCHROTRON BEAMLINE MX2' 
_diffrn_source.voltage                     ? 
_diffrn_source.take-off_angle              ? 
_diffrn_source.pdbx_wavelength_list        0.978 
_diffrn_source.pdbx_wavelength             ? 
_diffrn_source.pdbx_synchrotron_beamline   MX2 
_diffrn_source.pdbx_synchrotron_site       'Australian Synchrotron' 
# 
_reflns.B_iso_Wilson_estimate            ? 
_reflns.entry_id                         6EDX 
_reflns.data_reduction_details           ? 
_reflns.data_reduction_method            ? 
_reflns.d_resolution_high                2.009 
_reflns.d_resolution_low                 42.59 
_reflns.details                          ? 
_reflns.limit_h_max                      ? 
_reflns.limit_h_min                      ? 
_reflns.limit_k_max                      ? 
_reflns.limit_k_min                      ? 
_reflns.limit_l_max                      ? 
_reflns.limit_l_min                      ? 
_reflns.number_all                       ? 
_reflns.number_obs                       9533 
_reflns.observed_criterion               ? 
_reflns.observed_criterion_F_max         ? 
_reflns.observed_criterion_F_min         ? 
_reflns.observed_criterion_I_max         ? 
_reflns.observed_criterion_I_min         ? 
_reflns.observed_criterion_sigma_F       ? 
_reflns.observed_criterion_sigma_I       ? 
_reflns.percent_possible_obs             99.9 
_reflns.R_free_details                   ? 
_reflns.Rmerge_F_all                     ? 
_reflns.Rmerge_F_obs                     ? 
_reflns.Friedel_coverage                 ? 
_reflns.number_gt                        ? 
_reflns.threshold_expression             ? 
_reflns.pdbx_redundancy                  13.3 
_reflns.pdbx_Rmerge_I_obs                0.122 
_reflns.pdbx_Rmerge_I_all                ? 
_reflns.pdbx_Rsym_value                  ? 
_reflns.pdbx_netI_over_av_sigmaI         ? 
_reflns.pdbx_netI_over_sigmaI            13.9 
_reflns.pdbx_res_netI_over_av_sigmaI_2   ? 
_reflns.pdbx_res_netI_over_sigmaI_2      ? 
_reflns.pdbx_chi_squared                 ? 
_reflns.pdbx_scaling_rejects             ? 
_reflns.pdbx_d_res_high_opt              ? 
_reflns.pdbx_d_res_low_opt               ? 
_reflns.pdbx_d_res_opt_method            ? 
_reflns.phase_calculation_details        ? 
_reflns.pdbx_Rrim_I_all                  ? 
_reflns.pdbx_Rpim_I_all                  0.035 
_reflns.pdbx_d_opt                       ? 
_reflns.pdbx_number_measured_all         ? 
_reflns.pdbx_diffrn_id                   1 
_reflns.pdbx_ordinal                     1 
_reflns.pdbx_CC_half                     0.997 
_reflns.pdbx_R_split                     ? 
# 
_reflns_shell.d_res_high                  2.009 
_reflns_shell.d_res_low                   2.06 
_reflns_shell.meanI_over_sigI_all         ? 
_reflns_shell.meanI_over_sigI_obs         9.1 
_reflns_shell.number_measured_all         ? 
_reflns_shell.number_measured_obs         ? 
_reflns_shell.number_possible             ? 
_reflns_shell.number_unique_all           ? 
_reflns_shell.number_unique_obs           682 
_reflns_shell.percent_possible_all        ? 
_reflns_shell.percent_possible_obs        ? 
_reflns_shell.Rmerge_F_all                ? 
_reflns_shell.Rmerge_F_obs                ? 
_reflns_shell.Rmerge_I_all                ? 
_reflns_shell.Rmerge_I_obs                0.181 
_reflns_shell.meanI_over_sigI_gt          ? 
_reflns_shell.meanI_over_uI_all           ? 
_reflns_shell.meanI_over_uI_gt            ? 
_reflns_shell.number_measured_gt          ? 
_reflns_shell.number_unique_gt            ? 
_reflns_shell.percent_possible_gt         ? 
_reflns_shell.Rmerge_F_gt                 ? 
_reflns_shell.Rmerge_I_gt                 ? 
_reflns_shell.pdbx_redundancy             ? 
_reflns_shell.pdbx_Rsym_value             ? 
_reflns_shell.pdbx_chi_squared            ? 
_reflns_shell.pdbx_netI_over_sigmaI_all   ? 
_reflns_shell.pdbx_netI_over_sigmaI_obs   ? 
_reflns_shell.pdbx_Rrim_I_all             ? 
_reflns_shell.pdbx_Rpim_I_all             0.051 
_reflns_shell.pdbx_rejects                ? 
_reflns_shell.pdbx_ordinal                1 
_reflns_shell.pdbx_diffrn_id              1 
_reflns_shell.pdbx_CC_half                0.990 
_reflns_shell.pdbx_R_split                ? 
# 
_refine.aniso_B[1][1]                            ? 
_refine.aniso_B[1][2]                            ? 
_refine.aniso_B[1][3]                            ? 
_refine.aniso_B[2][2]                            ? 
_refine.aniso_B[2][3]                            ? 
_refine.aniso_B[3][3]                            ? 
_refine.B_iso_max                                ? 
_refine.B_iso_mean                               ? 
_refine.B_iso_min                                ? 
_refine.correlation_coeff_Fo_to_Fc               ? 
_refine.correlation_coeff_Fo_to_Fc_free          ? 
_refine.details                                  ? 
_refine.diff_density_max                         ? 
_refine.diff_density_max_esd                     ? 
_refine.diff_density_min                         ? 
_refine.diff_density_min_esd                     ? 
_refine.diff_density_rms                         ? 
_refine.diff_density_rms_esd                     ? 
_refine.entry_id                                 6EDX 
_refine.pdbx_refine_id                           'X-RAY DIFFRACTION' 
_refine.ls_abs_structure_details                 ? 
_refine.ls_abs_structure_Flack                   ? 
_refine.ls_abs_structure_Flack_esd               ? 
_refine.ls_abs_structure_Rogers                  ? 
_refine.ls_abs_structure_Rogers_esd              ? 
_refine.ls_d_res_high                            2.009 
_refine.ls_d_res_low                             42.590 
_refine.ls_extinction_coef                       ? 
_refine.ls_extinction_coef_esd                   ? 
_refine.ls_extinction_expression                 ? 
_refine.ls_extinction_method                     ? 
_refine.ls_goodness_of_fit_all                   ? 
_refine.ls_goodness_of_fit_all_esd               ? 
_refine.ls_goodness_of_fit_obs                   ? 
_refine.ls_goodness_of_fit_obs_esd               ? 
_refine.ls_hydrogen_treatment                    ? 
_refine.ls_matrix_type                           ? 
_refine.ls_number_constraints                    ? 
_refine.ls_number_parameters                     ? 
_refine.ls_number_reflns_all                     ? 
_refine.ls_number_reflns_obs                     9533 
_refine.ls_number_reflns_R_free                  966 
_refine.ls_number_reflns_R_work                  ? 
_refine.ls_number_restraints                     ? 
_refine.ls_percent_reflns_obs                    99.92 
_refine.ls_percent_reflns_R_free                 10.13 
_refine.ls_R_factor_all                          ? 
_refine.ls_R_factor_obs                          0.1907 
_refine.ls_R_factor_R_free                       0.2128 
_refine.ls_R_factor_R_free_error                 ? 
_refine.ls_R_factor_R_free_error_details         ? 
_refine.ls_R_factor_R_work                       0.1870 
_refine.ls_R_Fsqd_factor_obs                     ? 
_refine.ls_R_I_factor_obs                        ? 
_refine.ls_redundancy_reflns_all                 ? 
_refine.ls_redundancy_reflns_obs                 ? 
_refine.ls_restrained_S_all                      ? 
_refine.ls_restrained_S_obs                      ? 
_refine.ls_shift_over_esd_max                    ? 
_refine.ls_shift_over_esd_mean                   ? 
_refine.ls_structure_factor_coef                 ? 
_refine.ls_weighting_details                     ? 
_refine.ls_weighting_scheme                      ? 
_refine.ls_wR_factor_all                         ? 
_refine.ls_wR_factor_obs                         ? 
_refine.ls_wR_factor_R_free                      ? 
_refine.ls_wR_factor_R_work                      ? 
_refine.occupancy_max                            ? 
_refine.occupancy_min                            ? 
_refine.solvent_model_details                    ? 
_refine.solvent_model_param_bsol                 ? 
_refine.solvent_model_param_ksol                 ? 
_refine.ls_R_factor_gt                           ? 
_refine.ls_goodness_of_fit_gt                    ? 
_refine.ls_goodness_of_fit_ref                   ? 
_refine.ls_shift_over_su_max                     ? 
_refine.ls_shift_over_su_max_lt                  ? 
_refine.ls_shift_over_su_mean                    ? 
_refine.ls_shift_over_su_mean_lt                 ? 
_refine.pdbx_ls_sigma_I                          ? 
_refine.pdbx_ls_sigma_F                          1.55 
_refine.pdbx_ls_sigma_Fsqd                       ? 
_refine.pdbx_data_cutoff_high_absF               ? 
_refine.pdbx_data_cutoff_high_rms_absF           ? 
_refine.pdbx_data_cutoff_low_absF                ? 
_refine.pdbx_isotropic_thermal_model             ? 
_refine.pdbx_ls_cross_valid_method               'FREE R-VALUE' 
_refine.pdbx_method_to_determine_struct          'MOLECULAR REPLACEMENT' 
_refine.pdbx_starting_model                      1XTE 
_refine.pdbx_stereochemistry_target_values       ? 
_refine.pdbx_R_Free_selection_details            ? 
_refine.pdbx_stereochem_target_val_spec_case     ? 
_refine.pdbx_overall_ESU_R                       ? 
_refine.pdbx_overall_ESU_R_Free                  ? 
_refine.pdbx_solvent_vdw_probe_radii             1.11 
_refine.pdbx_solvent_ion_probe_radii             ? 
_refine.pdbx_solvent_shrinkage_radii             0.90 
_refine.pdbx_real_space_R                        ? 
_refine.pdbx_density_correlation                 ? 
_refine.pdbx_pd_number_of_powder_patterns        ? 
_refine.pdbx_pd_number_of_points                 ? 
_refine.pdbx_pd_meas_number_of_points            ? 
_refine.pdbx_pd_proc_ls_prof_R_factor            ? 
_refine.pdbx_pd_proc_ls_prof_wR_factor           ? 
_refine.pdbx_pd_Marquardt_correlation_coeff      ? 
_refine.pdbx_pd_Fsqrd_R_factor                   ? 
_refine.pdbx_pd_ls_matrix_band_width             ? 
_refine.pdbx_overall_phase_error                 26.60 
_refine.pdbx_overall_SU_R_free_Cruickshank_DPI   ? 
_refine.pdbx_overall_SU_R_free_Blow_DPI          ? 
_refine.pdbx_overall_SU_R_Blow_DPI               ? 
_refine.pdbx_TLS_residual_ADP_flag               ? 
_refine.pdbx_diffrn_id                           1 
_refine.overall_SU_B                             ? 
_refine.overall_SU_ML                            ? 
_refine.overall_SU_R_Cruickshank_DPI             ? 
_refine.overall_SU_R_free                        ? 
_refine.overall_FOM_free_R_set                   ? 
_refine.overall_FOM_work_R_set                   ? 
_refine.pdbx_average_fsc_overall                 ? 
_refine.pdbx_average_fsc_work                    ? 
_refine.pdbx_average_fsc_free                    ? 
# 
_refine_hist.pdbx_refine_id                   'X-RAY DIFFRACTION' 
_refine_hist.cycle_id                         LAST 
_refine_hist.pdbx_number_atoms_protein        952 
_refine_hist.pdbx_number_atoms_nucleic_acid   0 
_refine_hist.pdbx_number_atoms_ligand         6 
_refine_hist.number_atoms_solvent             21 
_refine_hist.number_atoms_total               979 
_refine_hist.d_res_high                       2.009 
_refine_hist.d_res_low                        42.590 
# 
loop_
_refine_ls_restr.pdbx_refine_id 
_refine_ls_restr.criterion 
_refine_ls_restr.dev_ideal 
_refine_ls_restr.dev_ideal_target 
_refine_ls_restr.number 
_refine_ls_restr.rejects 
_refine_ls_restr.type 
_refine_ls_restr.weight 
_refine_ls_restr.pdbx_restraint_function 
'X-RAY DIFFRACTION' ? 0.008  ? 988  ? f_bond_d           ? ? 
'X-RAY DIFFRACTION' ? 0.980  ? 1328 ? f_angle_d          ? ? 
'X-RAY DIFFRACTION' ? 15.963 ? 381  ? f_dihedral_angle_d ? ? 
'X-RAY DIFFRACTION' ? 0.044  ? 134  ? f_chiral_restr     ? ? 
'X-RAY DIFFRACTION' ? 0.006  ? 172  ? f_plane_restr      ? ? 
# 
loop_
_refine_ls_shell.pdbx_refine_id 
_refine_ls_shell.d_res_high 
_refine_ls_shell.d_res_low 
_refine_ls_shell.number_reflns_all 
_refine_ls_shell.number_reflns_obs 
_refine_ls_shell.number_reflns_R_free 
_refine_ls_shell.number_reflns_R_work 
_refine_ls_shell.percent_reflns_obs 
_refine_ls_shell.percent_reflns_R_free 
_refine_ls_shell.R_factor_all 
_refine_ls_shell.R_factor_obs 
_refine_ls_shell.R_factor_R_free 
_refine_ls_shell.R_factor_R_free_error 
_refine_ls_shell.R_factor_R_work 
_refine_ls_shell.redundancy_reflns_all 
_refine_ls_shell.redundancy_reflns_obs 
_refine_ls_shell.wR_factor_all 
_refine_ls_shell.wR_factor_obs 
_refine_ls_shell.wR_factor_R_free 
_refine_ls_shell.wR_factor_R_work 
_refine_ls_shell.pdbx_total_number_of_bins_used 
_refine_ls_shell.pdbx_phase_error 
_refine_ls_shell.pdbx_fsc_work 
_refine_ls_shell.pdbx_fsc_free 
'X-RAY DIFFRACTION' 2.0109 2.1169  . . 140 1193 89.00 . . . 0.2626 . 0.2477 . . . . . . . . . . 
'X-RAY DIFFRACTION' 2.1169 2.2494  . . 136 1231 90.00 . . . 0.2466 . 0.2552 . . . . . . . . . . 
'X-RAY DIFFRACTION' 2.2494 2.4230  . . 134 1213 90.00 . . . 0.2579 . 0.2333 . . . . . . . . . . 
'X-RAY DIFFRACTION' 2.4230 2.6666  . . 137 1225 90.00 . . . 0.2361 . 0.2372 . . . . . . . . . . 
'X-RAY DIFFRACTION' 2.6666 3.0520  . . 136 1208 90.00 . . . 0.2226 . 0.2145 . . . . . . . . . . 
'X-RAY DIFFRACTION' 3.0520 3.8432  . . 140 1223 90.00 . . . 0.2274 . 0.1684 . . . . . . . . . . 
'X-RAY DIFFRACTION' 3.8432 26.2850 . . 143 1256 90.00 . . . 0.1683 . 0.1337 . . . . . . . . . . 
# 
_struct.entry_id                     6EDX 
_struct.title                        'Crystal Structure of SGK3 PX domain' 
_struct.pdbx_model_details           ? 
_struct.pdbx_formula_weight          ? 
_struct.pdbx_formula_weight_method   ? 
_struct.pdbx_model_type_details      ? 
_struct.pdbx_CASP_flag               N 
# 
_struct_keywords.entry_id        6EDX 
_struct_keywords.text            'PX domain, endosome, trafficking, sorting nexin, TRANSFERASE' 
_struct_keywords.pdbx_keywords   TRANSFERASE 
# 
loop_
_struct_asym.id 
_struct_asym.pdbx_blank_PDB_chainid_flag 
_struct_asym.pdbx_modified 
_struct_asym.entity_id 
_struct_asym.details 
A N N 1 ? 
B N N 2 ? 
C N N 3 ? 
# 
loop_
_struct_conf.conf_type_id 
_struct_conf.id 
_struct_conf.pdbx_PDB_helix_id 
_struct_conf.beg_label_comp_id 
_struct_conf.beg_label_asym_id 
_struct_conf.beg_label_seq_id 
_struct_conf.pdbx_beg_PDB_ins_code 
_struct_conf.end_label_comp_id 
_struct_conf.end_label_asym_id 
_struct_conf.end_label_seq_id 
_struct_conf.pdbx_end_PDB_ins_code 
_struct_conf.beg_auth_comp_id 
_struct_conf.beg_auth_asym_id 
_struct_conf.beg_auth_seq_id 
_struct_conf.end_auth_comp_id 
_struct_conf.end_auth_asym_id 
_struct_conf.end_auth_seq_id 
_struct_conf.pdbx_PDB_helix_class 
_struct_conf.details 
_struct_conf.pdbx_PDB_helix_length 
HELX_P HELX_P1 AA1 ARG A 43  ? PHE A 58  ? ARG A 44  PHE A 59  1 ? 16 
HELX_P HELX_P2 AA2 PRO A 59  ? ALA A 62  ? PRO A 60  ALA A 63  5 ? 4  
HELX_P HELX_P3 AA3 ASP A 76  ? VAL A 95  ? ASP A 77  VAL A 96  1 ? 20 
HELX_P HELX_P4 AA4 TYR A 97  ? ASN A 102 ? TYR A 98  ASN A 103 1 ? 6  
HELX_P HELX_P5 AA5 HIS A 103 ? LEU A 110 ? HIS A 104 LEU A 111 1 ? 8  
HELX_P HELX_P6 AA6 SER A 114 ? GLN A 118 ? SER A 115 GLN A 119 5 ? 5  
# 
_struct_conf_type.id          HELX_P 
_struct_conf_type.criteria    ? 
_struct_conf_type.reference   ? 
# 
_struct_sheet.id               AA1 
_struct_sheet.type             ? 
_struct_sheet.number_strands   3 
_struct_sheet.details          ? 
# 
loop_
_struct_sheet_order.sheet_id 
_struct_sheet_order.range_id_1 
_struct_sheet_order.range_id_2 
_struct_sheet_order.offset 
_struct_sheet_order.sense 
AA1 1 2 ? anti-parallel 
AA1 2 3 ? anti-parallel 
# 
loop_
_struct_sheet_range.sheet_id 
_struct_sheet_range.id 
_struct_sheet_range.beg_label_comp_id 
_struct_sheet_range.beg_label_asym_id 
_struct_sheet_range.beg_label_seq_id 
_struct_sheet_range.pdbx_beg_PDB_ins_code 
_struct_sheet_range.end_label_comp_id 
_struct_sheet_range.end_label_asym_id 
_struct_sheet_range.end_label_seq_id 
_struct_sheet_range.pdbx_end_PDB_ins_code 
_struct_sheet_range.beg_auth_comp_id 
_struct_sheet_range.beg_auth_asym_id 
_struct_sheet_range.beg_auth_seq_id 
_struct_sheet_range.end_auth_comp_id 
_struct_sheet_range.end_auth_asym_id 
_struct_sheet_range.end_auth_seq_id 
AA1 1 SER A 8  ? GLU A 19 ? SER A 9  GLU A 20 
AA1 2 LYS A 22 ? VAL A 33 ? LYS A 23 VAL A 34 
AA1 3 SER A 36 ? ARG A 42 ? SER A 37 ARG A 43 
# 
loop_
_pdbx_struct_sheet_hbond.sheet_id 
_pdbx_struct_sheet_hbond.range_id_1 
_pdbx_struct_sheet_hbond.range_id_2 
_pdbx_struct_sheet_hbond.range_1_label_atom_id 
_pdbx_struct_sheet_hbond.range_1_label_comp_id 
_pdbx_struct_sheet_hbond.range_1_label_asym_id 
_pdbx_struct_sheet_hbond.range_1_label_seq_id 
_pdbx_struct_sheet_hbond.range_1_PDB_ins_code 
_pdbx_struct_sheet_hbond.range_1_auth_atom_id 
_pdbx_struct_sheet_hbond.range_1_auth_comp_id 
_pdbx_struct_sheet_hbond.range_1_auth_asym_id 
_pdbx_struct_sheet_hbond.range_1_auth_seq_id 
_pdbx_struct_sheet_hbond.range_2_label_atom_id 
_pdbx_struct_sheet_hbond.range_2_label_comp_id 
_pdbx_struct_sheet_hbond.range_2_label_asym_id 
_pdbx_struct_sheet_hbond.range_2_label_seq_id 
_pdbx_struct_sheet_hbond.range_2_PDB_ins_code 
_pdbx_struct_sheet_hbond.range_2_auth_atom_id 
_pdbx_struct_sheet_hbond.range_2_auth_comp_id 
_pdbx_struct_sheet_hbond.range_2_auth_asym_id 
_pdbx_struct_sheet_hbond.range_2_auth_seq_id 
AA1 1 2 N ASP A 15 ? N ASP A 16 O VAL A 26 ? O VAL A 27 
AA1 2 3 N VAL A 29 ? N VAL A 30 O VAL A 40 ? O VAL A 41 
# 
_struct_site.id                   AC1 
_struct_site.pdbx_evidence_code   Software 
_struct_site.pdbx_auth_asym_id    A 
_struct_site.pdbx_auth_comp_id    GOL 
_struct_site.pdbx_auth_seq_id     201 
_struct_site.pdbx_auth_ins_code   ? 
_struct_site.pdbx_num_residues    7 
_struct_site.details              'binding site for residue GOL A 201' 
# 
loop_
_struct_site_gen.id 
_struct_site_gen.site_id 
_struct_site_gen.pdbx_num_res 
_struct_site_gen.label_comp_id 
_struct_site_gen.label_asym_id 
_struct_site_gen.label_seq_id 
_struct_site_gen.pdbx_auth_ins_code 
_struct_site_gen.auth_comp_id 
_struct_site_gen.auth_asym_id 
_struct_site_gen.auth_seq_id 
_struct_site_gen.label_atom_id 
_struct_site_gen.label_alt_id 
_struct_site_gen.symmetry 
_struct_site_gen.details 
1 AC1 7 SER A 14 ? SER A 15  . ? 1_555 ? 
2 AC1 7 PRO A 77 ? PRO A 78  . ? 1_555 ? 
3 AC1 7 ILE A 80 ? ILE A 81  . ? 1_555 ? 
4 AC1 7 LYS A 81 ? LYS A 82  . ? 1_555 ? 
5 AC1 7 ARG A 84 ? ARG A 85  . ? 1_555 ? 
6 AC1 7 HOH C .  ? HOH A 302 . ? 1_555 ? 
7 AC1 7 HOH C .  ? HOH A 312 . ? 1_555 ? 
# 
_atom_sites.entry_id                    6EDX 
_atom_sites.fract_transf_matrix[1][1]   0.00702195 
_atom_sites.fract_transf_matrix[1][2]   -0.01071088 
_atom_sites.fract_transf_matrix[1][3]   0.00411408 
_atom_sites.fract_transf_matrix[2][1]   -0.00612528 
_atom_sites.fract_transf_matrix[2][2]   0.00057916 
_atom_sites.fract_transf_matrix[2][3]   0.01196252 
_atom_sites.fract_transf_matrix[3][1]   -0.01387942 
_atom_sites.fract_transf_matrix[3][2]   -0.01161300 
_atom_sites.fract_transf_matrix[3][3]   -0.00654458 
_atom_sites.fract_transf_vector[1]      -0.246095 
_atom_sites.fract_transf_vector[2]      0.132025 
_atom_sites.fract_transf_vector[3]      -0.353807 
# 
loop_
_atom_type.symbol 
C 
N 
O 
S 
# 
loop_
_atom_site.group_PDB 
_atom_site.id 
_atom_site.type_symbol 
_atom_site.label_atom_id 
_atom_site.label_alt_id 
_atom_site.label_comp_id 
_atom_site.label_asym_id 
_atom_site.label_entity_id 
_atom_site.label_seq_id 
_atom_site.pdbx_PDB_ins_code 
_atom_site.Cartn_x 
_atom_site.Cartn_y 
_atom_site.Cartn_z 
_atom_site.occupancy 
_atom_site.B_iso_or_equiv 
_atom_site.pdbx_formal_charge 
_atom_site.auth_seq_id 
_atom_site.auth_comp_id 
_atom_site.auth_asym_id 
_atom_site.auth_atom_id 
_atom_site.pdbx_PDB_model_num 
ATOM   1   N N   . SER A 1 5   ? 5.179   -0.518  19.013  1.00 46.83 ? 6   SER A N   1 
ATOM   2   C CA  . SER A 1 5   ? 6.457   -0.746  18.357  1.00 49.69 ? 6   SER A CA  1 
ATOM   3   C C   . SER A 1 5   ? 6.515   -0.070  16.986  1.00 48.34 ? 6   SER A C   1 
ATOM   4   O O   . SER A 1 5   ? 5.532   0.528   16.532  1.00 44.59 ? 6   SER A O   1 
ATOM   5   C CB  . SER A 1 5   ? 6.716   -2.250  18.216  1.00 48.82 ? 6   SER A CB  1 
ATOM   6   O OG  . SER A 1 5   ? 6.812   -2.865  19.488  1.00 52.79 ? 6   SER A OG  1 
ATOM   7   N N   . CYS A 1 6   ? 7.682   -0.149  16.347  1.00 47.57 ? 7   CYS A N   1 
ATOM   8   C CA  . CYS A 1 6   ? 7.836   0.257   14.955  1.00 38.63 ? 7   CYS A CA  1 
ATOM   9   C C   . CYS A 1 6   ? 7.142   -0.765  14.051  1.00 38.95 ? 7   CYS A C   1 
ATOM   10  O O   . CYS A 1 6   ? 7.540   -1.933  14.009  1.00 38.43 ? 7   CYS A O   1 
ATOM   11  C CB  . CYS A 1 6   ? 9.314   0.385   14.590  1.00 36.10 ? 7   CYS A CB  1 
ATOM   12  S SG  . CYS A 1 6   ? 9.612   0.656   12.831  1.00 46.33 ? 7   CYS A SG  1 
ATOM   13  N N   . PRO A 1 7   ? 6.094   -0.328  13.330  1.00 34.67 ? 8   PRO A N   1 
ATOM   14  C CA  . PRO A 1 7   ? 5.236   -1.220  12.546  1.00 28.41 ? 8   PRO A CA  1 
ATOM   15  C C   . PRO A 1 7   ? 5.981   -2.010  11.485  1.00 26.41 ? 8   PRO A C   1 
ATOM   16  O O   . PRO A 1 7   ? 6.973   -1.530  10.938  1.00 28.16 ? 8   PRO A O   1 
ATOM   17  C CB  . PRO A 1 7   ? 4.240   -0.253  11.896  1.00 26.63 ? 8   PRO A CB  1 
ATOM   18  C CG  . PRO A 1 7   ? 4.910   1.067   11.926  1.00 26.29 ? 8   PRO A CG  1 
ATOM   19  C CD  . PRO A 1 7   ? 5.684   1.077   13.191  1.00 29.99 ? 8   PRO A CD  1 
ATOM   20  N N   . SER A 1 8   ? 5.504   -3.220  11.214  1.00 23.37 ? 9   SER A N   1 
ATOM   21  C CA  . SER A 1 8   ? 5.987   -3.988  10.078  1.00 23.01 ? 9   SER A CA  1 
ATOM   22  C C   . SER A 1 8   ? 4.827   -4.350  9.148   1.00 20.22 ? 9   SER A C   1 
ATOM   23  O O   . SER A 1 8   ? 3.705   -4.596  9.580   1.00 18.33 ? 9   SER A O   1 
ATOM   24  C CB  . SER A 1 8   ? 6.744   -5.239  10.545  1.00 23.85 ? 9   SER A CB  1 
ATOM   25  O OG  . SER A 1 8   ? 6.152   -5.791  11.704  1.00 28.26 ? 9   SER A OG  1 
ATOM   26  N N   . VAL A 1 9   ? 5.115   -4.343  7.855   1.00 19.03 ? 10  VAL A N   1 
ATOM   27  C CA  . VAL A 1 9   ? 4.102   -4.566  6.845   1.00 17.64 ? 10  VAL A CA  1 
ATOM   28  C C   . VAL A 1 9   ? 4.617   -5.520  5.761   1.00 18.98 ? 10  VAL A C   1 
ATOM   29  O O   . VAL A 1 9   ? 5.819   -5.623  5.520   1.00 18.98 ? 10  VAL A O   1 
ATOM   30  C CB  . VAL A 1 9   ? 3.652   -3.229  6.187   1.00 16.38 ? 10  VAL A CB  1 
ATOM   31  C CG1 . VAL A 1 9   ? 3.029   -2.300  7.207   1.00 15.90 ? 10  VAL A CG1 1 
ATOM   32  C CG2 . VAL A 1 9   ? 4.820   -2.544  5.510   1.00 19.15 ? 10  VAL A CG2 1 
ATOM   33  N N   . SER A 1 10  ? 3.702   -6.232  5.117   1.00 17.95 ? 11  SER A N   1 
ATOM   34  C CA  . SER A 1 10  ? 4.046   -6.936  3.894   1.00 17.75 ? 11  SER A CA  1 
ATOM   35  C C   . SER A 1 10  ? 2.835   -6.992  2.976   1.00 15.93 ? 11  SER A C   1 
ATOM   36  O O   . SER A 1 10  ? 1.709   -6.791  3.409   1.00 15.38 ? 11  SER A O   1 
ATOM   37  C CB  . SER A 1 10  ? 4.570   -8.344  4.190   1.00 17.99 ? 11  SER A CB  1 
ATOM   38  O OG  . SER A 1 10  ? 3.555   -9.192  4.693   1.00 18.65 ? 11  SER A OG  1 
ATOM   39  N N   . ILE A 1 11  ? 3.088   -7.235  1.698   1.00 16.67 ? 12  ILE A N   1 
ATOM   40  C CA  . ILE A 1 11  ? 2.032   -7.449  0.729   1.00 16.34 ? 12  ILE A CA  1 
ATOM   41  C C   . ILE A 1 11  ? 2.246   -8.804  0.079   1.00 15.88 ? 12  ILE A C   1 
ATOM   42  O O   . ILE A 1 11  ? 2.876   -8.894  -0.971  1.00 14.98 ? 12  ILE A O   1 
ATOM   43  C CB  . ILE A 1 11  ? 2.008   -6.353  -0.332  1.00 16.90 ? 12  ILE A CB  1 
ATOM   44  C CG1 . ILE A 1 11  ? 2.101   -4.979  0.333   1.00 15.62 ? 12  ILE A CG1 1 
ATOM   45  C CG2 . ILE A 1 11  ? 0.758   -6.471  -1.189  1.00 15.32 ? 12  ILE A CG2 1 
ATOM   46  C CD1 . ILE A 1 11  ? 1.968   -3.826  -0.626  1.00 14.88 ? 12  ILE A CD1 1 
ATOM   47  N N   . PRO A 1 12  ? 1.728   -9.866  0.726   1.00 16.41 ? 13  PRO A N   1 
ATOM   48  C CA  . PRO A 1 12  ? 1.912   -11.278 0.358   1.00 17.48 ? 13  PRO A CA  1 
ATOM   49  C C   . PRO A 1 12  ? 1.183   -11.729 -0.907  1.00 17.83 ? 13  PRO A C   1 
ATOM   50  O O   . PRO A 1 12  ? 1.676   -12.617 -1.586  1.00 17.98 ? 13  PRO A O   1 
ATOM   51  C CB  . PRO A 1 12  ? 1.358   -12.025 1.576   1.00 17.37 ? 13  PRO A CB  1 
ATOM   52  C CG  . PRO A 1 12  ? 0.387   -11.084 2.176   1.00 16.57 ? 13  PRO A CG  1 
ATOM   53  C CD  . PRO A 1 12  ? 0.973   -9.730  1.983   1.00 15.63 ? 13  PRO A CD  1 
ATOM   54  N N   . SER A 1 13  ? 0.041   -11.132 -1.221  1.00 16.64 ? 14  SER A N   1 
ATOM   55  C CA  . SER A 1 13  ? -0.722  -11.561 -2.375  1.00 16.19 ? 14  SER A CA  1 
ATOM   56  C C   . SER A 1 13  ? -1.651  -10.487 -2.899  1.00 17.26 ? 14  SER A C   1 
ATOM   57  O O   . SER A 1 13  ? -1.801  -9.439  -2.299  1.00 16.67 ? 14  SER A O   1 
ATOM   58  C CB  . SER A 1 13  ? -1.532  -12.806 -2.026  1.00 19.29 ? 14  SER A CB  1 
ATOM   59  O OG  . SER A 1 13  ? -2.437  -12.548 -0.966  1.00 19.74 ? 14  SER A OG  1 
ATOM   60  N N   . SER A 1 14  ? -2.277  -10.760 -4.034  1.00 18.98 ? 15  SER A N   1 
ATOM   61  C CA  . SER A 1 14  ? -3.340  -9.905  -4.523  1.00 19.89 ? 15  SER A CA  1 
ATOM   62  C C   . SER A 1 14  ? -4.493  -10.757 -5.042  1.00 19.63 ? 15  SER A C   1 
ATOM   63  O O   . SER A 1 14  ? -4.339  -11.955 -5.291  1.00 18.61 ? 15  SER A O   1 
ATOM   64  C CB  . SER A 1 14  ? -2.830  -8.970  -5.612  1.00 17.77 ? 15  SER A CB  1 
ATOM   65  O OG  . SER A 1 14  ? -2.490  -9.687  -6.778  1.00 20.16 ? 15  SER A OG  1 
ATOM   66  N N   . ASP A 1 15  ? -5.651  -10.132 -5.209  1.00 19.21 ? 16  ASP A N   1 
ATOM   67  C CA  . ASP A 1 15  ? -6.820  -10.842 -5.688  1.00 21.65 ? 16  ASP A CA  1 
ATOM   68  C C   . ASP A 1 15  ? -7.551  -10.034 -6.745  1.00 22.34 ? 16  ASP A C   1 
ATOM   69  O O   . ASP A 1 15  ? -7.642  -8.814  -6.650  1.00 21.43 ? 16  ASP A O   1 
ATOM   70  C CB  . ASP A 1 15  ? -7.743  -11.166 -4.516  1.00 23.09 ? 16  ASP A CB  1 
ATOM   71  C CG  . ASP A 1 15  ? -7.109  -12.140 -3.525  1.00 28.66 ? 16  ASP A CG  1 
ATOM   72  O OD1 . ASP A 1 15  ? -7.423  -13.342 -3.601  1.00 33.64 ? 16  ASP A OD1 1 
ATOM   73  O OD2 . ASP A 1 15  ? -6.272  -11.718 -2.695  1.00 25.69 ? 16  ASP A OD2 1 
ATOM   74  N N   . GLU A 1 16  ? -8.050  -10.719 -7.766  1.00 22.37 ? 17  GLU A N   1 
ATOM   75  C CA  . GLU A 1 16  ? -8.850  -10.055 -8.779  1.00 25.44 ? 17  GLU A CA  1 
ATOM   76  C C   . GLU A 1 16  ? -10.332 -10.084 -8.443  1.00 28.22 ? 17  GLU A C   1 
ATOM   77  O O   . GLU A 1 16  ? -10.893 -11.134 -8.145  1.00 29.92 ? 17  GLU A O   1 
ATOM   78  C CB  . GLU A 1 16  ? -8.652  -10.687 -10.149 1.00 28.98 ? 17  GLU A CB  1 
ATOM   79  C CG  . GLU A 1 16  ? -9.361  -9.894  -11.244 1.00 34.10 ? 17  GLU A CG  1 
ATOM   80  C CD  . GLU A 1 16  ? -9.392  -10.606 -12.576 1.00 41.69 ? 17  GLU A CD  1 
ATOM   81  O OE1 . GLU A 1 16  ? -10.163 -11.582 -12.704 1.00 45.12 ? 17  GLU A OE1 1 
ATOM   82  O OE2 . GLU A 1 16  ? -8.660  -10.184 -13.497 1.00 41.92 ? 17  GLU A OE2 1 
ATOM   83  N N   . HIS A 1 17  ? -10.964 -8.918  -8.490  1.00 28.42 ? 18  HIS A N   1 
ATOM   84  C CA  . HIS A 1 17  ? -12.410 -8.837  -8.392  1.00 33.02 ? 18  HIS A CA  1 
ATOM   85  C C   . HIS A 1 17  ? -12.965 -8.330  -9.713  1.00 36.80 ? 18  HIS A C   1 
ATOM   86  O O   . HIS A 1 17  ? -12.288 -7.622  -10.443 1.00 36.55 ? 18  HIS A O   1 
ATOM   87  C CB  . HIS A 1 17  ? -12.862 -7.902  -7.270  1.00 32.43 ? 18  HIS A CB  1 
ATOM   88  C CG  . HIS A 1 17  ? -12.313 -8.235  -5.917  1.00 30.73 ? 18  HIS A CG  1 
ATOM   89  N ND1 . HIS A 1 17  ? -11.622 -9.399  -5.649  1.00 30.61 ? 18  HIS A ND1 1 
ATOM   90  C CD2 . HIS A 1 17  ? -12.359 -7.550  -4.748  1.00 30.67 ? 18  HIS A CD2 1 
ATOM   91  C CE1 . HIS A 1 17  ? -11.261 -9.411  -4.379  1.00 29.78 ? 18  HIS A CE1 1 
ATOM   92  N NE2 . HIS A 1 17  ? -11.694 -8.300  -3.810  1.00 31.36 ? 18  HIS A NE2 1 
ATOM   93  N N   . ARG A 1 18  ? -14.199 -8.699  -10.023 1.00 40.91 ? 19  ARG A N   1 
ATOM   94  C CA  . ARG A 1 18  ? -14.888 -8.115  -11.161 1.00 46.14 ? 19  ARG A CA  1 
ATOM   95  C C   . ARG A 1 18  ? -16.291 -7.663  -10.785 1.00 50.98 ? 19  ARG A C   1 
ATOM   96  O O   . ARG A 1 18  ? -16.942 -8.259  -9.927  1.00 51.16 ? 19  ARG A O   1 
ATOM   97  C CB  . ARG A 1 18  ? -14.967 -9.098  -12.340 1.00 48.79 ? 19  ARG A CB  1 
ATOM   98  C CG  . ARG A 1 18  ? -13.890 -10.157 -12.393 1.00 51.36 ? 19  ARG A CG  1 
ATOM   99  C CD  . ARG A 1 18  ? -14.004 -10.969 -13.682 1.00 59.77 ? 19  ARG A CD  1 
ATOM   100 N NE  . ARG A 1 18  ? -12.799 -11.761 -13.942 1.00 67.04 ? 19  ARG A NE  1 
ATOM   101 C CZ  . ARG A 1 18  ? -12.164 -11.804 -15.113 1.00 68.12 ? 19  ARG A CZ  1 
ATOM   102 N NH1 . ARG A 1 18  ? -12.607 -11.090 -16.144 1.00 68.96 ? 19  ARG A NH1 1 
ATOM   103 N NH2 . ARG A 1 18  ? -11.075 -12.552 -15.255 1.00 62.43 ? 19  ARG A NH2 1 
ATOM   104 N N   . GLU A 1 19  ? -16.734 -6.587  -11.423 1.00 53.30 ? 20  GLU A N   1 
ATOM   105 C CA  . GLU A 1 19  ? -18.154 -6.293  -11.529 1.00 56.16 ? 20  GLU A CA  1 
ATOM   106 C C   . GLU A 1 19  ? -18.455 -6.287  -13.017 1.00 59.70 ? 20  GLU A C   1 
ATOM   107 O O   . GLU A 1 19  ? -17.691 -6.866  -13.779 1.00 63.40 ? 20  GLU A O   1 
ATOM   108 C CB  . GLU A 1 19  ? -18.504 -4.973  -10.847 1.00 54.55 ? 20  GLU A CB  1 
ATOM   109 C CG  . GLU A 1 19  ? -17.827 -4.802  -9.494  1.00 52.09 ? 20  GLU A CG  1 
ATOM   110 C CD  . GLU A 1 19  ? -18.237 -3.528  -8.773  1.00 46.67 ? 20  GLU A CD  1 
ATOM   111 O OE1 . GLU A 1 19  ? -18.851 -2.650  -9.410  1.00 44.65 ? 20  GLU A OE1 1 
ATOM   112 O OE2 . GLU A 1 19  ? -17.951 -3.404  -7.562  1.00 47.56 ? 20  GLU A OE2 1 
ATOM   113 N N   . LYS A 1 20  ? -19.537 -5.651  -13.447 1.00 63.13 ? 21  LYS A N   1 
ATOM   114 C CA  . LYS A 1 20  ? -19.874 -5.685  -14.872 1.00 65.21 ? 21  LYS A CA  1 
ATOM   115 C C   . LYS A 1 20  ? -18.928 -4.845  -15.721 1.00 68.81 ? 21  LYS A C   1 
ATOM   116 O O   . LYS A 1 20  ? -18.651 -3.686  -15.394 1.00 69.06 ? 21  LYS A O   1 
ATOM   117 C CB  . LYS A 1 20  ? -21.307 -5.212  -15.110 1.00 61.21 ? 21  LYS A CB  1 
ATOM   118 C CG  . LYS A 1 20  ? -22.375 -6.036  -14.422 1.00 60.41 ? 21  LYS A CG  1 
ATOM   119 C CD  . LYS A 1 20  ? -23.749 -5.408  -14.622 1.00 51.00 ? 21  LYS A CD  1 
ATOM   120 C CE  . LYS A 1 20  ? -23.634 -3.958  -15.081 1.00 50.58 ? 21  LYS A CE  1 
ATOM   121 N NZ  . LYS A 1 20  ? -24.953 -3.380  -15.436 1.00 48.69 ? 21  LYS A NZ  1 
ATOM   122 N N   . LYS A 1 21  ? -18.449 -5.449  -16.811 1.00 67.59 ? 22  LYS A N   1 
ATOM   123 C CA  . LYS A 1 21  ? -17.558 -4.791  -17.765 1.00 72.88 ? 22  LYS A CA  1 
ATOM   124 C C   . LYS A 1 21  ? -16.340 -4.184  -17.054 1.00 73.47 ? 22  LYS A C   1 
ATOM   125 O O   . LYS A 1 21  ? -15.826 -3.136  -17.463 1.00 73.80 ? 22  LYS A O   1 
ATOM   126 C CB  . LYS A 1 21  ? -18.323 -3.704  -18.540 1.00 76.43 ? 22  LYS A CB  1 
ATOM   127 C CG  . LYS A 1 21  ? -17.879 -3.501  -19.993 1.00 83.42 ? 22  LYS A CG  1 
ATOM   128 C CD  . LYS A 1 21  ? -18.979 -3.899  -20.977 1.00 81.58 ? 22  LYS A CD  1 
ATOM   129 C CE  . LYS A 1 21  ? -18.900 -3.069  -22.248 1.00 77.03 ? 22  LYS A CE  1 
ATOM   130 N NZ  . LYS A 1 21  ? -20.157 -3.137  -23.037 1.00 81.94 ? 22  LYS A NZ  1 
ATOM   131 N N   . LYS A 1 22  ? -15.887 -4.835  -15.984 1.00 66.99 ? 23  LYS A N   1 
ATOM   132 C CA  . LYS A 1 22  ? -14.907 -4.219  -15.089 1.00 59.86 ? 23  LYS A CA  1 
ATOM   133 C C   . LYS A 1 22  ? -14.195 -5.228  -14.200 1.00 55.02 ? 23  LYS A C   1 
ATOM   134 O O   . LYS A 1 22  ? -14.788 -6.210  -13.741 1.00 53.89 ? 23  LYS A O   1 
ATOM   135 C CB  . LYS A 1 22  ? -15.585 -3.164  -14.212 1.00 59.74 ? 23  LYS A CB  1 
ATOM   136 C CG  . LYS A 1 22  ? -15.156 -3.162  -12.758 1.00 56.04 ? 23  LYS A CG  1 
ATOM   137 C CD  . LYS A 1 22  ? -16.075 -2.306  -11.902 1.00 55.85 ? 23  LYS A CD  1 
ATOM   138 C CE  . LYS A 1 22  ? -15.555 -2.261  -10.457 1.00 50.34 ? 23  LYS A CE  1 
ATOM   139 N NZ  . LYS A 1 22  ? -14.177 -1.633  -10.394 1.00 48.36 ? 23  LYS A NZ  1 
ATOM   140 N N   . ARG A 1 23  ? -12.916 -4.962  -13.963 1.00 50.11 ? 24  ARG A N   1 
ATOM   141 C CA  . ARG A 1 23  ? -12.066 -5.789  -13.122 1.00 40.66 ? 24  ARG A CA  1 
ATOM   142 C C   . ARG A 1 23  ? -11.166 -4.862  -12.322 1.00 37.36 ? 24  ARG A C   1 
ATOM   143 O O   . ARG A 1 23  ? -10.909 -3.731  -12.731 1.00 38.72 ? 24  ARG A O   1 
ATOM   144 C CB  . ARG A 1 23  ? -11.222 -6.728  -13.968 1.00 37.39 ? 24  ARG A CB  1 
ATOM   145 C CG  . ARG A 1 23  ? -11.086 -6.216  -15.391 1.00 43.95 ? 24  ARG A CG  1 
ATOM   146 C CD  . ARG A 1 23  ? -10.409 -7.178  -16.348 1.00 42.55 ? 24  ARG A CD  1 
ATOM   147 N NE  . ARG A 1 23  ? -10.030 -6.463  -17.566 1.00 44.88 ? 24  ARG A NE  1 
ATOM   148 C CZ  . ARG A 1 23  ? -9.147  -6.902  -18.455 1.00 40.46 ? 24  ARG A CZ  1 
ATOM   149 N NH1 . ARG A 1 23  ? -8.541  -8.064  -18.266 1.00 35.02 ? 24  ARG A NH1 1 
ATOM   150 N NH2 . ARG A 1 23  ? -8.874  -6.173  -19.530 1.00 42.49 ? 24  ARG A NH2 1 
ATOM   151 N N   . PHE A 1 24  ? -10.688 -5.329  -11.179 1.00 35.69 ? 25  PHE A N   1 
ATOM   152 C CA  . PHE A 1 24  ? -9.684  -4.595  -10.434 1.00 30.62 ? 25  PHE A CA  1 
ATOM   153 C C   . PHE A 1 24  ? -8.944  -5.524  -9.506  1.00 26.97 ? 25  PHE A C   1 
ATOM   154 O O   . PHE A 1 24  ? -9.473  -6.546  -9.089  1.00 26.84 ? 25  PHE A O   1 
ATOM   155 C CB  . PHE A 1 24  ? -10.318 -3.439  -9.668  1.00 29.68 ? 25  PHE A CB  1 
ATOM   156 C CG  . PHE A 1 24  ? -11.375 -3.851  -8.693  1.00 33.55 ? 25  PHE A CG  1 
ATOM   157 C CD1 . PHE A 1 24  ? -11.079 -3.996  -7.347  1.00 31.79 ? 25  PHE A CD1 1 
ATOM   158 C CD2 . PHE A 1 24  ? -12.678 -4.071  -9.113  1.00 37.17 ? 25  PHE A CD2 1 
ATOM   159 C CE1 . PHE A 1 24  ? -12.065 -4.355  -6.440  1.00 33.41 ? 25  PHE A CE1 1 
ATOM   160 C CE2 . PHE A 1 24  ? -13.666 -4.435  -8.214  1.00 37.11 ? 25  PHE A CE2 1 
ATOM   161 C CZ  . PHE A 1 24  ? -13.359 -4.573  -6.875  1.00 36.29 ? 25  PHE A CZ  1 
ATOM   162 N N   . THR A 1 25  ? -7.701  -5.168  -9.205  1.00 25.86 ? 26  THR A N   1 
ATOM   163 C CA  . THR A 1 25  ? -6.868  -5.998  -8.349  1.00 23.26 ? 26  THR A CA  1 
ATOM   164 C C   . THR A 1 25  ? -6.853  -5.445  -6.948  1.00 20.90 ? 26  THR A C   1 
ATOM   165 O O   . THR A 1 25  ? -6.654  -4.250  -6.753  1.00 20.02 ? 26  THR A O   1 
ATOM   166 C CB  . THR A 1 25  ? -5.427  -6.087  -8.846  1.00 22.24 ? 26  THR A CB  1 
ATOM   167 O OG1 . THR A 1 25  ? -5.421  -6.352  -10.250 1.00 22.09 ? 26  THR A OG1 1 
ATOM   168 C CG2 . THR A 1 25  ? -4.711  -7.189  -8.124  1.00 20.58 ? 26  THR A CG2 1 
ATOM   169 N N   . VAL A 1 26  ? -7.073  -6.315  -5.974  1.00 19.55 ? 27  VAL A N   1 
ATOM   170 C CA  . VAL A 1 26  ? -7.014  -5.895  -4.590  1.00 20.11 ? 27  VAL A CA  1 
ATOM   171 C C   . VAL A 1 26  ? -5.817  -6.495  -3.890  1.00 18.11 ? 27  VAL A C   1 
ATOM   172 O O   . VAL A 1 26  ? -5.654  -7.711  -3.839  1.00 17.85 ? 27  VAL A O   1 
ATOM   173 C CB  . VAL A 1 26  ? -8.277  -6.276  -3.823  1.00 22.62 ? 27  VAL A CB  1 
ATOM   174 C CG1 . VAL A 1 26  ? -8.205  -5.733  -2.399  1.00 19.69 ? 27  VAL A CG1 1 
ATOM   175 C CG2 . VAL A 1 26  ? -9.492  -5.727  -4.534  1.00 25.49 ? 27  VAL A CG2 1 
ATOM   176 N N   . TYR A 1 27  ? -4.988  -5.616  -3.346  1.00 17.68 ? 28  TYR A N   1 
ATOM   177 C CA  . TYR A 1 27  ? -3.772  -6.018  -2.663  1.00 19.49 ? 28  TYR A CA  1 
ATOM   178 C C   . TYR A 1 27  ? -4.013  -6.251  -1.181  1.00 17.88 ? 28  TYR A C   1 
ATOM   179 O O   . TYR A 1 27  ? -4.587  -5.424  -0.487  1.00 18.67 ? 28  TYR A O   1 
ATOM   180 C CB  . TYR A 1 27  ? -2.679  -4.971  -2.878  1.00 18.90 ? 28  TYR A CB  1 
ATOM   181 C CG  . TYR A 1 27  ? -2.309  -4.841  -4.331  1.00 18.14 ? 28  TYR A CG  1 
ATOM   182 C CD1 . TYR A 1 27  ? -1.446  -5.750  -4.921  1.00 17.56 ? 28  TYR A CD1 1 
ATOM   183 C CD2 . TYR A 1 27  ? -2.843  -3.831  -5.119  1.00 17.61 ? 28  TYR A CD2 1 
ATOM   184 C CE1 . TYR A 1 27  ? -1.111  -5.653  -6.247  1.00 18.72 ? 28  TYR A CE1 1 
ATOM   185 C CE2 . TYR A 1 27  ? -2.513  -3.726  -6.450  1.00 18.21 ? 28  TYR A CE2 1 
ATOM   186 C CZ  . TYR A 1 27  ? -1.646  -4.642  -7.009  1.00 19.83 ? 28  TYR A CZ  1 
ATOM   187 O OH  . TYR A 1 27  ? -1.304  -4.558  -8.338  1.00 20.78 ? 28  TYR A OH  1 
ATOM   188 N N   . LYS A 1 28  ? -3.578  -7.406  -0.709  1.00 17.83 ? 29  LYS A N   1 
ATOM   189 C CA  . LYS A 1 28  ? -3.738  -7.762  0.676   1.00 16.49 ? 29  LYS A CA  1 
ATOM   190 C C   . LYS A 1 28  ? -2.475  -7.348  1.414   1.00 15.84 ? 29  LYS A C   1 
ATOM   191 O O   . LYS A 1 28  ? -1.382  -7.802  1.099   1.00 14.30 ? 29  LYS A O   1 
ATOM   192 C CB  . LYS A 1 28  ? -4.009  -9.257  0.808   1.00 15.71 ? 29  LYS A CB  1 
ATOM   193 C CG  . LYS A 1 28  ? -4.382  -9.723  2.194   1.00 15.62 ? 29  LYS A CG  1 
ATOM   194 C CD  . LYS A 1 28  ? -4.134  -11.222 2.330   1.00 17.07 ? 29  LYS A CD  1 
ATOM   195 C CE  . LYS A 1 28  ? -5.133  -12.039 1.537   1.00 21.27 ? 29  LYS A CE  1 
ATOM   196 N NZ  . LYS A 1 28  ? -4.923  -13.499 1.727   1.00 22.65 ? 29  LYS A NZ  1 
ATOM   197 N N   . VAL A 1 29  ? -2.644  -6.456  2.381   1.00 16.96 ? 30  VAL A N   1 
ATOM   198 C CA  . VAL A 1 29  ? -1.547  -5.945  3.185   1.00 15.67 ? 30  VAL A CA  1 
ATOM   199 C C   . VAL A 1 29  ? -1.626  -6.434  4.614   1.00 15.96 ? 30  VAL A C   1 
ATOM   200 O O   . VAL A 1 29  ? -2.582  -6.143  5.318   1.00 17.43 ? 30  VAL A O   1 
ATOM   201 C CB  . VAL A 1 29  ? -1.543  -4.412  3.209   1.00 16.70 ? 30  VAL A CB  1 
ATOM   202 C CG1 . VAL A 1 29  ? -0.349  -3.903  4.010   1.00 15.08 ? 30  VAL A CG1 1 
ATOM   203 C CG2 . VAL A 1 29  ? -1.553  -3.858  1.794   1.00 16.84 ? 30  VAL A CG2 1 
ATOM   204 N N   . LEU A 1 30  ? -0.615  -7.171  5.047   1.00 16.78 ? 31  LEU A N   1 
ATOM   205 C CA  . LEU A 1 30  ? -0.519  -7.564  6.442   1.00 17.56 ? 31  LEU A CA  1 
ATOM   206 C C   . LEU A 1 30  ? 0.179   -6.487  7.252   1.00 17.20 ? 31  LEU A C   1 
ATOM   207 O O   . LEU A 1 30  ? 1.322   -6.151  6.980   1.00 15.51 ? 31  LEU A O   1 
ATOM   208 C CB  . LEU A 1 30  ? 0.233   -8.876  6.579   1.00 17.73 ? 31  LEU A CB  1 
ATOM   209 C CG  . LEU A 1 30  ? -0.465  -10.109 6.033   1.00 19.01 ? 31  LEU A CG  1 
ATOM   210 C CD1 . LEU A 1 30  ? 0.444   -11.333 6.146   1.00 18.36 ? 31  LEU A CD1 1 
ATOM   211 C CD2 . LEU A 1 30  ? -1.762  -10.314 6.789   1.00 19.75 ? 31  LEU A CD2 1 
ATOM   212 N N   . VAL A 1 31  ? -0.513  -5.950  8.248   1.00 17.47 ? 32  VAL A N   1 
ATOM   213 C CA  . VAL A 1 31  ? 0.056   -4.897  9.070   1.00 18.64 ? 32  VAL A CA  1 
ATOM   214 C C   . VAL A 1 31  ? 0.235   -5.377  10.494  1.00 21.05 ? 32  VAL A C   1 
ATOM   215 O O   . VAL A 1 31  ? -0.718  -5.816  11.134  1.00 19.29 ? 32  VAL A O   1 
ATOM   216 C CB  . VAL A 1 31  ? -0.818  -3.635  9.074   1.00 18.53 ? 32  VAL A CB  1 
ATOM   217 C CG1 . VAL A 1 31  ? -0.091  -2.508  9.771   1.00 17.59 ? 32  VAL A CG1 1 
ATOM   218 C CG2 . VAL A 1 31  ? -1.198  -3.241  7.647   1.00 17.07 ? 32  VAL A CG2 1 
ATOM   219 N N   . SER A 1 32  ? 1.466   -5.295  10.985  1.00 21.79 ? 33  SER A N   1 
ATOM   220 C CA  . SER A 1 32  ? 1.760   -5.696  12.350  1.00 22.21 ? 33  SER A CA  1 
ATOM   221 C C   . SER A 1 32  ? 2.249   -4.518  13.150  1.00 22.89 ? 33  SER A C   1 
ATOM   222 O O   . SER A 1 32  ? 3.170   -3.831  12.734  1.00 25.58 ? 33  SER A O   1 
ATOM   223 C CB  . SER A 1 32  ? 2.810   -6.799  12.385  1.00 22.29 ? 33  SER A CB  1 
ATOM   224 O OG  . SER A 1 32  ? 2.510   -7.810  11.450  1.00 25.50 ? 33  SER A OG  1 
ATOM   225 N N   . VAL A 1 33  ? 1.626   -4.280  14.296  1.00 24.28 ? 34  VAL A N   1 
ATOM   226 C CA  . VAL A 1 33  ? 2.107   -3.271  15.231  1.00 28.01 ? 34  VAL A CA  1 
ATOM   227 C C   . VAL A 1 33  ? 2.086   -3.857  16.642  1.00 30.61 ? 34  VAL A C   1 
ATOM   228 O O   . VAL A 1 33  ? 1.024   -4.060  17.223  1.00 30.80 ? 34  VAL A O   1 
ATOM   229 C CB  . VAL A 1 33  ? 1.268   -1.975  15.175  1.00 27.17 ? 34  VAL A CB  1 
ATOM   230 C CG1 . VAL A 1 33  ? 1.847   -0.947  16.119  1.00 29.40 ? 34  VAL A CG1 1 
ATOM   231 C CG2 . VAL A 1 33  ? 1.228   -1.414  13.759  1.00 25.36 ? 34  VAL A CG2 1 
ATOM   232 N N   . GLY A 1 34  ? 3.267   -4.154  17.178  1.00 32.81 ? 35  GLY A N   1 
ATOM   233 C CA  . GLY A 1 34  ? 3.374   -4.780  18.483  1.00 33.04 ? 35  GLY A CA  1 
ATOM   234 C C   . GLY A 1 34  ? 3.127   -6.276  18.436  1.00 30.46 ? 35  GLY A C   1 
ATOM   235 O O   . GLY A 1 34  ? 3.717   -6.978  17.619  1.00 29.69 ? 35  GLY A O   1 
ATOM   236 N N   . ARG A 1 35  ? 2.249   -6.766  19.306  1.00 29.13 ? 36  ARG A N   1 
ATOM   237 C CA  . ARG A 1 35  ? 1.935   -8.188  19.361  1.00 27.56 ? 36  ARG A CA  1 
ATOM   238 C C   . ARG A 1 35  ? 0.752   -8.514  18.455  1.00 28.09 ? 36  ARG A C   1 
ATOM   239 O O   . ARG A 1 35  ? 0.288   -9.650  18.409  1.00 28.22 ? 36  ARG A O   1 
ATOM   240 C CB  . ARG A 1 35  ? 1.610   -8.615  20.795  1.00 29.24 ? 36  ARG A CB  1 
ATOM   241 C CG  . ARG A 1 35  ? 2.788   -8.894  21.721  1.00 28.75 ? 36  ARG A CG  1 
ATOM   242 C CD  . ARG A 1 35  ? 4.068   -9.267  21.007  1.00 31.30 ? 36  ARG A CD  1 
ATOM   243 N NE  . ARG A 1 35  ? 4.053   -10.624 20.447  1.00 30.36 ? 36  ARG A NE  1 
ATOM   244 C CZ  . ARG A 1 35  ? 4.294   -11.732 21.146  1.00 26.13 ? 36  ARG A CZ  1 
ATOM   245 N NH1 . ARG A 1 35  ? 4.276   -12.907 20.542  1.00 23.75 ? 36  ARG A NH1 1 
ATOM   246 N NH2 . ARG A 1 35  ? 4.535   -11.669 22.453  1.00 26.79 ? 36  ARG A NH2 1 
ATOM   247 N N   . SER A 1 36  ? 0.256   -7.512  17.740  1.00 28.10 ? 37  SER A N   1 
ATOM   248 C CA  . SER A 1 36  ? -0.960  -7.683  16.961  1.00 27.71 ? 37  SER A CA  1 
ATOM   249 C C   . SER A 1 36  ? -0.770  -7.473  15.466  1.00 24.79 ? 37  SER A C   1 
ATOM   250 O O   . SER A 1 36  ? 0.150   -6.799  15.016  1.00 23.17 ? 37  SER A O   1 
ATOM   251 C CB  . SER A 1 36  ? -2.039  -6.738  17.471  1.00 29.49 ? 37  SER A CB  1 
ATOM   252 O OG  . SER A 1 36  ? -2.479  -7.142  18.748  1.00 34.15 ? 37  SER A OG  1 
ATOM   253 N N   . GLU A 1 37  ? -1.694  -8.054  14.713  1.00 25.01 ? 38  GLU A N   1 
ATOM   254 C CA  . GLU A 1 37  ? -1.636  -8.082  13.267  1.00 22.38 ? 38  GLU A CA  1 
ATOM   255 C C   . GLU A 1 37  ? -3.045  -8.093  12.680  1.00 23.77 ? 38  GLU A C   1 
ATOM   256 O O   . GLU A 1 37  ? -3.970  -8.645  13.276  1.00 23.24 ? 38  GLU A O   1 
ATOM   257 C CB  . GLU A 1 37  ? -0.858  -9.307  12.810  1.00 23.59 ? 38  GLU A CB  1 
ATOM   258 C CG  . GLU A 1 37  ? -0.407  -9.273  11.373  1.00 25.24 ? 38  GLU A CG  1 
ATOM   259 C CD  . GLU A 1 37  ? 0.590   -10.367 11.067  1.00 27.13 ? 38  GLU A CD  1 
ATOM   260 O OE1 . GLU A 1 37  ? 1.042   -10.467 9.903   1.00 30.43 ? 38  GLU A OE1 1 
ATOM   261 O OE2 . GLU A 1 37  ? 0.927   -11.123 11.999  1.00 26.94 ? 38  GLU A OE2 1 
ATOM   262 N N   . TRP A 1 38  ? -3.200  -7.468  11.517  1.00 22.75 ? 39  TRP A N   1 
ATOM   263 C CA  . TRP A 1 38  ? -4.468  -7.458  10.815  1.00 18.87 ? 39  TRP A CA  1 
ATOM   264 C C   . TRP A 1 38  ? -4.275  -7.340  9.307   1.00 18.60 ? 39  TRP A C   1 
ATOM   265 O O   . TRP A 1 38  ? -3.152  -7.207  8.810   1.00 17.94 ? 39  TRP A O   1 
ATOM   266 C CB  . TRP A 1 38  ? -5.347  -6.321  11.317  1.00 21.18 ? 39  TRP A CB  1 
ATOM   267 C CG  . TRP A 1 38  ? -4.706  -4.982  11.219  1.00 21.34 ? 39  TRP A CG  1 
ATOM   268 C CD1 . TRP A 1 38  ? -4.759  -4.118  10.164  1.00 20.51 ? 39  TRP A CD1 1 
ATOM   269 C CD2 . TRP A 1 38  ? -3.912  -4.340  12.219  1.00 21.40 ? 39  TRP A CD2 1 
ATOM   270 N NE1 . TRP A 1 38  ? -4.043  -2.983  10.442  1.00 18.51 ? 39  TRP A NE1 1 
ATOM   271 C CE2 . TRP A 1 38  ? -3.514  -3.095  11.703  1.00 20.95 ? 39  TRP A CE2 1 
ATOM   272 C CE3 . TRP A 1 38  ? -3.500  -4.702  13.507  1.00 20.66 ? 39  TRP A CE3 1 
ATOM   273 C CZ2 . TRP A 1 38  ? -2.723  -2.209  12.424  1.00 24.27 ? 39  TRP A CZ2 1 
ATOM   274 C CZ3 . TRP A 1 38  ? -2.722  -3.830  14.216  1.00 21.38 ? 39  TRP A CZ3 1 
ATOM   275 C CH2 . TRP A 1 38  ? -2.337  -2.597  13.677  1.00 23.15 ? 39  TRP A CH2 1 
ATOM   276 N N   . PHE A 1 39  ? -5.390  -7.390  8.589   1.00 19.72 ? 40  PHE A N   1 
ATOM   277 C CA  . PHE A 1 39  ? -5.403  -7.330  7.135   1.00 19.16 ? 40  PHE A CA  1 
ATOM   278 C C   . PHE A 1 39  ? -6.003  -6.008  6.666   1.00 19.06 ? 40  PHE A C   1 
ATOM   279 O O   . PHE A 1 39  ? -7.055  -5.593  7.149   1.00 17.88 ? 40  PHE A O   1 
ATOM   280 C CB  . PHE A 1 39  ? -6.228  -8.471  6.552   1.00 19.42 ? 40  PHE A CB  1 
ATOM   281 C CG  . PHE A 1 39  ? -5.645  -9.840  6.756   1.00 19.53 ? 40  PHE A CG  1 
ATOM   282 C CD1 . PHE A 1 39  ? -5.248  -10.595 5.676   1.00 19.13 ? 40  PHE A CD1 1 
ATOM   283 C CD2 . PHE A 1 39  ? -5.526  -10.387 8.023   1.00 20.68 ? 40  PHE A CD2 1 
ATOM   284 C CE1 . PHE A 1 39  ? -4.741  -11.866 5.851   1.00 18.57 ? 40  PHE A CE1 1 
ATOM   285 C CE2 . PHE A 1 39  ? -5.003  -11.652 8.203   1.00 19.16 ? 40  PHE A CE2 1 
ATOM   286 C CZ  . PHE A 1 39  ? -4.614  -12.393 7.113   1.00 17.71 ? 40  PHE A CZ  1 
ATOM   287 N N   . VAL A 1 40  ? -5.335  -5.362  5.716   1.00 18.59 ? 41  VAL A N   1 
ATOM   288 C CA  . VAL A 1 40  ? -5.892  -4.204  5.023   1.00 18.16 ? 41  VAL A CA  1 
ATOM   289 C C   . VAL A 1 40  ? -5.928  -4.495  3.524   1.00 17.52 ? 41  VAL A C   1 
ATOM   290 O O   . VAL A 1 40  ? -5.006  -5.096  2.982   1.00 16.41 ? 41  VAL A O   1 
ATOM   291 C CB  . VAL A 1 40  ? -5.079  -2.924  5.287   1.00 17.57 ? 41  VAL A CB  1 
ATOM   292 C CG1 . VAL A 1 40  ? -5.822  -1.721  4.776   1.00 16.58 ? 41  VAL A CG1 1 
ATOM   293 C CG2 . VAL A 1 40  ? -4.821  -2.770  6.760   1.00 19.55 ? 41  VAL A CG2 1 
ATOM   294 N N   . PHE A 1 41  ? -6.998  -4.077  2.861   1.00 18.50 ? 42  PHE A N   1 
ATOM   295 C CA  . PHE A 1 41  ? -7.171  -4.372  1.446   1.00 19.33 ? 42  PHE A CA  1 
ATOM   296 C C   . PHE A 1 41  ? -7.229  -3.088  0.627   1.00 19.00 ? 42  PHE A C   1 
ATOM   297 O O   . PHE A 1 41  ? -8.108  -2.255  0.816   1.00 19.44 ? 42  PHE A O   1 
ATOM   298 C CB  . PHE A 1 41  ? -8.417  -5.229  1.244   1.00 17.42 ? 42  PHE A CB  1 
ATOM   299 C CG  . PHE A 1 41  ? -8.367  -6.514  1.992   1.00 15.66 ? 42  PHE A CG  1 
ATOM   300 C CD1 . PHE A 1 41  ? -8.789  -6.581  3.303   1.00 16.64 ? 42  PHE A CD1 1 
ATOM   301 C CD2 . PHE A 1 41  ? -7.862  -7.648  1.398   1.00 15.87 ? 42  PHE A CD2 1 
ATOM   302 C CE1 . PHE A 1 41  ? -8.722  -7.761  4.002   1.00 18.18 ? 42  PHE A CE1 1 
ATOM   303 C CE2 . PHE A 1 41  ? -7.793  -8.833  2.091   1.00 18.04 ? 42  PHE A CE2 1 
ATOM   304 C CZ  . PHE A 1 41  ? -8.222  -8.892  3.394   1.00 18.05 ? 42  PHE A CZ  1 
ATOM   305 N N   . ARG A 1 42  ? -6.261  -2.948  -0.274  1.00 19.87 ? 43  ARG A N   1 
ATOM   306 C CA  . ARG A 1 42  ? -5.987  -1.698  -0.966  1.00 18.79 ? 43  ARG A CA  1 
ATOM   307 C C   . ARG A 1 42  ? -5.813  -1.882  -2.469  1.00 20.39 ? 43  ARG A C   1 
ATOM   308 O O   . ARG A 1 42  ? -5.130  -2.812  -2.898  1.00 20.29 ? 43  ARG A O   1 
ATOM   309 C CB  . ARG A 1 42  ? -4.724  -1.055  -0.398  1.00 16.98 ? 43  ARG A CB  1 
ATOM   310 C CG  . ARG A 1 42  ? -4.822  -0.685  1.049   1.00 16.51 ? 43  ARG A CG  1 
ATOM   311 C CD  . ARG A 1 42  ? -5.888  0.352   1.227   1.00 16.52 ? 43  ARG A CD  1 
ATOM   312 N NE  . ARG A 1 42  ? -5.963  0.767   2.612   1.00 18.93 ? 43  ARG A NE  1 
ATOM   313 C CZ  . ARG A 1 42  ? -6.967  1.453   3.133   1.00 20.98 ? 43  ARG A CZ  1 
ATOM   314 N NH1 . ARG A 1 42  ? -6.941  1.782   4.415   1.00 21.96 ? 43  ARG A NH1 1 
ATOM   315 N NH2 . ARG A 1 42  ? -7.999  1.802   2.379   1.00 22.17 ? 43  ARG A NH2 1 
ATOM   316 N N   . ARG A 1 43  ? -6.429  -1.000  -3.259  1.00 21.54 ? 44  ARG A N   1 
ATOM   317 C CA  . ARG A 1 43  ? -6.197  -0.961  -4.698  1.00 19.95 ? 44  ARG A CA  1 
ATOM   318 C C   . ARG A 1 43  ? -4.983  -0.086  -4.966  1.00 19.49 ? 44  ARG A C   1 
ATOM   319 O O   . ARG A 1 43  ? -4.547  0.653   -4.083  1.00 19.00 ? 44  ARG A O   1 
ATOM   320 C CB  . ARG A 1 43  ? -7.416  -0.432  -5.457  1.00 22.23 ? 44  ARG A CB  1 
ATOM   321 C CG  . ARG A 1 43  ? -8.653  -1.320  -5.386  1.00 24.06 ? 44  ARG A CG  1 
ATOM   322 C CD  . ARG A 1 43  ? -9.906  -0.527  -5.689  1.00 26.94 ? 44  ARG A CD  1 
ATOM   323 N NE  . ARG A 1 43  ? -9.834  0.806   -5.091  1.00 33.92 ? 44  ARG A NE  1 
ATOM   324 C CZ  . ARG A 1 43  ? -10.844 1.421   -4.475  1.00 45.36 ? 44  ARG A CZ  1 
ATOM   325 N NH1 . ARG A 1 43  ? -12.019 0.815   -4.359  1.00 58.81 ? 44  ARG A NH1 1 
ATOM   326 N NH2 . ARG A 1 43  ? -10.677 2.640   -3.959  1.00 46.07 ? 44  ARG A NH2 1 
ATOM   327 N N   . TYR A 1 44  ? -4.430  -0.179  -6.172  1.00 18.41 ? 45  TYR A N   1 
ATOM   328 C CA  . TYR A 1 44  ? -3.242  0.589   -6.518  1.00 17.98 ? 45  TYR A CA  1 
ATOM   329 C C   . TYR A 1 44  ? -3.514  2.077   -6.401  1.00 17.97 ? 45  TYR A C   1 
ATOM   330 O O   . TYR A 1 44  ? -2.631  2.861   -6.058  1.00 18.53 ? 45  TYR A O   1 
ATOM   331 C CB  . TYR A 1 44  ? -2.767  0.268   -7.938  1.00 17.70 ? 45  TYR A CB  1 
ATOM   332 C CG  . TYR A 1 44  ? -1.722  1.245   -8.426  1.00 19.04 ? 45  TYR A CG  1 
ATOM   333 C CD1 . TYR A 1 44  ? -0.389  1.087   -8.082  1.00 19.17 ? 45  TYR A CD1 1 
ATOM   334 C CD2 . TYR A 1 44  ? -2.073  2.350   -9.199  1.00 18.46 ? 45  TYR A CD2 1 
ATOM   335 C CE1 . TYR A 1 44  ? 0.567   1.986   -8.507  1.00 17.79 ? 45  TYR A CE1 1 
ATOM   336 C CE2 . TYR A 1 44  ? -1.122  3.252   -9.619  1.00 19.77 ? 45  TYR A CE2 1 
ATOM   337 C CZ  . TYR A 1 44  ? 0.196   3.060   -9.274  1.00 18.01 ? 45  TYR A CZ  1 
ATOM   338 O OH  . TYR A 1 44  ? 1.151   3.943   -9.695  1.00 19.70 ? 45  TYR A OH  1 
ATOM   339 N N   . ALA A 1 45  ? -4.745  2.461   -6.708  1.00 17.22 ? 46  ALA A N   1 
ATOM   340 C CA  . ALA A 1 45  ? -5.108  3.861   -6.731  1.00 17.27 ? 46  ALA A CA  1 
ATOM   341 C C   . ALA A 1 45  ? -5.036  4.433   -5.329  1.00 20.01 ? 46  ALA A C   1 
ATOM   342 O O   . ALA A 1 45  ? -4.742  5.612   -5.146  1.00 20.06 ? 46  ALA A O   1 
ATOM   343 C CB  . ALA A 1 45  ? -6.483  4.034   -7.316  1.00 15.05 ? 46  ALA A CB  1 
ATOM   344 N N   . GLU A 1 46  ? -5.282  3.579   -4.341  1.00 18.94 ? 47  GLU A N   1 
ATOM   345 C CA  . GLU A 1 46  ? -5.185  3.965   -2.944  1.00 17.70 ? 47  GLU A CA  1 
ATOM   346 C C   . GLU A 1 46  ? -3.737  4.174   -2.496  1.00 17.00 ? 47  GLU A C   1 
ATOM   347 O O   . GLU A 1 46  ? -3.459  5.066   -1.705  1.00 17.85 ? 47  GLU A O   1 
ATOM   348 C CB  . GLU A 1 46  ? -5.866  2.921   -2.070  1.00 18.68 ? 47  GLU A CB  1 
ATOM   349 C CG  . GLU A 1 46  ? -7.303  2.647   -2.485  1.00 19.73 ? 47  GLU A CG  1 
ATOM   350 C CD  . GLU A 1 46  ? -8.063  1.797   -1.489  1.00 20.42 ? 47  GLU A CD  1 
ATOM   351 O OE1 . GLU A 1 46  ? -8.184  0.580   -1.713  1.00 22.62 ? 47  GLU A OE1 1 
ATOM   352 O OE2 . GLU A 1 46  ? -8.551  2.343   -0.485  1.00 20.58 ? 47  GLU A OE2 1 
ATOM   353 N N   . PHE A 1 47  ? -2.820  3.351   -2.992  1.00 17.22 ? 48  PHE A N   1 
ATOM   354 C CA  . PHE A 1 47  ? -1.400  3.576   -2.749  1.00 18.60 ? 48  PHE A CA  1 
ATOM   355 C C   . PHE A 1 47  ? -0.953  4.860   -3.402  1.00 20.78 ? 48  PHE A C   1 
ATOM   356 O O   . PHE A 1 47  ? -0.132  5.585   -2.852  1.00 20.64 ? 48  PHE A O   1 
ATOM   357 C CB  . PHE A 1 47  ? -0.533  2.449   -3.304  1.00 17.77 ? 48  PHE A CB  1 
ATOM   358 C CG  . PHE A 1 47  ? -0.704  1.137   -2.612  1.00 16.64 ? 48  PHE A CG  1 
ATOM   359 C CD1 . PHE A 1 47  ? 0.161   0.760   -1.598  1.00 17.03 ? 48  PHE A CD1 1 
ATOM   360 C CD2 . PHE A 1 47  ? -1.700  0.263   -2.996  1.00 16.95 ? 48  PHE A CD2 1 
ATOM   361 C CE1 . PHE A 1 47  ? 0.023   -0.454  -0.967  1.00 15.06 ? 48  PHE A CE1 1 
ATOM   362 C CE2 . PHE A 1 47  ? -1.837  -0.948  -2.370  1.00 17.98 ? 48  PHE A CE2 1 
ATOM   363 C CZ  . PHE A 1 47  ? -0.977  -1.308  -1.351  1.00 16.82 ? 48  PHE A CZ  1 
ATOM   364 N N   . ASP A 1 48  ? -1.482  5.116   -4.597  1.00 19.94 ? 49  ASP A N   1 
ATOM   365 C CA  . ASP A 1 48  ? -1.047  6.239   -5.417  1.00 21.41 ? 49  ASP A CA  1 
ATOM   366 C C   . ASP A 1 48  ? -1.433  7.595   -4.834  1.00 20.07 ? 49  ASP A C   1 
ATOM   367 O O   . ASP A 1 48  ? -0.648  8.537   -4.872  1.00 19.35 ? 49  ASP A O   1 
ATOM   368 C CB  . ASP A 1 48  ? -1.612  6.104   -6.827  1.00 21.56 ? 49  ASP A CB  1 
ATOM   369 C CG  . ASP A 1 48  ? -0.956  7.058   -7.808  1.00 25.68 ? 49  ASP A CG  1 
ATOM   370 O OD1 . ASP A 1 48  ? 0.154   7.549   -7.511  1.00 25.60 ? 49  ASP A OD1 1 
ATOM   371 O OD2 . ASP A 1 48  ? -1.539  7.300   -8.885  1.00 27.64 ? 49  ASP A OD2 1 
ATOM   372 N N   . LYS A 1 49  ? -2.648  7.684   -4.307  1.00 20.85 ? 50  LYS A N   1 
ATOM   373 C CA  . LYS A 1 49  ? -3.118  8.895   -3.652  1.00 20.25 ? 50  LYS A CA  1 
ATOM   374 C C   . LYS A 1 49  ? -2.251  9.211   -2.458  1.00 20.29 ? 50  LYS A C   1 
ATOM   375 O O   . LYS A 1 49  ? -1.999  10.371  -2.163  1.00 22.09 ? 50  LYS A O   1 
ATOM   376 C CB  . LYS A 1 49  ? -4.575  8.744   -3.213  1.00 22.37 ? 50  LYS A CB  1 
ATOM   377 C CG  . LYS A 1 49  ? -5.123  9.942   -2.447  1.00 26.27 ? 50  LYS A CG  1 
ATOM   378 C CD  . LYS A 1 49  ? -6.433  9.610   -1.730  1.00 27.90 ? 50  LYS A CD  1 
ATOM   379 C CE  . LYS A 1 49  ? -7.211  10.872  -1.336  1.00 31.06 ? 50  LYS A CE  1 
ATOM   380 N NZ  . LYS A 1 49  ? -6.491  11.758  -0.387  1.00 22.71 ? 50  LYS A NZ  1 
ATOM   381 N N   . LEU A 1 50  ? -1.800  8.167   -1.771  1.00 20.15 ? 51  LEU A N   1 
ATOM   382 C CA  . LEU A 1 50  ? -0.962  8.342   -0.596  1.00 20.78 ? 51  LEU A CA  1 
ATOM   383 C C   . LEU A 1 50  ? 0.413   8.812   -1.021  1.00 21.85 ? 51  LEU A C   1 
ATOM   384 O O   . LEU A 1 50  ? 0.954   9.762   -0.471  1.00 22.35 ? 51  LEU A O   1 
ATOM   385 C CB  . LEU A 1 50  ? -0.847  7.053   0.215   1.00 19.63 ? 51  LEU A CB  1 
ATOM   386 C CG  . LEU A 1 50  ? -0.120  7.279   1.543   1.00 20.63 ? 51  LEU A CG  1 
ATOM   387 C CD1 . LEU A 1 50  ? -0.981  8.118   2.479   1.00 20.53 ? 51  LEU A CD1 1 
ATOM   388 C CD2 . LEU A 1 50  ? 0.294   5.982   2.201   1.00 18.67 ? 51  LEU A CD2 1 
ATOM   389 N N   . TYR A 1 51  ? 0.975   8.133   -2.008  1.00 22.73 ? 52  TYR A N   1 
ATOM   390 C CA  . TYR A 1 51  ? 2.255   8.513   -2.570  1.00 21.57 ? 52  TYR A CA  1 
ATOM   391 C C   . TYR A 1 51  ? 2.289   9.985   -3.022  1.00 21.59 ? 52  TYR A C   1 
ATOM   392 O O   . TYR A 1 51  ? 3.258   10.696  -2.776  1.00 22.35 ? 52  TYR A O   1 
ATOM   393 C CB  . TYR A 1 51  ? 2.588   7.579   -3.734  1.00 21.19 ? 52  TYR A CB  1 
ATOM   394 C CG  . TYR A 1 51  ? 3.668   8.108   -4.630  1.00 22.30 ? 52  TYR A CG  1 
ATOM   395 C CD1 . TYR A 1 51  ? 3.354   8.744   -5.828  1.00 23.41 ? 52  TYR A CD1 1 
ATOM   396 C CD2 . TYR A 1 51  ? 5.001   7.992   -4.275  1.00 22.94 ? 52  TYR A CD2 1 
ATOM   397 C CE1 . TYR A 1 51  ? 4.339   9.243   -6.644  1.00 23.27 ? 52  TYR A CE1 1 
ATOM   398 C CE2 . TYR A 1 51  ? 5.992   8.484   -5.081  1.00 27.06 ? 52  TYR A CE2 1 
ATOM   399 C CZ  . TYR A 1 51  ? 5.659   9.110   -6.267  1.00 29.88 ? 52  TYR A CZ  1 
ATOM   400 O OH  . TYR A 1 51  ? 6.654   9.606   -7.080  1.00 36.73 ? 52  TYR A OH  1 
ATOM   401 N N   . ASN A 1 52  ? 1.233   10.438  -3.682  1.00 21.49 ? 53  ASN A N   1 
ATOM   402 C CA  . ASN A 1 52  ? 1.220   11.793  -4.216  1.00 22.49 ? 53  ASN A CA  1 
ATOM   403 C C   . ASN A 1 52  ? 1.132   12.826  -3.103  1.00 25.18 ? 53  ASN A C   1 
ATOM   404 O O   . ASN A 1 52  ? 1.825   13.842  -3.132  1.00 27.89 ? 53  ASN A O   1 
ATOM   405 C CB  . ASN A 1 52  ? 0.064   11.977  -5.204  1.00 23.19 ? 53  ASN A CB  1 
ATOM   406 C CG  . ASN A 1 52  ? 0.305   11.266  -6.524  1.00 25.57 ? 53  ASN A CG  1 
ATOM   407 O OD1 . ASN A 1 52  ? 1.444   11.096  -6.948  1.00 27.30 ? 53  ASN A OD1 1 
ATOM   408 N ND2 . ASN A 1 52  ? -0.775  10.854  -7.185  1.00 24.97 ? 53  ASN A ND2 1 
ATOM   409 N N   . THR A 1 53  ? 0.263   12.554  -2.133  1.00 24.61 ? 54  THR A N   1 
ATOM   410 C CA  . THR A 1 53  ? 0.131   13.345  -0.911  1.00 24.10 ? 54  THR A CA  1 
ATOM   411 C C   . THR A 1 53  ? 1.462   13.539  -0.163  1.00 22.83 ? 54  THR A C   1 
ATOM   412 O O   . THR A 1 53  ? 1.804   14.657  0.214   1.00 22.86 ? 54  THR A O   1 
ATOM   413 C CB  . THR A 1 53  ? -0.905  12.684  0.040   1.00 23.17 ? 54  THR A CB  1 
ATOM   414 O OG1 . THR A 1 53  ? -2.213  12.794  -0.531  1.00 22.13 ? 54  THR A OG1 1 
ATOM   415 C CG2 . THR A 1 53  ? -0.895  13.335  1.415   1.00 23.51 ? 54  THR A CG2 1 
ATOM   416 N N   . LEU A 1 54  ? 2.212   12.452  0.018   1.00 23.90 ? 55  LEU A N   1 
ATOM   417 C CA  . LEU A 1 54  ? 3.452   12.461  0.799   1.00 23.12 ? 55  LEU A CA  1 
ATOM   418 C C   . LEU A 1 54  ? 4.717   12.861  0.047   1.00 25.27 ? 55  LEU A C   1 
ATOM   419 O O   . LEU A 1 54  ? 5.719   13.196  0.663   1.00 27.09 ? 55  LEU A O   1 
ATOM   420 C CB  . LEU A 1 54  ? 3.706   11.082  1.419   1.00 22.27 ? 55  LEU A CB  1 
ATOM   421 C CG  . LEU A 1 54  ? 2.688   10.446  2.367   1.00 22.85 ? 55  LEU A CG  1 
ATOM   422 C CD1 . LEU A 1 54  ? 3.363   9.322   3.110   1.00 23.97 ? 55  LEU A CD1 1 
ATOM   423 C CD2 . LEU A 1 54  ? 2.098   11.451  3.337   1.00 23.22 ? 55  LEU A CD2 1 
ATOM   424 N N   . LYS A 1 55  ? 4.695   12.793  -1.274  1.00 25.16 ? 56  LYS A N   1 
ATOM   425 C CA  . LYS A 1 55  ? 5.879   13.143  -2.049  1.00 28.49 ? 56  LYS A CA  1 
ATOM   426 C C   . LYS A 1 55  ? 6.031   14.653  -2.072  1.00 27.63 ? 56  LYS A C   1 
ATOM   427 O O   . LYS A 1 55  ? 7.138   15.184  -2.192  1.00 26.22 ? 56  LYS A O   1 
ATOM   428 C CB  . LYS A 1 55  ? 5.787   12.587  -3.473  1.00 29.15 ? 56  LYS A CB  1 
ATOM   429 C CG  . LYS A 1 55  ? 6.940   12.989  -4.398  1.00 37.94 ? 56  LYS A CG  1 
ATOM   430 C CD  . LYS A 1 55  ? 7.978   11.875  -4.532  1.00 41.94 ? 56  LYS A CD  1 
ATOM   431 C CE  . LYS A 1 55  ? 8.923   12.089  -5.711  1.00 43.03 ? 56  LYS A CE  1 
ATOM   432 N NZ  . LYS A 1 55  ? 9.598   10.807  -6.073  1.00 42.06 ? 56  LYS A NZ  1 
ATOM   433 N N   . LYS A 1 56  ? 4.896   15.335  -1.949  1.00 28.65 ? 57  LYS A N   1 
ATOM   434 C CA  . LYS A 1 56  ? 4.857   16.792  -1.878  1.00 29.77 ? 57  LYS A CA  1 
ATOM   435 C C   . LYS A 1 56  ? 5.276   17.288  -0.493  1.00 26.11 ? 57  LYS A C   1 
ATOM   436 O O   . LYS A 1 56  ? 5.971   18.296  -0.369  1.00 26.28 ? 57  LYS A O   1 
ATOM   437 C CB  . LYS A 1 56  ? 3.461   17.319  -2.209  1.00 31.03 ? 57  LYS A CB  1 
ATOM   438 C CG  . LYS A 1 56  ? 2.879   16.787  -3.512  1.00 33.13 ? 57  LYS A CG  1 
ATOM   439 C CD  . LYS A 1 56  ? 1.635   17.573  -3.946  1.00 38.23 ? 57  LYS A CD  1 
ATOM   440 C CE  . LYS A 1 56  ? 1.916   18.366  -5.226  1.00 45.01 ? 57  LYS A CE  1 
ATOM   441 N NZ  . LYS A 1 56  ? 0.819   19.313  -5.580  1.00 40.01 ? 57  LYS A NZ  1 
ATOM   442 N N   . GLN A 1 57  ? 4.852   16.572  0.543   1.00 24.89 ? 58  GLN A N   1 
ATOM   443 C CA  . GLN A 1 57  ? 5.152   16.967  1.907   1.00 23.65 ? 58  GLN A CA  1 
ATOM   444 C C   . GLN A 1 57  ? 6.540   16.543  2.345   1.00 25.84 ? 58  GLN A C   1 
ATOM   445 O O   . GLN A 1 57  ? 7.085   17.123  3.268   1.00 28.69 ? 58  GLN A O   1 
ATOM   446 C CB  . GLN A 1 57  ? 4.107   16.392  2.852   1.00 22.59 ? 58  GLN A CB  1 
ATOM   447 C CG  . GLN A 1 57  ? 2.702   16.809  2.515   1.00 22.24 ? 58  GLN A CG  1 
ATOM   448 C CD  . GLN A 1 57  ? 1.703   16.233  3.466   1.00 22.57 ? 58  GLN A CD  1 
ATOM   449 O OE1 . GLN A 1 57  ? 2.051   15.440  4.325   1.00 23.56 ? 58  GLN A OE1 1 
ATOM   450 N NE2 . GLN A 1 57  ? 0.447   16.630  3.322   1.00 23.89 ? 58  GLN A NE2 1 
ATOM   451 N N   . PHE A 1 58  ? 7.112   15.536  1.693   1.00 27.62 ? 59  PHE A N   1 
ATOM   452 C CA  . PHE A 1 58  ? 8.463   15.073  2.023   1.00 29.42 ? 59  PHE A CA  1 
ATOM   453 C C   . PHE A 1 58  ? 9.303   14.828  0.785   1.00 31.65 ? 59  PHE A C   1 
ATOM   454 O O   . PHE A 1 58  ? 9.657   13.680  0.495   1.00 35.07 ? 59  PHE A O   1 
ATOM   455 C CB  . PHE A 1 58  ? 8.424   13.782  2.835   1.00 29.32 ? 59  PHE A CB  1 
ATOM   456 C CG  . PHE A 1 58  ? 7.533   13.842  4.024   1.00 28.88 ? 59  PHE A CG  1 
ATOM   457 C CD1 . PHE A 1 58  ? 8.051   14.130  5.268   1.00 29.01 ? 59  PHE A CD1 1 
ATOM   458 C CD2 . PHE A 1 58  ? 6.173   13.595  3.906   1.00 26.07 ? 59  PHE A CD2 1 
ATOM   459 C CE1 . PHE A 1 58  ? 7.229   14.174  6.376   1.00 27.83 ? 59  PHE A CE1 1 
ATOM   460 C CE2 . PHE A 1 58  ? 5.345   13.644  5.012   1.00 24.49 ? 59  PHE A CE2 1 
ATOM   461 C CZ  . PHE A 1 58  ? 5.872   13.931  6.246   1.00 26.27 ? 59  PHE A CZ  1 
ATOM   462 N N   . PRO A 1 59  ? 9.633   15.902  0.058   1.00 27.98 ? 60  PRO A N   1 
ATOM   463 C CA  . PRO A 1 59  ? 10.406  15.787  -1.177  1.00 32.88 ? 60  PRO A CA  1 
ATOM   464 C C   . PRO A 1 59  ? 11.716  15.003  -1.029  1.00 35.91 ? 60  PRO A C   1 
ATOM   465 O O   . PRO A 1 59  ? 11.967  14.086  -1.822  1.00 38.25 ? 60  PRO A O   1 
ATOM   466 C CB  . PRO A 1 59  ? 10.678  17.252  -1.545  1.00 33.00 ? 60  PRO A CB  1 
ATOM   467 C CG  . PRO A 1 59  ? 10.453  18.019  -0.286  1.00 31.54 ? 60  PRO A CG  1 
ATOM   468 C CD  . PRO A 1 59  ? 9.345   17.304  0.386   1.00 26.22 ? 60  PRO A CD  1 
ATOM   469 N N   . ALA A 1 60  ? 12.516  15.337  -0.019  1.00 36.48 ? 61  ALA A N   1 
ATOM   470 C CA  . ALA A 1 60  ? 13.857  14.769  0.134   1.00 39.47 ? 61  ALA A CA  1 
ATOM   471 C C   . ALA A 1 60  ? 13.851  13.277  0.410   1.00 39.31 ? 61  ALA A C   1 
ATOM   472 O O   . ALA A 1 60  ? 14.907  12.663  0.564   1.00 41.32 ? 61  ALA A O   1 
ATOM   473 C CB  . ALA A 1 60  ? 14.604  15.474  1.241   1.00 42.78 ? 61  ALA A CB  1 
ATOM   474 N N   . MET A 1 61  ? 12.672  12.686  0.486   1.00 36.56 ? 62  MET A N   1 
ATOM   475 C CA  . MET A 1 61  ? 12.622  11.273  0.756   1.00 39.44 ? 62  MET A CA  1 
ATOM   476 C C   . MET A 1 61  ? 12.622  10.493  -0.535  1.00 41.27 ? 62  MET A C   1 
ATOM   477 O O   . MET A 1 61  ? 12.851  9.278   -0.544  1.00 40.27 ? 62  MET A O   1 
ATOM   478 C CB  . MET A 1 61  ? 11.421  10.955  1.597   1.00 37.09 ? 62  MET A CB  1 
ATOM   479 C CG  . MET A 1 61  ? 11.618  11.521  2.962   1.00 42.07 ? 62  MET A CG  1 
ATOM   480 S SD  . MET A 1 61  ? 10.841  10.460  4.148   1.00 47.12 ? 62  MET A SD  1 
ATOM   481 C CE  . MET A 1 61  ? 9.283   10.320  3.285   1.00 37.62 ? 62  MET A CE  1 
ATOM   482 N N   . ALA A 1 62  ? 12.405  11.217  -1.626  1.00 40.54 ? 63  ALA A N   1 
ATOM   483 C CA  . ALA A 1 62  ? 12.504  10.645  -2.951  1.00 41.57 ? 63  ALA A CA  1 
ATOM   484 C C   . ALA A 1 62  ? 11.624  9.421   -3.026  1.00 38.52 ? 63  ALA A C   1 
ATOM   485 O O   . ALA A 1 62  ? 12.051  8.371   -3.498  1.00 39.18 ? 63  ALA A O   1 
ATOM   486 C CB  . ALA A 1 62  ? 13.960  10.303  -3.281  1.00 45.83 ? 63  ALA A CB  1 
ATOM   487 N N   . LEU A 1 63  ? 10.406  9.559   -2.517  1.00 38.08 ? 64  LEU A N   1 
ATOM   488 C CA  . LEU A 1 63  ? 9.451   8.463   -2.533  1.00 35.89 ? 64  LEU A CA  1 
ATOM   489 C C   . LEU A 1 63  ? 9.271   7.929   -3.947  1.00 34.42 ? 64  LEU A C   1 
ATOM   490 O O   . LEU A 1 63  ? 9.300   8.685   -4.920  1.00 33.71 ? 64  LEU A O   1 
ATOM   491 C CB  . LEU A 1 63  ? 8.112   8.912   -1.952  1.00 33.16 ? 64  LEU A CB  1 
ATOM   492 C CG  . LEU A 1 63  ? 8.180   9.347   -0.489  1.00 33.42 ? 64  LEU A CG  1 
ATOM   493 C CD1 . LEU A 1 63  ? 6.858   9.913   -0.021  1.00 28.31 ? 64  LEU A CD1 1 
ATOM   494 C CD2 . LEU A 1 63  ? 8.586   8.164   0.362   1.00 33.01 ? 64  LEU A CD2 1 
ATOM   495 N N   . LYS A 1 64  ? 9.099   6.614   -4.046  1.00 34.34 ? 65  LYS A N   1 
ATOM   496 C CA  . LYS A 1 64  ? 8.956   5.946   -5.330  1.00 29.66 ? 65  LYS A CA  1 
ATOM   497 C C   . LYS A 1 64  ? 7.794   4.951   -5.284  1.00 25.34 ? 65  LYS A C   1 
ATOM   498 O O   . LYS A 1 64  ? 7.649   4.194   -4.331  1.00 24.24 ? 65  LYS A O   1 
ATOM   499 C CB  . LYS A 1 64  ? 10.258  5.242   -5.698  1.00 30.71 ? 65  LYS A CB  1 
ATOM   500 C CG  . LYS A 1 64  ? 10.823  5.615   -7.054  1.00 37.90 ? 65  LYS A CG  1 
ATOM   501 C CD  . LYS A 1 64  ? 12.304  5.248   -7.160  1.00 44.56 ? 65  LYS A CD  1 
ATOM   502 C CE  . LYS A 1 64  ? 12.998  5.986   -8.307  1.00 49.00 ? 65  LYS A CE  1 
ATOM   503 N NZ  . LYS A 1 64  ? 12.361  5.716   -9.635  1.00 49.82 ? 65  LYS A NZ  1 
ATOM   504 N N   . ILE A 1 65  ? 6.955   4.974   -6.310  1.00 27.94 ? 66  ILE A N   1 
ATOM   505 C CA  . ILE A 1 65  ? 5.847   4.028   -6.429  1.00 24.20 ? 66  ILE A CA  1 
ATOM   506 C C   . ILE A 1 65  ? 5.939   3.413   -7.836  1.00 23.11 ? 66  ILE A C   1 
ATOM   507 O O   . ILE A 1 65  ? 6.498   4.037   -8.739  1.00 26.92 ? 66  ILE A O   1 
ATOM   508 C CB  . ILE A 1 65  ? 4.477   4.732   -6.181  1.00 21.80 ? 66  ILE A CB  1 
ATOM   509 C CG1 . ILE A 1 65  ? 3.433   3.759   -5.624  1.00 20.74 ? 66  ILE A CG1 1 
ATOM   510 C CG2 . ILE A 1 65  ? 3.982   5.448   -7.427  1.00 22.45 ? 66  ILE A CG2 1 
ATOM   511 C CD1 . ILE A 1 65  ? 2.021   4.329   -5.548  1.00 19.65 ? 66  ILE A CD1 1 
ATOM   512 N N   . PRO A 1 66  ? 5.450   2.177   -8.022  1.00 18.07 ? 67  PRO A N   1 
ATOM   513 C CA  . PRO A 1 66  ? 5.469   1.651   -9.389  1.00 20.26 ? 67  PRO A CA  1 
ATOM   514 C C   . PRO A 1 66  ? 4.597   2.452   -10.362 1.00 23.59 ? 67  PRO A C   1 
ATOM   515 O O   . PRO A 1 66  ? 3.697   3.172   -9.937  1.00 23.73 ? 67  PRO A O   1 
ATOM   516 C CB  . PRO A 1 66  ? 4.952   0.214   -9.227  1.00 19.03 ? 67  PRO A CB  1 
ATOM   517 C CG  . PRO A 1 66  ? 4.477   0.107   -7.834  1.00 20.23 ? 67  PRO A CG  1 
ATOM   518 C CD  . PRO A 1 66  ? 5.206   1.119   -7.036  1.00 17.62 ? 67  PRO A CD  1 
ATOM   519 N N   . ALA A 1 67  ? 4.890   2.317   -11.655 1.00 25.41 ? 68  ALA A N   1 
ATOM   520 C CA  . ALA A 1 67  ? 4.247   3.082   -12.719 1.00 22.52 ? 68  ALA A CA  1 
ATOM   521 C C   . ALA A 1 67  ? 2.750   3.035   -12.617 1.00 20.72 ? 68  ALA A C   1 
ATOM   522 O O   . ALA A 1 67  ? 2.173   2.027   -12.233 1.00 20.68 ? 68  ALA A O   1 
ATOM   523 C CB  . ALA A 1 67  ? 4.680   2.576   -14.073 1.00 23.72 ? 68  ALA A CB  1 
ATOM   524 N N   . LYS A 1 68  ? 2.126   4.145   -12.969 1.00 22.01 ? 69  LYS A N   1 
ATOM   525 C CA  . LYS A 1 68  ? 0.688   4.279   -12.864 1.00 24.00 ? 69  LYS A CA  1 
ATOM   526 C C   . LYS A 1 68  ? 0.019   3.981   -14.191 1.00 26.53 ? 69  LYS A C   1 
ATOM   527 O O   . LYS A 1 68  ? -1.009  3.312   -14.240 1.00 25.27 ? 69  LYS A O   1 
ATOM   528 C CB  . LYS A 1 68  ? 0.344   5.688   -12.380 1.00 24.65 ? 69  LYS A CB  1 
ATOM   529 C CG  . LYS A 1 68  ? -1.112  6.068   -12.469 1.00 23.54 ? 69  LYS A CG  1 
ATOM   530 C CD  . LYS A 1 68  ? -1.243  7.542   -12.142 1.00 25.92 ? 69  LYS A CD  1 
ATOM   531 C CE  . LYS A 1 68  ? -2.464  8.156   -12.791 1.00 28.91 ? 69  LYS A CE  1 
ATOM   532 N NZ  . LYS A 1 68  ? -2.333  9.638   -12.875 1.00 30.59 ? 69  LYS A NZ  1 
ATOM   533 N N   . ARG A 1 69  ? 0.615   4.491   -15.264 1.00 28.11 ? 70  ARG A N   1 
ATOM   534 C CA  . ARG A 1 69  ? 0.078   4.286   -16.599 1.00 31.63 ? 70  ARG A CA  1 
ATOM   535 C C   . ARG A 1 69  ? 0.781   3.138   -17.313 1.00 28.36 ? 70  ARG A C   1 
ATOM   536 O O   . ARG A 1 69  ? 1.985   3.166   -17.547 1.00 28.48 ? 70  ARG A O   1 
ATOM   537 C CB  . ARG A 1 69  ? 0.185   5.564   -17.438 1.00 35.58 ? 70  ARG A CB  1 
ATOM   538 C CG  . ARG A 1 69  ? -0.488  5.434   -18.791 1.00 40.71 ? 70  ARG A CG  1 
ATOM   539 C CD  . ARG A 1 69  ? -0.654  6.776   -19.488 1.00 52.39 ? 70  ARG A CD  1 
ATOM   540 N NE  . ARG A 1 69  ? -2.025  6.979   -19.961 1.00 53.64 ? 70  ARG A NE  1 
ATOM   541 C CZ  . ARG A 1 69  ? -2.362  7.789   -20.962 1.00 54.81 ? 70  ARG A CZ  1 
ATOM   542 N NH1 . ARG A 1 69  ? -3.637  7.906   -21.316 1.00 53.80 ? 70  ARG A NH1 1 
ATOM   543 N NH2 . ARG A 1 69  ? -1.428  8.478   -21.611 1.00 54.00 ? 70  ARG A NH2 1 
ATOM   544 N N   . ILE A 1 70  ? 0.001   2.130   -17.670 1.00 25.72 ? 71  ILE A N   1 
ATOM   545 C CA  . ILE A 1 70  ? 0.534   0.915   -18.263 1.00 25.75 ? 71  ILE A CA  1 
ATOM   546 C C   . ILE A 1 70  ? 0.170   0.827   -19.739 1.00 27.12 ? 71  ILE A C   1 
ATOM   547 O O   . ILE A 1 70  ? -1.000  0.892   -20.095 1.00 29.07 ? 71  ILE A O   1 
ATOM   548 C CB  . ILE A 1 70  ? 0.001   -0.324  -17.509 1.00 26.06 ? 71  ILE A CB  1 
ATOM   549 C CG1 . ILE A 1 70  ? 0.236   -0.153  -16.000 1.00 26.93 ? 71  ILE A CG1 1 
ATOM   550 C CG2 . ILE A 1 70  ? 0.600   -1.616  -18.038 1.00 22.34 ? 71  ILE A CG2 1 
ATOM   551 C CD1 . ILE A 1 70  ? 1.634   0.345   -15.616 1.00 22.76 ? 71  ILE A CD1 1 
ATOM   552 N N   . PHE A 1 71  ? 1.170   0.705   -20.602 1.00 24.45 ? 72  PHE A N   1 
ATOM   553 C CA  . PHE A 1 71  ? 0.895   0.410   -22.001 1.00 25.54 ? 72  PHE A CA  1 
ATOM   554 C C   . PHE A 1 71  ? 0.967   -1.083  -22.202 1.00 23.08 ? 72  PHE A C   1 
ATOM   555 O O   . PHE A 1 71  ? 2.029   -1.631  -22.468 1.00 22.51 ? 72  PHE A O   1 
ATOM   556 C CB  . PHE A 1 71  ? 1.858   1.148   -22.930 1.00 26.43 ? 72  PHE A CB  1 
ATOM   557 C CG  . PHE A 1 71  ? 1.974   2.606   -22.624 1.00 32.66 ? 72  PHE A CG  1 
ATOM   558 C CD1 . PHE A 1 71  ? 0.862   3.439   -22.719 1.00 35.55 ? 72  PHE A CD1 1 
ATOM   559 C CD2 . PHE A 1 71  ? 3.190   3.151   -22.251 1.00 34.55 ? 72  PHE A CD2 1 
ATOM   560 C CE1 . PHE A 1 71  ? 0.965   4.784   -22.436 1.00 37.36 ? 72  PHE A CE1 1 
ATOM   561 C CE2 . PHE A 1 71  ? 3.295   4.491   -21.972 1.00 37.40 ? 72  PHE A CE2 1 
ATOM   562 C CZ  . PHE A 1 71  ? 2.182   5.310   -22.064 1.00 42.16 ? 72  PHE A CZ  1 
ATOM   563 N N   . GLY A 1 72  ? -0.181  -1.730  -22.054 1.00 21.51 ? 73  GLY A N   1 
ATOM   564 C CA  . GLY A 1 72  ? -0.251  -3.167  -22.142 1.00 22.03 ? 73  GLY A CA  1 
ATOM   565 C C   . GLY A 1 72  ? -1.311  -3.696  -21.212 1.00 22.68 ? 73  GLY A C   1 
ATOM   566 O O   . GLY A 1 72  ? -2.154  -2.942  -20.731 1.00 23.98 ? 73  GLY A O   1 
ATOM   567 N N   . ASP A 1 73  ? -1.248  -4.997  -20.955 1.00 22.32 ? 74  ASP A N   1 
ATOM   568 C CA  . ASP A 1 73  ? -2.253  -5.686  -20.169 1.00 21.17 ? 74  ASP A CA  1 
ATOM   569 C C   . ASP A 1 73  ? -2.027  -5.452  -18.697 1.00 21.35 ? 74  ASP A C   1 
ATOM   570 O O   . ASP A 1 73  ? -1.189  -6.099  -18.082 1.00 22.07 ? 74  ASP A O   1 
ATOM   571 C CB  . ASP A 1 73  ? -2.232  -7.177  -20.473 1.00 20.85 ? 74  ASP A CB  1 
ATOM   572 C CG  . ASP A 1 73  ? -3.419  -7.905  -19.889 1.00 24.83 ? 74  ASP A CG  1 
ATOM   573 O OD1 . ASP A 1 73  ? -4.306  -7.249  -19.299 1.00 25.85 ? 74  ASP A OD1 1 
ATOM   574 O OD2 . ASP A 1 73  ? -3.476  -9.142  -20.035 1.00 27.45 ? 74  ASP A OD2 1 
ATOM   575 N N   . ASN A 1 74  ? -2.800  -4.541  -18.126 1.00 22.94 ? 75  ASN A N   1 
ATOM   576 C CA  . ASN A 1 74  ? -2.652  -4.188  -16.724 1.00 25.09 ? 75  ASN A CA  1 
ATOM   577 C C   . ASN A 1 74  ? -3.179  -5.277  -15.807 1.00 25.43 ? 75  ASN A C   1 
ATOM   578 O O   . ASN A 1 74  ? -3.254  -5.089  -14.592 1.00 25.21 ? 75  ASN A O   1 
ATOM   579 C CB  . ASN A 1 74  ? -3.355  -2.864  -16.433 1.00 24.79 ? 75  ASN A CB  1 
ATOM   580 C CG  . ASN A 1 74  ? -4.702  -2.768  -17.106 1.00 27.66 ? 75  ASN A CG  1 
ATOM   581 O OD1 . ASN A 1 74  ? -4.926  -3.370  -18.156 1.00 26.28 ? 75  ASN A OD1 1 
ATOM   582 N ND2 . ASN A 1 74  ? -5.606  -2.004  -16.515 1.00 30.91 ? 75  ASN A ND2 1 
ATOM   583 N N   . PHE A 1 75  ? -3.530  -6.422  -16.390 1.00 23.86 ? 76  PHE A N   1 
ATOM   584 C CA  . PHE A 1 75  ? -3.946  -7.570  -15.603 1.00 23.18 ? 76  PHE A CA  1 
ATOM   585 C C   . PHE A 1 75  ? -3.117  -8.808  -15.896 1.00 21.77 ? 76  PHE A C   1 
ATOM   586 O O   . PHE A 1 75  ? -3.476  -9.903  -15.484 1.00 22.68 ? 76  PHE A O   1 
ATOM   587 C CB  . PHE A 1 75  ? -5.422  -7.857  -15.829 1.00 28.93 ? 76  PHE A CB  1 
ATOM   588 C CG  . PHE A 1 75  ? -6.328  -6.889  -15.128 1.00 28.98 ? 76  PHE A CG  1 
ATOM   589 C CD1 . PHE A 1 75  ? -6.860  -5.807  -15.801 1.00 27.99 ? 76  PHE A CD1 1 
ATOM   590 C CD2 . PHE A 1 75  ? -6.617  -7.047  -13.788 1.00 28.40 ? 76  PHE A CD2 1 
ATOM   591 C CE1 . PHE A 1 75  ? -7.674  -4.912  -15.153 1.00 30.34 ? 76  PHE A CE1 1 
ATOM   592 C CE2 . PHE A 1 75  ? -7.433  -6.155  -13.135 1.00 30.84 ? 76  PHE A CE2 1 
ATOM   593 C CZ  . PHE A 1 75  ? -7.962  -5.085  -13.818 1.00 31.31 ? 76  PHE A CZ  1 
ATOM   594 N N   . ASP A 1 76  ? -2.005  -8.622  -16.598 1.00 21.36 ? 77  ASP A N   1 
ATOM   595 C CA  . ASP A 1 76  ? -0.999  -9.666  -16.723 1.00 20.59 ? 77  ASP A CA  1 
ATOM   596 C C   . ASP A 1 76  ? -0.515  -10.001 -15.332 1.00 19.17 ? 77  ASP A C   1 
ATOM   597 O O   . ASP A 1 76  ? -0.106  -9.110  -14.599 1.00 20.63 ? 77  ASP A O   1 
ATOM   598 C CB  . ASP A 1 76  ? 0.168   -9.214  -17.610 1.00 20.18 ? 77  ASP A CB  1 
ATOM   599 C CG  . ASP A 1 76  ? 1.149   -10.343 -17.922 1.00 20.99 ? 77  ASP A CG  1 
ATOM   600 O OD1 . ASP A 1 76  ? 1.692   -10.376 -19.044 1.00 24.33 ? 77  ASP A OD1 1 
ATOM   601 O OD2 . ASP A 1 76  ? 1.402   -11.197 -17.059 1.00 22.31 ? 77  ASP A OD2 1 
ATOM   602 N N   . PRO A 1 77  ? -0.561  -11.288 -14.966 1.00 18.91 ? 78  PRO A N   1 
ATOM   603 C CA  . PRO A 1 77  ? -0.114  -11.753 -13.652 1.00 20.35 ? 78  PRO A CA  1 
ATOM   604 C C   . PRO A 1 77  ? 1.364   -11.452 -13.389 1.00 20.11 ? 78  PRO A C   1 
ATOM   605 O O   . PRO A 1 77  ? 1.765   -11.310 -12.238 1.00 18.61 ? 78  PRO A O   1 
ATOM   606 C CB  . PRO A 1 77  ? -0.375  -13.261 -13.708 1.00 18.29 ? 78  PRO A CB  1 
ATOM   607 C CG  . PRO A 1 77  ? -0.486  -13.585 -15.135 1.00 20.75 ? 78  PRO A CG  1 
ATOM   608 C CD  . PRO A 1 77  ? -1.081  -12.393 -15.783 1.00 19.91 ? 78  PRO A CD  1 
ATOM   609 N N   . ASP A 1 78  ? 2.158   -11.350 -14.447 1.00 21.90 ? 79  ASP A N   1 
ATOM   610 C CA  . ASP A 1 78  ? 3.563   -10.991 -14.303 1.00 20.59 ? 79  ASP A CA  1 
ATOM   611 C C   . ASP A 1 78  ? 3.656   -9.532  -13.912 1.00 18.76 ? 79  ASP A C   1 
ATOM   612 O O   . ASP A 1 78  ? 4.469   -9.147  -13.080 1.00 21.39 ? 79  ASP A O   1 
ATOM   613 C CB  . ASP A 1 78  ? 4.338   -11.242 -15.596 1.00 20.52 ? 79  ASP A CB  1 
ATOM   614 C CG  . ASP A 1 78  ? 4.482   -12.707 -15.918 1.00 21.34 ? 79  ASP A CG  1 
ATOM   615 O OD1 . ASP A 1 78  ? 4.614   -13.031 -17.114 1.00 21.17 ? 79  ASP A OD1 1 
ATOM   616 O OD2 . ASP A 1 78  ? 4.463   -13.533 -14.981 1.00 25.59 ? 79  ASP A OD2 1 
ATOM   617 N N   . PHE A 1 79  ? 2.804   -8.728  -14.527 1.00 18.31 ? 80  PHE A N   1 
ATOM   618 C CA  . PHE A 1 79  ? 2.739   -7.306  -14.245 1.00 20.59 ? 80  PHE A CA  1 
ATOM   619 C C   . PHE A 1 79  ? 2.280   -7.014  -12.826 1.00 20.23 ? 80  PHE A C   1 
ATOM   620 O O   . PHE A 1 79  ? 2.842   -6.177  -12.131 1.00 20.51 ? 80  PHE A O   1 
ATOM   621 C CB  . PHE A 1 79  ? 1.796   -6.620  -15.220 1.00 19.42 ? 80  PHE A CB  1 
ATOM   622 C CG  . PHE A 1 79  ? 1.317   -5.289  -14.745 1.00 21.53 ? 80  PHE A CG  1 
ATOM   623 C CD1 . PHE A 1 79  ? 0.093   -5.160  -14.116 1.00 22.65 ? 80  PHE A CD1 1 
ATOM   624 C CD2 . PHE A 1 79  ? 2.095   -4.165  -14.912 1.00 22.18 ? 80  PHE A CD2 1 
ATOM   625 C CE1 . PHE A 1 79  ? -0.342  -3.934  -13.678 1.00 23.46 ? 80  PHE A CE1 1 
ATOM   626 C CE2 . PHE A 1 79  ? 1.664   -2.942  -14.473 1.00 21.85 ? 80  PHE A CE2 1 
ATOM   627 C CZ  . PHE A 1 79  ? 0.443   -2.824  -13.861 1.00 21.75 ? 80  PHE A CZ  1 
ATOM   628 N N   . ILE A 1 80  ? 1.218   -7.684  -12.424 1.00 18.55 ? 81  ILE A N   1 
ATOM   629 C CA  . ILE A 1 80  ? 0.690   -7.531  -11.089 1.00 20.57 ? 81  ILE A CA  1 
ATOM   630 C C   . ILE A 1 80  ? 1.719   -7.951  -10.040 1.00 20.30 ? 81  ILE A C   1 
ATOM   631 O O   . ILE A 1 80  ? 1.820   -7.335  -8.978  1.00 21.02 ? 81  ILE A O   1 
ATOM   632 C CB  . ILE A 1 80  ? -0.595  -8.346  -10.936 1.00 19.56 ? 81  ILE A CB  1 
ATOM   633 C CG1 . ILE A 1 80  ? -1.617  -7.862  -11.960 1.00 22.16 ? 81  ILE A CG1 1 
ATOM   634 C CG2 . ILE A 1 80  ? -1.153  -8.205  -9.544  1.00 18.38 ? 81  ILE A CG2 1 
ATOM   635 C CD1 . ILE A 1 80  ? -2.594  -8.930  -12.403 1.00 22.78 ? 81  ILE A CD1 1 
ATOM   636 N N   . LYS A 1 81  ? 2.506   -8.977  -10.346 1.00 20.24 ? 82  LYS A N   1 
ATOM   637 C CA  . LYS A 1 81  ? 3.501   -9.437  -9.392  1.00 21.24 ? 82  LYS A CA  1 
ATOM   638 C C   . LYS A 1 81  ? 4.592   -8.388  -9.192  1.00 18.79 ? 82  LYS A C   1 
ATOM   639 O O   . LYS A 1 81  ? 4.979   -8.100  -8.066  1.00 19.12 ? 82  LYS A O   1 
ATOM   640 C CB  . LYS A 1 81  ? 4.123   -10.763 -9.828  1.00 22.57 ? 82  LYS A CB  1 
ATOM   641 C CG  . LYS A 1 81  ? 4.934   -11.398 -8.705  1.00 27.01 ? 82  LYS A CG  1 
ATOM   642 C CD  . LYS A 1 81  ? 5.698   -12.637 -9.129  1.00 35.05 ? 82  LYS A CD  1 
ATOM   643 C CE  . LYS A 1 81  ? 6.343   -13.320 -7.917  1.00 37.79 ? 82  LYS A CE  1 
ATOM   644 N NZ  . LYS A 1 81  ? 5.350   -13.953 -7.000  1.00 34.81 ? 82  LYS A NZ  1 
ATOM   645 N N   . GLN A 1 82  ? 5.081   -7.818  -10.290 1.00 18.43 ? 83  GLN A N   1 
ATOM   646 C CA  . GLN A 1 82  ? 6.112   -6.788  -10.208 1.00 19.02 ? 83  GLN A CA  1 
ATOM   647 C C   . GLN A 1 82  ? 5.573   -5.542  -9.519  1.00 19.52 ? 83  GLN A C   1 
ATOM   648 O O   . GLN A 1 82  ? 6.286   -4.879  -8.768  1.00 18.38 ? 83  GLN A O   1 
ATOM   649 C CB  . GLN A 1 82  ? 6.639   -6.449  -11.595 1.00 20.00 ? 83  GLN A CB  1 
ATOM   650 N N   . ARG A 1 83  ? 4.307   -5.230  -9.777  1.00 19.48 ? 84  ARG A N   1 
ATOM   651 C CA  . ARG A 1 83  ? 3.677   -4.070  -9.169  1.00 19.69 ? 84  ARG A CA  1 
ATOM   652 C C   . ARG A 1 83  ? 3.550   -4.251  -7.664  1.00 19.61 ? 84  ARG A C   1 
ATOM   653 O O   . ARG A 1 83  ? 3.847   -3.337  -6.897  1.00 17.85 ? 84  ARG A O   1 
ATOM   654 C CB  . ARG A 1 83  ? 2.306   -3.803  -9.782  1.00 18.47 ? 84  ARG A CB  1 
ATOM   655 C CG  . ARG A 1 83  ? 1.553   -2.695  -9.078  1.00 17.75 ? 84  ARG A CG  1 
ATOM   656 C CD  . ARG A 1 83  ? 0.279   -2.315  -9.792  1.00 17.85 ? 84  ARG A CD  1 
ATOM   657 N NE  . ARG A 1 83  ? 0.464   -1.223  -10.740 1.00 17.51 ? 84  ARG A NE  1 
ATOM   658 C CZ  . ARG A 1 83  ? -0.538  -0.537  -11.277 1.00 17.59 ? 84  ARG A CZ  1 
ATOM   659 N NH1 . ARG A 1 83  ? -1.784  -0.834  -10.952 1.00 18.04 ? 84  ARG A NH1 1 
ATOM   660 N NH2 . ARG A 1 83  ? -0.300  0.441   -12.137 1.00 18.20 ? 84  ARG A NH2 1 
ATOM   661 N N   . ARG A 1 84  ? 3.122   -5.437  -7.248  1.00 19.20 ? 85  ARG A N   1 
ATOM   662 C CA  . ARG A 1 84  ? 3.028   -5.765  -5.826  1.00 19.57 ? 85  ARG A CA  1 
ATOM   663 C C   . ARG A 1 84  ? 4.375   -5.624  -5.110  1.00 18.24 ? 85  ARG A C   1 
ATOM   664 O O   . ARG A 1 84  ? 4.449   -5.091  -4.004  1.00 17.13 ? 85  ARG A O   1 
ATOM   665 C CB  . ARG A 1 84  ? 2.488   -7.186  -5.644  1.00 18.12 ? 85  ARG A CB  1 
ATOM   666 C CG  . ARG A 1 84  ? 2.315   -7.582  -4.203  1.00 15.61 ? 85  ARG A CG  1 
ATOM   667 C CD  . ARG A 1 84  ? 1.346   -8.712  -4.070  1.00 15.32 ? 85  ARG A CD  1 
ATOM   668 N NE  . ARG A 1 84  ? 1.805   -9.917  -4.738  1.00 17.36 ? 85  ARG A NE  1 
ATOM   669 C CZ  . ARG A 1 84  ? 2.723   -10.738 -4.247  1.00 17.70 ? 85  ARG A CZ  1 
ATOM   670 N NH1 . ARG A 1 84  ? 3.064   -11.819 -4.922  1.00 18.60 ? 85  ARG A NH1 1 
ATOM   671 N NH2 . ARG A 1 84  ? 3.306   -10.481 -3.087  1.00 16.77 ? 85  ARG A NH2 1 
ATOM   672 N N   . ALA A 1 85  ? 5.431   -6.102  -5.756  1.00 17.21 ? 86  ALA A N   1 
ATOM   673 C CA  . ALA A 1 85  ? 6.775   -5.955  -5.234  1.00 15.59 ? 86  ALA A CA  1 
ATOM   674 C C   . ALA A 1 85  ? 7.114   -4.487  -5.014  1.00 19.19 ? 86  ALA A C   1 
ATOM   675 O O   . ALA A 1 85  ? 7.607   -4.109  -3.948  1.00 19.38 ? 86  ALA A O   1 
ATOM   676 C CB  . ALA A 1 85  ? 7.773   -6.591  -6.173  1.00 15.76 ? 86  ALA A CB  1 
ATOM   677 N N   . GLY A 1 86  ? 6.838   -3.661  -6.023  1.00 19.28 ? 87  GLY A N   1 
ATOM   678 C CA  . GLY A 1 86  ? 7.114   -2.236  -5.950  1.00 17.10 ? 87  GLY A CA  1 
ATOM   679 C C   . GLY A 1 86  ? 6.307   -1.504  -4.893  1.00 17.54 ? 87  GLY A C   1 
ATOM   680 O O   . GLY A 1 86  ? 6.783   -0.544  -4.288  1.00 15.78 ? 87  GLY A O   1 
ATOM   681 N N   . LEU A 1 87  ? 5.074   -1.954  -4.676  1.00 19.89 ? 88  LEU A N   1 
ATOM   682 C CA  . LEU A 1 87  ? 4.211   -1.366  -3.658  1.00 18.31 ? 88  LEU A CA  1 
ATOM   683 C C   . LEU A 1 87  ? 4.658   -1.816  -2.283  1.00 17.70 ? 88  LEU A C   1 
ATOM   684 O O   . LEU A 1 87  ? 4.573   -1.071  -1.315  1.00 17.96 ? 88  LEU A O   1 
ATOM   685 C CB  . LEU A 1 87  ? 2.752   -1.750  -3.883  1.00 16.25 ? 88  LEU A CB  1 
ATOM   686 C CG  . LEU A 1 87  ? 2.090   -1.313  -5.184  1.00 16.07 ? 88  LEU A CG  1 
ATOM   687 C CD1 . LEU A 1 87  ? 0.707   -1.933  -5.304  1.00 16.57 ? 88  LEU A CD1 1 
ATOM   688 C CD2 . LEU A 1 87  ? 2.004   0.190   -5.244  1.00 15.69 ? 88  LEU A CD2 1 
ATOM   689 N N   . ASN A 1 88  ? 5.126   -3.050  -2.199  1.00 18.21 ? 89  ASN A N   1 
ATOM   690 C CA  . ASN A 1 88  ? 5.632   -3.540  -0.945  1.00 17.49 ? 89  ASN A CA  1 
ATOM   691 C C   . ASN A 1 88  ? 6.810   -2.710  -0.489  1.00 17.69 ? 89  ASN A C   1 
ATOM   692 O O   . ASN A 1 88  ? 6.869   -2.289  0.655   1.00 19.58 ? 89  ASN A O   1 
ATOM   693 C CB  . ASN A 1 88  ? 6.031   -4.999  -1.064  1.00 20.58 ? 89  ASN A CB  1 
ATOM   694 C CG  . ASN A 1 88  ? 6.446   -5.585  0.265   1.00 22.53 ? 89  ASN A CG  1 
ATOM   695 O OD1 . ASN A 1 88  ? 5.624   -5.730  1.168   1.00 22.02 ? 89  ASN A OD1 1 
ATOM   696 N ND2 . ASN A 1 88  ? 7.725   -5.925  0.396   1.00 21.37 ? 89  ASN A ND2 1 
ATOM   697 N N   . GLU A 1 89  ? 7.744   -2.467  -1.397  1.00 18.04 ? 90  GLU A N   1 
ATOM   698 C CA  . GLU A 1 89  ? 8.930   -1.688  -1.067  1.00 18.88 ? 90  GLU A CA  1 
ATOM   699 C C   . GLU A 1 89  ? 8.537   -0.254  -0.721  1.00 18.66 ? 90  GLU A C   1 
ATOM   700 O O   . GLU A 1 89  ? 9.133   0.371   0.154   1.00 19.40 ? 90  GLU A O   1 
ATOM   701 C CB  . GLU A 1 89  ? 9.935   -1.720  -2.219  1.00 17.00 ? 90  GLU A CB  1 
ATOM   702 N N   . PHE A 1 90  ? 7.513   0.251   -1.399  1.00 19.80 ? 91  PHE A N   1 
ATOM   703 C CA  . PHE A 1 90  ? 6.986   1.571   -1.102  1.00 18.24 ? 91  PHE A CA  1 
ATOM   704 C C   . PHE A 1 90  ? 6.551   1.681   0.353   1.00 19.22 ? 91  PHE A C   1 
ATOM   705 O O   . PHE A 1 90  ? 7.056   2.511   1.094   1.00 20.62 ? 91  PHE A O   1 
ATOM   706 C CB  . PHE A 1 90  ? 5.816   1.901   -2.030  1.00 18.21 ? 91  PHE A CB  1 
ATOM   707 C CG  . PHE A 1 90  ? 5.058   3.140   -1.635  1.00 19.89 ? 91  PHE A CG  1 
ATOM   708 C CD1 . PHE A 1 90  ? 5.689   4.377   -1.593  1.00 20.23 ? 91  PHE A CD1 1 
ATOM   709 C CD2 . PHE A 1 90  ? 3.713   3.073   -1.320  1.00 19.15 ? 91  PHE A CD2 1 
ATOM   710 C CE1 . PHE A 1 90  ? 4.995   5.524   -1.234  1.00 18.95 ? 91  PHE A CE1 1 
ATOM   711 C CE2 . PHE A 1 90  ? 3.014   4.219   -0.959  1.00 21.37 ? 91  PHE A CE2 1 
ATOM   712 C CZ  . PHE A 1 90  ? 3.657   5.446   -0.919  1.00 19.90 ? 91  PHE A CZ  1 
ATOM   713 N N   . ILE A 1 91  ? 5.622   0.837   0.772   1.00 19.19 ? 92  ILE A N   1 
ATOM   714 C CA  . ILE A 1 91  ? 5.082   0.973   2.112   1.00 20.68 ? 92  ILE A CA  1 
ATOM   715 C C   . ILE A 1 91  ? 6.088   0.560   3.188   1.00 20.64 ? 92  ILE A C   1 
ATOM   716 O O   . ILE A 1 91  ? 6.080   1.102   4.295   1.00 18.67 ? 92  ILE A O   1 
ATOM   717 C CB  . ILE A 1 91  ? 3.793   0.161   2.282   1.00 18.04 ? 92  ILE A CB  1 
ATOM   718 C CG1 . ILE A 1 91  ? 4.029   -1.302  1.937   1.00 18.78 ? 92  ILE A CG1 1 
ATOM   719 C CG2 . ILE A 1 91  ? 2.710   0.718   1.404   1.00 15.84 ? 92  ILE A CG2 1 
ATOM   720 C CD1 . ILE A 1 91  ? 2.983   -2.217  2.498   1.00 19.34 ? 92  ILE A CD1 1 
ATOM   721 N N   . GLN A 1 92  ? 6.964   -0.384  2.861   1.00 20.71 ? 93  GLN A N   1 
ATOM   722 C CA  . GLN A 1 92  ? 7.916   -0.882  3.839   1.00 21.39 ? 93  GLN A CA  1 
ATOM   723 C C   . GLN A 1 92  ? 8.946   0.178   4.161   1.00 24.52 ? 93  GLN A C   1 
ATOM   724 O O   . GLN A 1 92  ? 9.525   0.196   5.247   1.00 23.83 ? 93  GLN A O   1 
ATOM   725 C CB  . GLN A 1 92  ? 8.583   -2.159  3.346   1.00 20.22 ? 93  GLN A CB  1 
ATOM   726 C CG  . GLN A 1 92  ? 7.730   -3.383  3.593   1.00 22.21 ? 93  GLN A CG  1 
ATOM   727 C CD  . GLN A 1 92  ? 8.499   -4.666  3.430   1.00 28.79 ? 93  GLN A CD  1 
ATOM   728 O OE1 . GLN A 1 92  ? 9.602   -4.673  2.886   1.00 33.45 ? 93  GLN A OE1 1 
ATOM   729 N NE2 . GLN A 1 92  ? 7.926   -5.770  3.902   1.00 25.85 ? 93  GLN A NE2 1 
ATOM   730 N N   . ASN A 1 93  ? 9.154   1.081   3.215   1.00 26.19 ? 94  ASN A N   1 
ATOM   731 C CA  . ASN A 1 93  ? 9.997   2.227   3.480   1.00 27.09 ? 94  ASN A CA  1 
ATOM   732 C C   . ASN A 1 93  ? 9.272   3.276   4.312   1.00 26.60 ? 94  ASN A C   1 
ATOM   733 O O   . ASN A 1 93  ? 9.883   3.961   5.133   1.00 29.47 ? 94  ASN A O   1 
ATOM   734 C CB  . ASN A 1 93  ? 10.486  2.847   2.186   1.00 26.42 ? 94  ASN A CB  1 
ATOM   735 C CG  . ASN A 1 93  ? 11.646  3.770   2.416   1.00 35.53 ? 94  ASN A CG  1 
ATOM   736 O OD1 . ASN A 1 93  ? 12.778  3.323   2.604   1.00 39.49 ? 94  ASN A OD1 1 
ATOM   737 N ND2 . ASN A 1 93  ? 11.373  5.067   2.440   1.00 39.14 ? 94  ASN A ND2 1 
ATOM   738 N N   . LEU A 1 94  ? 7.968   3.395   4.091   1.00 24.94 ? 95  LEU A N   1 
ATOM   739 C CA  . LEU A 1 94  ? 7.147   4.326   4.844   1.00 24.80 ? 95  LEU A CA  1 
ATOM   740 C C   . LEU A 1 94  ? 7.219   4.066   6.335   1.00 26.45 ? 95  LEU A C   1 
ATOM   741 O O   . LEU A 1 94  ? 7.332   5.002   7.121   1.00 26.74 ? 95  LEU A O   1 
ATOM   742 C CB  . LEU A 1 94  ? 5.687   4.252   4.398   1.00 26.07 ? 95  LEU A CB  1 
ATOM   743 C CG  . LEU A 1 94  ? 5.228   4.998   3.146   1.00 25.17 ? 95  LEU A CG  1 
ATOM   744 C CD1 . LEU A 1 94  ? 3.715   4.899   2.985   1.00 19.31 ? 95  LEU A CD1 1 
ATOM   745 C CD2 . LEU A 1 94  ? 5.657   6.438   3.228   1.00 26.41 ? 95  LEU A CD2 1 
ATOM   746 N N   . VAL A 1 95  ? 7.147   2.794   6.722   1.00 27.51 ? 96  VAL A N   1 
ATOM   747 C CA  . VAL A 1 95  ? 7.016   2.437   8.136   1.00 24.78 ? 96  VAL A CA  1 
ATOM   748 C C   . VAL A 1 95  ? 8.353   2.437   8.862   1.00 25.61 ? 96  VAL A C   1 
ATOM   749 O O   . VAL A 1 95  ? 8.418   2.104   10.044  1.00 26.87 ? 96  VAL A O   1 
ATOM   750 C CB  . VAL A 1 95  ? 6.358   1.056   8.324   1.00 23.55 ? 96  VAL A CB  1 
ATOM   751 C CG1 . VAL A 1 95  ? 4.957   1.066   7.772   1.00 21.79 ? 96  VAL A CG1 1 
ATOM   752 C CG2 . VAL A 1 95  ? 7.178   -0.029  7.663   1.00 24.06 ? 96  VAL A CG2 1 
ATOM   753 N N   . ARG A 1 96  ? 9.414   2.816   8.156   1.00 27.89 ? 97  ARG A N   1 
ATOM   754 C CA  . ARG A 1 96  ? 10.738  2.933   8.759   1.00 28.39 ? 97  ARG A CA  1 
ATOM   755 C C   . ARG A 1 96  ? 10.882  4.230   9.534   1.00 26.41 ? 97  ARG A C   1 
ATOM   756 O O   . ARG A 1 96  ? 11.674  4.320   10.461  1.00 27.37 ? 97  ARG A O   1 
ATOM   757 C CB  . ARG A 1 96  ? 11.822  2.844   7.686   1.00 28.94 ? 97  ARG A CB  1 
ATOM   758 C CG  . ARG A 1 96  ? 12.103  1.432   7.232   1.00 33.49 ? 97  ARG A CG  1 
ATOM   759 C CD  . ARG A 1 96  ? 13.093  1.400   6.091   1.00 34.60 ? 97  ARG A CD  1 
ATOM   760 N NE  . ARG A 1 96  ? 13.828  2.651   5.986   1.00 38.20 ? 97  ARG A NE  1 
ATOM   761 C CZ  . ARG A 1 96  ? 14.745  2.897   5.057   1.00 44.99 ? 97  ARG A CZ  1 
ATOM   762 N NH1 . ARG A 1 96  ? 15.030  1.972   4.145   1.00 45.90 ? 97  ARG A NH1 1 
ATOM   763 N NH2 . ARG A 1 96  ? 15.375  4.069   5.038   1.00 46.36 ? 97  ARG A NH2 1 
ATOM   764 N N   . TYR A 1 97  ? 10.103  5.232   9.150   1.00 27.07 ? 98  TYR A N   1 
ATOM   765 C CA  . TYR A 1 97  ? 10.236  6.556   9.731   1.00 26.09 ? 98  TYR A CA  1 
ATOM   766 C C   . TYR A 1 97  ? 9.016   6.914   10.544  1.00 24.21 ? 98  TYR A C   1 
ATOM   767 O O   . TYR A 1 97  ? 7.901   6.916   10.031  1.00 23.56 ? 98  TYR A O   1 
ATOM   768 C CB  . TYR A 1 97  ? 10.458  7.602   8.640   1.00 27.66 ? 98  TYR A CB  1 
ATOM   769 C CG  . TYR A 1 97  ? 11.566  7.250   7.683   1.00 28.05 ? 98  TYR A CG  1 
ATOM   770 C CD1 . TYR A 1 97  ? 11.281  6.788   6.407   1.00 29.12 ? 98  TYR A CD1 1 
ATOM   771 C CD2 . TYR A 1 97  ? 12.886  7.361   8.059   1.00 27.32 ? 98  TYR A CD2 1 
ATOM   772 C CE1 . TYR A 1 97  ? 12.282  6.463   5.530   1.00 34.02 ? 98  TYR A CE1 1 
ATOM   773 C CE2 . TYR A 1 97  ? 13.895  7.036   7.195   1.00 35.37 ? 98  TYR A CE2 1 
ATOM   774 C CZ  . TYR A 1 97  ? 13.593  6.587   5.929   1.00 40.46 ? 98  TYR A CZ  1 
ATOM   775 O OH  . TYR A 1 97  ? 14.608  6.258   5.052   1.00 45.47 ? 98  TYR A OH  1 
ATOM   776 N N   . PRO A 1 98  ? 9.229   7.210   11.828  1.00 25.40 ? 99  PRO A N   1 
ATOM   777 C CA  . PRO A 1 98  ? 8.156   7.663   12.717  1.00 23.50 ? 99  PRO A CA  1 
ATOM   778 C C   . PRO A 1 98  ? 7.525   8.972   12.255  1.00 21.56 ? 99  PRO A C   1 
ATOM   779 O O   . PRO A 1 98  ? 6.403   9.252   12.629  1.00 22.76 ? 99  PRO A O   1 
ATOM   780 C CB  . PRO A 1 98  ? 8.859   7.823   14.073  1.00 25.02 ? 99  PRO A CB  1 
ATOM   781 C CG  . PRO A 1 98  ? 10.322  7.636   13.809  1.00 25.33 ? 99  PRO A CG  1 
ATOM   782 C CD  . PRO A 1 98  ? 10.448  6.851   12.564  1.00 24.80 ? 99  PRO A CD  1 
ATOM   783 N N   . GLU A 1 99  ? 8.229   9.748   11.441  1.00 23.30 ? 100 GLU A N   1 
ATOM   784 C CA  . GLU A 1 99  ? 7.682   10.974  10.864  1.00 22.86 ? 100 GLU A CA  1 
ATOM   785 C C   . GLU A 1 99  ? 6.561   10.621  9.910   1.00 25.44 ? 100 GLU A C   1 
ATOM   786 O O   . GLU A 1 99  ? 5.669   11.428  9.626   1.00 22.50 ? 100 GLU A O   1 
ATOM   787 C CB  . GLU A 1 99  ? 8.761   11.751  10.116  1.00 21.95 ? 100 GLU A CB  1 
ATOM   788 C CG  . GLU A 1 99  ? 8.838   13.217  10.460  1.00 24.06 ? 100 GLU A CG  1 
ATOM   789 C CD  . GLU A 1 99  ? 9.856   13.967  9.608   1.00 29.04 ? 100 GLU A CD  1 
ATOM   790 O OE1 . GLU A 1 99  ? 9.620   14.159  8.401   1.00 30.07 ? 100 GLU A OE1 1 
ATOM   791 O OE2 . GLU A 1 99  ? 10.908  14.352  10.143  1.00 32.19 ? 100 GLU A OE2 1 
ATOM   792 N N   . LEU A 1 100 ? 6.635   9.395   9.403   1.00 25.58 ? 101 LEU A N   1 
ATOM   793 C CA  . LEU A 1 100 ? 5.695   8.916   8.419   1.00 23.46 ? 101 LEU A CA  1 
ATOM   794 C C   . LEU A 1 100 ? 4.646   8.046   9.060   1.00 21.25 ? 101 LEU A C   1 
ATOM   795 O O   . LEU A 1 100 ? 3.478   8.200   8.766   1.00 21.75 ? 101 LEU A O   1 
ATOM   796 C CB  . LEU A 1 100 ? 6.412   8.140   7.327   1.00 24.79 ? 101 LEU A CB  1 
ATOM   797 C CG  . LEU A 1 100 ? 7.403   8.920   6.477   1.00 23.94 ? 101 LEU A CG  1 
ATOM   798 C CD1 . LEU A 1 100 ? 7.964   7.977   5.440   1.00 26.49 ? 101 LEU A CD1 1 
ATOM   799 C CD2 . LEU A 1 100 ? 6.713   10.096  5.836   1.00 22.70 ? 101 LEU A CD2 1 
ATOM   800 N N   . TYR A 1 101 ? 5.033   7.134   9.941   1.00 21.49 ? 102 TYR A N   1 
ATOM   801 C CA  . TYR A 1 101 ? 4.006   6.258   10.497  1.00 22.40 ? 102 TYR A CA  1 
ATOM   802 C C   . TYR A 1 101 ? 3.253   6.942   11.648  1.00 22.87 ? 102 TYR A C   1 
ATOM   803 O O   . TYR A 1 101 ? 2.392   6.330   12.280  1.00 22.11 ? 102 TYR A O   1 
ATOM   804 C CB  . TYR A 1 101 ? 4.579   4.881   10.915  1.00 21.96 ? 102 TYR A CB  1 
ATOM   805 C CG  . TYR A 1 101 ? 5.598   4.791   12.050  1.00 24.69 ? 102 TYR A CG  1 
ATOM   806 C CD1 . TYR A 1 101 ? 5.246   5.079   13.367  1.00 24.04 ? 102 TYR A CD1 1 
ATOM   807 C CD2 . TYR A 1 101 ? 6.885   4.323   11.811  1.00 26.03 ? 102 TYR A CD2 1 
ATOM   808 C CE1 . TYR A 1 101 ? 6.159   4.959   14.392  1.00 23.56 ? 102 TYR A CE1 1 
ATOM   809 C CE2 . TYR A 1 101 ? 7.806   4.193   12.833  1.00 25.27 ? 102 TYR A CE2 1 
ATOM   810 C CZ  . TYR A 1 101 ? 7.436   4.510   14.119  1.00 26.05 ? 102 TYR A CZ  1 
ATOM   811 O OH  . TYR A 1 101 ? 8.350   4.383   15.136  1.00 28.62 ? 102 TYR A OH  1 
ATOM   812 N N   . ASN A 1 102 ? 3.558   8.218   11.886  1.00 24.39 ? 103 ASN A N   1 
ATOM   813 C CA  . ASN A 1 102 ? 2.718   9.066   12.729  1.00 22.32 ? 103 ASN A CA  1 
ATOM   814 C C   . ASN A 1 102 ? 1.952   10.085  11.906  1.00 21.82 ? 103 ASN A C   1 
ATOM   815 O O   . ASN A 1 102 ? 1.239   10.930  12.434  1.00 23.62 ? 103 ASN A O   1 
ATOM   816 C CB  . ASN A 1 102 ? 3.541   9.784   13.776  1.00 19.80 ? 103 ASN A CB  1 
ATOM   817 C CG  . ASN A 1 102 ? 3.780   8.943   14.988  1.00 20.11 ? 103 ASN A CG  1 
ATOM   818 O OD1 . ASN A 1 102 ? 2.876   8.734   15.794  1.00 23.39 ? 103 ASN A OD1 1 
ATOM   819 N ND2 . ASN A 1 102 ? 5.005   8.463   15.142  1.00 21.28 ? 103 ASN A ND2 1 
ATOM   820 N N   . HIS A 1 103 ? 2.117   9.999   10.600  1.00 22.12 ? 104 HIS A N   1 
ATOM   821 C CA  . HIS A 1 103 ? 1.333   10.784  9.678   1.00 20.12 ? 104 HIS A CA  1 
ATOM   822 C C   . HIS A 1 103 ? -0.085  10.230  9.607   1.00 20.60 ? 104 HIS A C   1 
ATOM   823 O O   . HIS A 1 103 ? -0.264  9.031   9.434   1.00 22.39 ? 104 HIS A O   1 
ATOM   824 C CB  . HIS A 1 103 ? 1.985   10.764  8.307   1.00 21.13 ? 104 HIS A CB  1 
ATOM   825 C CG  . HIS A 1 103 ? 1.404   11.754  7.359   1.00 21.11 ? 104 HIS A CG  1 
ATOM   826 N ND1 . HIS A 1 103 ? 0.180   11.575  6.761   1.00 19.50 ? 104 HIS A ND1 1 
ATOM   827 C CD2 . HIS A 1 103 ? 1.876   12.940  6.920   1.00 22.15 ? 104 HIS A CD2 1 
ATOM   828 C CE1 . HIS A 1 103 ? -0.083  12.613  5.989   1.00 22.19 ? 104 HIS A CE1 1 
ATOM   829 N NE2 . HIS A 1 103 ? 0.933   13.456  6.067   1.00 24.36 ? 104 HIS A NE2 1 
ATOM   830 N N   . PRO A 1 104 ? -1.097  11.102  9.742   1.00 20.97 ? 105 PRO A N   1 
ATOM   831 C CA  . PRO A 1 104 ? -2.507  10.702  9.790   1.00 20.68 ? 105 PRO A CA  1 
ATOM   832 C C   . PRO A 1 104 ? -2.981  9.948   8.555   1.00 19.33 ? 105 PRO A C   1 
ATOM   833 O O   . PRO A 1 104 ? -3.792  9.040   8.671   1.00 20.50 ? 105 PRO A O   1 
ATOM   834 C CB  . PRO A 1 104 ? -3.246  12.038  9.913   1.00 23.88 ? 105 PRO A CB  1 
ATOM   835 C CG  . PRO A 1 104 ? -2.261  13.079  9.468   1.00 22.45 ? 105 PRO A CG  1 
ATOM   836 C CD  . PRO A 1 104 ? -0.937  12.556  9.896   1.00 21.46 ? 105 PRO A CD  1 
ATOM   837 N N   . ASP A 1 105 ? -2.485  10.325  7.387   1.00 22.01 ? 106 ASP A N   1 
ATOM   838 C CA  . ASP A 1 105 ? -2.889  9.673   6.143   1.00 22.14 ? 106 ASP A CA  1 
ATOM   839 C C   . ASP A 1 105 ? -2.292  8.269   6.019   1.00 21.29 ? 106 ASP A C   1 
ATOM   840 O O   . ASP A 1 105 ? -2.879  7.378   5.392   1.00 20.81 ? 106 ASP A O   1 
ATOM   841 C CB  . ASP A 1 105 ? -2.481  10.524  4.937   1.00 24.80 ? 106 ASP A CB  1 
ATOM   842 C CG  . ASP A 1 105 ? -3.159  11.896  4.920   1.00 26.04 ? 106 ASP A CG  1 
ATOM   843 O OD1 . ASP A 1 105 ? -4.187  12.069  5.611   1.00 28.23 ? 106 ASP A OD1 1 
ATOM   844 O OD2 . ASP A 1 105 ? -2.668  12.798  4.201   1.00 26.17 ? 106 ASP A OD2 1 
ATOM   845 N N   . VAL A 1 106 ? -1.123  8.087   6.620   1.00 20.05 ? 107 VAL A N   1 
ATOM   846 C CA  . VAL A 1 106 ? -0.456  6.796   6.643   1.00 19.71 ? 107 VAL A CA  1 
ATOM   847 C C   . VAL A 1 106 ? -1.142  5.857   7.636   1.00 21.23 ? 107 VAL A C   1 
ATOM   848 O O   . VAL A 1 106 ? -1.389  4.693   7.318   1.00 21.97 ? 107 VAL A O   1 
ATOM   849 C CB  . VAL A 1 106 ? 1.037   6.954   6.997   1.00 19.51 ? 107 VAL A CB  1 
ATOM   850 C CG1 . VAL A 1 106 ? 1.730   5.605   7.035   1.00 17.96 ? 107 VAL A CG1 1 
ATOM   851 C CG2 . VAL A 1 106 ? 1.713   7.859   6.000   1.00 18.57 ? 107 VAL A CG2 1 
ATOM   852 N N   . ARG A 1 107 ? -1.461  6.369   8.826   1.00 20.35 ? 108 ARG A N   1 
ATOM   853 C CA  . ARG A 1 107 ? -2.101  5.578   9.879   1.00 20.24 ? 108 ARG A CA  1 
ATOM   854 C C   . ARG A 1 107 ? -3.475  5.079   9.465   1.00 20.24 ? 108 ARG A C   1 
ATOM   855 O O   . ARG A 1 107 ? -3.884  3.983   9.833   1.00 19.64 ? 108 ARG A O   1 
ATOM   856 C CB  . ARG A 1 107 ? -2.219  6.389   11.173  1.00 20.61 ? 108 ARG A CB  1 
ATOM   857 C CG  . ARG A 1 107 ? -0.888  6.755   11.792  1.00 21.11 ? 108 ARG A CG  1 
ATOM   858 C CD  . ARG A 1 107 ? -1.031  7.367   13.171  1.00 22.57 ? 108 ARG A CD  1 
ATOM   859 N NE  . ARG A 1 107 ? -1.446  6.402   14.186  1.00 26.38 ? 108 ARG A NE  1 
ATOM   860 C CZ  . ARG A 1 107 ? -0.610  5.659   14.904  1.00 27.19 ? 108 ARG A CZ  1 
ATOM   861 N NH1 . ARG A 1 107 ? 0.698   5.754   14.718  1.00 25.04 ? 108 ARG A NH1 1 
ATOM   862 N NH2 . ARG A 1 107 ? -1.086  4.811   15.807  1.00 26.26 ? 108 ARG A NH2 1 
ATOM   863 N N   . ALA A 1 108 ? -4.187  5.905   8.706   1.00 20.20 ? 109 ALA A N   1 
ATOM   864 C CA  . ALA A 1 108 ? -5.501  5.550   8.195   1.00 18.84 ? 109 ALA A CA  1 
ATOM   865 C C   . ALA A 1 108 ? -5.390  4.495   7.105   1.00 18.77 ? 109 ALA A C   1 
ATOM   866 O O   . ALA A 1 108 ? -6.166  3.556   7.067   1.00 19.51 ? 109 ALA A O   1 
ATOM   867 C CB  . ALA A 1 108 ? -6.215  6.782   7.666   1.00 18.66 ? 109 ALA A CB  1 
ATOM   868 N N   . PHE A 1 109 ? -4.420  4.668   6.217   1.00 19.44 ? 110 PHE A N   1 
ATOM   869 C CA  . PHE A 1 109 ? -4.180  3.739   5.118   1.00 19.59 ? 110 PHE A CA  1 
ATOM   870 C C   . PHE A 1 109 ? -3.934  2.322   5.646   1.00 19.10 ? 110 PHE A C   1 
ATOM   871 O O   . PHE A 1 109 ? -4.460  1.344   5.121   1.00 17.04 ? 110 PHE A O   1 
ATOM   872 C CB  . PHE A 1 109 ? -2.993  4.230   4.275   1.00 18.55 ? 110 PHE A CB  1 
ATOM   873 C CG  . PHE A 1 109 ? -2.691  3.376   3.077   1.00 17.12 ? 110 PHE A CG  1 
ATOM   874 C CD1 . PHE A 1 109 ? -1.697  2.412   3.126   1.00 17.99 ? 110 PHE A CD1 1 
ATOM   875 C CD2 . PHE A 1 109 ? -3.380  3.543   1.905   1.00 15.68 ? 110 PHE A CD2 1 
ATOM   876 C CE1 . PHE A 1 109 ? -1.415  1.624   2.032   1.00 14.49 ? 110 PHE A CE1 1 
ATOM   877 C CE2 . PHE A 1 109 ? -3.092  2.761   0.814   1.00 15.93 ? 110 PHE A CE2 1 
ATOM   878 C CZ  . PHE A 1 109 ? -2.108  1.803   0.883   1.00 13.55 ? 110 PHE A CZ  1 
ATOM   879 N N   . LEU A 1 110 ? -3.150  2.224   6.711   1.00 20.11 ? 111 LEU A N   1 
ATOM   880 C CA  . LEU A 1 110 ? -2.814  0.934   7.289   1.00 19.94 ? 111 LEU A CA  1 
ATOM   881 C C   . LEU A 1 110 ? -3.727  0.595   8.459   1.00 19.72 ? 111 LEU A C   1 
ATOM   882 O O   . LEU A 1 110 ? -3.519  -0.388  9.153   1.00 20.56 ? 111 LEU A O   1 
ATOM   883 C CB  . LEU A 1 110 ? -1.356  0.929   7.730   1.00 20.59 ? 111 LEU A CB  1 
ATOM   884 C CG  . LEU A 1 110 ? -0.333  1.273   6.645   1.00 17.27 ? 111 LEU A CG  1 
ATOM   885 C CD1 . LEU A 1 110 ? 0.988   1.555   7.284   1.00 17.78 ? 111 LEU A CD1 1 
ATOM   886 C CD2 . LEU A 1 110 ? -0.192  0.150   5.638   1.00 15.17 ? 111 LEU A CD2 1 
ATOM   887 N N   . GLN A 1 111 ? -4.739  1.425   8.657   1.00 22.05 ? 112 GLN A N   1 
ATOM   888 C CA  . GLN A 1 111 ? -5.743  1.207   9.682   1.00 21.84 ? 112 GLN A CA  1 
ATOM   889 C C   . GLN A 1 111 ? -5.121  1.018   11.039  1.00 24.92 ? 112 GLN A C   1 
ATOM   890 O O   . GLN A 1 111 ? -5.409  0.046   11.721  1.00 25.70 ? 112 GLN A O   1 
ATOM   891 C CB  . GLN A 1 111 ? -6.607  -0.001  9.334   1.00 22.38 ? 112 GLN A CB  1 
ATOM   892 C CG  . GLN A 1 111 ? -7.608  0.260   8.224   1.00 25.42 ? 112 GLN A CG  1 
ATOM   893 C CD  . GLN A 1 111 ? -8.723  1.192   8.651   1.00 31.19 ? 112 GLN A CD  1 
ATOM   894 O OE1 . GLN A 1 111 ? -8.495  2.372   8.912   1.00 31.08 ? 112 GLN A OE1 1 
ATOM   895 N NE2 . GLN A 1 111 ? -9.939  0.663   8.736   1.00 34.19 ? 112 GLN A NE2 1 
ATOM   896 N N   . MET A 1 112 ? -4.269  1.951   11.436  1.00 24.42 ? 113 MET A N   1 
ATOM   897 C CA  . MET A 1 112 ? -3.523  1.783   12.669  1.00 23.89 ? 113 MET A CA  1 
ATOM   898 C C   . MET A 1 112 ? -4.244  2.339   13.882  1.00 26.66 ? 113 MET A C   1 
ATOM   899 O O   . MET A 1 112 ? -3.733  2.249   14.986  1.00 30.19 ? 113 MET A O   1 
ATOM   900 C CB  . MET A 1 112 ? -2.153  2.436   12.538  1.00 24.86 ? 113 MET A CB  1 
ATOM   901 C CG  . MET A 1 112 ? -1.284  1.789   11.471  1.00 24.91 ? 113 MET A CG  1 
ATOM   902 S SD  . MET A 1 112 ? 0.284   2.625   11.269  1.00 24.04 ? 113 MET A SD  1 
ATOM   903 C CE  . MET A 1 112 ? 0.878   2.638   12.961  1.00 22.45 ? 113 MET A CE  1 
ATOM   904 N N   . ASP A 1 113 ? -5.431  2.905   13.686  1.00 27.48 ? 114 ASP A N   1 
ATOM   905 C CA  . ASP A 1 113 ? -6.146  3.542   14.790  1.00 30.66 ? 114 ASP A CA  1 
ATOM   906 C C   . ASP A 1 113 ? -7.596  3.098   14.890  1.00 36.20 ? 114 ASP A C   1 
ATOM   907 O O   . ASP A 1 113 ? -8.366  3.648   15.678  1.00 38.80 ? 114 ASP A O   1 
ATOM   908 C CB  . ASP A 1 113 ? -6.097  5.065   14.655  1.00 31.15 ? 114 ASP A CB  1 
ATOM   909 C CG  . ASP A 1 113 ? -4.711  5.627   14.886  1.00 33.56 ? 114 ASP A CG  1 
ATOM   910 O OD1 . ASP A 1 113 ? -4.087  5.279   15.910  1.00 35.09 ? 114 ASP A OD1 1 
ATOM   911 O OD2 . ASP A 1 113 ? -4.240  6.414   14.043  1.00 32.68 ? 114 ASP A OD2 1 
ATOM   912 N N   . SER A 1 114 ? -7.973  2.118   14.079  1.00 36.82 ? 115 SER A N   1 
ATOM   913 C CA  . SER A 1 114 ? -9.313  1.554   14.152  1.00 35.92 ? 115 SER A CA  1 
ATOM   914 C C   . SER A 1 114 ? -9.487  0.862   15.502  1.00 37.26 ? 115 SER A C   1 
ATOM   915 O O   . SER A 1 114 ? -8.586  0.167   15.966  1.00 35.46 ? 115 SER A O   1 
ATOM   916 C CB  . SER A 1 114 ? -9.551  0.579   12.999  1.00 35.38 ? 115 SER A CB  1 
ATOM   917 O OG  . SER A 1 114 ? -10.453 -0.447  13.357  1.00 39.04 ? 115 SER A OG  1 
ATOM   918 N N   . PRO A 1 115 ? -10.636 1.083   16.156  1.00 41.74 ? 116 PRO A N   1 
ATOM   919 C CA  . PRO A 1 115 ? -10.964 0.461   17.446  1.00 42.75 ? 116 PRO A CA  1 
ATOM   920 C C   . PRO A 1 115 ? -11.097 -1.063  17.334  1.00 45.33 ? 116 PRO A C   1 
ATOM   921 O O   . PRO A 1 115 ? -10.915 -1.797  18.309  1.00 45.91 ? 116 PRO A O   1 
ATOM   922 C CB  . PRO A 1 115 ? -12.303 1.112   17.813  1.00 46.30 ? 116 PRO A CB  1 
ATOM   923 C CG  . PRO A 1 115 ? -12.353 2.374   17.001  1.00 43.36 ? 116 PRO A CG  1 
ATOM   924 C CD  . PRO A 1 115 ? -11.669 2.037   15.724  1.00 41.39 ? 116 PRO A CD  1 
ATOM   925 N N   . LYS A 1 116 ? -11.396 -1.519  16.122  1.00 43.87 ? 117 LYS A N   1 
ATOM   926 C CA  . LYS A 1 116 ? -11.536 -2.933  15.809  1.00 40.96 ? 117 LYS A CA  1 
ATOM   927 C C   . LYS A 1 116 ? -10.257 -3.743  16.084  1.00 40.89 ? 117 LYS A C   1 
ATOM   928 O O   . LYS A 1 116 ? -10.308 -4.962  16.261  1.00 39.83 ? 117 LYS A O   1 
ATOM   929 C CB  . LYS A 1 116 ? -11.955 -3.083  14.345  1.00 43.26 ? 117 LYS A CB  1 
ATOM   930 C CG  . LYS A 1 116 ? -13.205 -2.276  13.993  1.00 47.69 ? 117 LYS A CG  1 
ATOM   931 C CD  . LYS A 1 116 ? -14.421 -2.766  14.781  1.00 48.21 ? 117 LYS A CD  1 
ATOM   932 C CE  . LYS A 1 116 ? -15.727 -2.092  14.347  1.00 46.35 ? 117 LYS A CE  1 
ATOM   933 N NZ  . LYS A 1 116 ? -15.839 -0.659  14.723  1.00 51.14 ? 117 LYS A NZ  1 
ATOM   934 N N   . HIS A 1 117 ? -9.113  -3.067  16.125  1.00 42.25 ? 118 HIS A N   1 
ATOM   935 C CA  . HIS A 1 117 ? -7.837  -3.742  16.382  1.00 40.27 ? 118 HIS A CA  1 
ATOM   936 C C   . HIS A 1 117 ? -7.453  -3.837  17.871  1.00 43.20 ? 118 HIS A C   1 
ATOM   937 O O   . HIS A 1 117 ? -6.276  -3.720  18.222  1.00 40.53 ? 118 HIS A O   1 
ATOM   938 C CB  . HIS A 1 117 ? -6.704  -3.057  15.616  1.00 31.95 ? 118 HIS A CB  1 
ATOM   939 C CG  . HIS A 1 117 ? -6.965  -2.910  14.154  1.00 30.57 ? 118 HIS A CG  1 
ATOM   940 N ND1 . HIS A 1 117 ? -7.667  -3.838  13.416  1.00 31.52 ? 118 HIS A ND1 1 
ATOM   941 C CD2 . HIS A 1 117 ? -6.591  -1.946  13.274  1.00 28.94 ? 118 HIS A CD2 1 
ATOM   942 C CE1 . HIS A 1 117 ? -7.729  -3.449  12.158  1.00 29.58 ? 118 HIS A CE1 1 
ATOM   943 N NE2 . HIS A 1 117 ? -7.083  -2.305  12.043  1.00 30.43 ? 118 HIS A NE2 1 
ATOM   944 N N   . GLN A 1 118 ? -8.452  -4.041  18.731  1.00 46.93 ? 119 GLN A N   1 
ATOM   945 C CA  . GLN A 1 118 ? -8.251  -4.618  20.063  1.00 51.24 ? 119 GLN A CA  1 
ATOM   946 C C   . GLN A 1 118 ? -9.413  -5.564  20.342  1.00 51.09 ? 119 GLN A C   1 
ATOM   947 O O   . GLN A 1 118 ? -9.486  -6.680  19.813  1.00 45.26 ? 119 GLN A O   1 
ATOM   948 C CB  . GLN A 1 118 ? -8.163  -3.551  21.163  1.00 53.92 ? 119 GLN A CB  1 
ATOM   949 C CG  . GLN A 1 118 ? -7.283  -3.958  22.379  1.00 56.87 ? 119 GLN A CG  1 
ATOM   950 C CD  . GLN A 1 118 ? -7.748  -5.217  23.174  1.00 60.58 ? 119 GLN A CD  1 
ATOM   951 O OE1 . GLN A 1 118 ? -8.865  -5.705  23.036  1.00 61.01 ? 119 GLN A OE1 1 
ATOM   952 N NE2 . GLN A 1 118 ? -6.841  -5.766  23.969  1.00 61.77 ? 119 GLN A NE2 1 
HETATM 953 C C1  . GOL B 2 .   ? -0.996  -12.239 -8.736  1.00 23.25 ? 201 GOL A C1  1 
HETATM 954 O O1  . GOL B 2 .   ? -0.928  -12.180 -10.146 1.00 23.36 ? 201 GOL A O1  1 
HETATM 955 C C2  . GOL B 2 .   ? 0.017   -11.268 -8.138  1.00 21.73 ? 201 GOL A C2  1 
HETATM 956 O O2  . GOL B 2 .   ? -0.403  -10.863 -6.856  1.00 20.10 ? 201 GOL A O2  1 
HETATM 957 C C3  . GOL B 2 .   ? 1.337   -11.991 -7.968  1.00 22.71 ? 201 GOL A C3  1 
HETATM 958 O O3  . GOL B 2 .   ? 1.601   -12.057 -6.589  1.00 25.07 ? 201 GOL A O3  1 
HETATM 959 O O   . HOH C 3 .   ? 2.888   -7.516  9.193   1.00 24.23 ? 301 HOH A O   1 
HETATM 960 O O   . HOH C 3 .   ? -2.965  -11.990 -11.296 1.00 22.02 ? 302 HOH A O   1 
HETATM 961 O O   . HOH C 3 .   ? 2.603   -0.706  -11.690 1.00 22.81 ? 303 HOH A O   1 
HETATM 962 O O   . HOH C 3 .   ? -4.007  -10.355 -8.564  1.00 19.84 ? 304 HOH A O   1 
HETATM 963 O O   . HOH C 3 .   ? 3.393   -9.883  12.581  1.00 27.49 ? 305 HOH A O   1 
HETATM 964 O O   . HOH C 3 .   ? -4.237  -4.656  -11.825 1.00 26.75 ? 306 HOH A O   1 
HETATM 965 O O   . HOH C 3 .   ? -16.306 -5.085  -6.205  1.00 37.71 ? 307 HOH A O   1 
HETATM 966 O O   . HOH C 3 .   ? -3.268  -3.237  -9.727  1.00 18.14 ? 308 HOH A O   1 
HETATM 967 O O   . HOH C 3 .   ? -5.773  -9.074  -10.428 1.00 24.29 ? 309 HOH A O   1 
HETATM 968 O O   . HOH C 3 .   ? 9.365   -2.625  9.973   1.00 27.88 ? 310 HOH A O   1 
HETATM 969 O O   . HOH C 3 .   ? -5.063  -2.125  -8.148  1.00 20.05 ? 311 HOH A O   1 
HETATM 970 O O   . HOH C 3 .   ? -1.220  -13.258 -5.428  1.00 21.27 ? 312 HOH A O   1 
HETATM 971 O O   . HOH C 3 .   ? -7.234  -2.441  -10.109 1.00 25.90 ? 313 HOH A O   1 
HETATM 972 O O   . HOH C 3 .   ? -3.447  -0.605  -19.522 1.00 22.59 ? 314 HOH A O   1 
HETATM 973 O O   . HOH C 3 .   ? 7.971   -3.686  7.128   1.00 20.67 ? 315 HOH A O   1 
HETATM 974 O O   . HOH C 3 .   ? 5.302   14.431  9.697   1.00 21.93 ? 316 HOH A O   1 
HETATM 975 O O   . HOH C 3 .   ? 3.054   -12.796 10.531  1.00 24.95 ? 317 HOH A O   1 
HETATM 976 O O   . HOH C 3 .   ? 0.535   -9.253  -21.836 1.00 21.08 ? 318 HOH A O   1 
HETATM 977 O O   . HOH C 3 .   ? -6.910  0.804   -8.574  1.00 21.16 ? 319 HOH A O   1 
HETATM 978 O O   . HOH C 3 .   ? 0.735   -6.893  -22.902 1.00 22.04 ? 320 HOH A O   1 
HETATM 979 O O   . HOH C 3 .   ? 0.559   -14.772 -3.962  1.00 24.91 ? 321 HOH A O   1 
# 
loop_
_pdbx_poly_seq_scheme.asym_id 
_pdbx_poly_seq_scheme.entity_id 
_pdbx_poly_seq_scheme.seq_id 
_pdbx_poly_seq_scheme.mon_id 
_pdbx_poly_seq_scheme.ndb_seq_num 
_pdbx_poly_seq_scheme.pdb_seq_num 
_pdbx_poly_seq_scheme.auth_seq_num 
_pdbx_poly_seq_scheme.pdb_mon_id 
_pdbx_poly_seq_scheme.auth_mon_id 
_pdbx_poly_seq_scheme.pdb_strand_id 
_pdbx_poly_seq_scheme.pdb_ins_code 
_pdbx_poly_seq_scheme.hetero 
A 1 1   GLY 1   2   ?   ?   ?   A . n 
A 1 2   SER 2   3   ?   ?   ?   A . n 
A 1 3   LYS 3   4   ?   ?   ?   A . n 
A 1 4   GLU 4   5   ?   ?   ?   A . n 
A 1 5   SER 5   6   6   SER SER A . n 
A 1 6   CYS 6   7   7   CYS CYS A . n 
A 1 7   PRO 7   8   8   PRO PRO A . n 
A 1 8   SER 8   9   9   SER SER A . n 
A 1 9   VAL 9   10  10  VAL VAL A . n 
A 1 10  SER 10  11  11  SER SER A . n 
A 1 11  ILE 11  12  12  ILE ILE A . n 
A 1 12  PRO 12  13  13  PRO PRO A . n 
A 1 13  SER 13  14  14  SER SER A . n 
A 1 14  SER 14  15  15  SER SER A . n 
A 1 15  ASP 15  16  16  ASP ASP A . n 
A 1 16  GLU 16  17  17  GLU GLU A . n 
A 1 17  HIS 17  18  18  HIS HIS A . n 
A 1 18  ARG 18  19  19  ARG ARG A . n 
A 1 19  GLU 19  20  20  GLU GLU A . n 
A 1 20  LYS 20  21  21  LYS LYS A . n 
A 1 21  LYS 21  22  22  LYS LYS A . n 
A 1 22  LYS 22  23  23  LYS LYS A . n 
A 1 23  ARG 23  24  24  ARG ARG A . n 
A 1 24  PHE 24  25  25  PHE PHE A . n 
A 1 25  THR 25  26  26  THR THR A . n 
A 1 26  VAL 26  27  27  VAL VAL A . n 
A 1 27  TYR 27  28  28  TYR TYR A . n 
A 1 28  LYS 28  29  29  LYS LYS A . n 
A 1 29  VAL 29  30  30  VAL VAL A . n 
A 1 30  LEU 30  31  31  LEU LEU A . n 
A 1 31  VAL 31  32  32  VAL VAL A . n 
A 1 32  SER 32  33  33  SER SER A . n 
A 1 33  VAL 33  34  34  VAL VAL A . n 
A 1 34  GLY 34  35  35  GLY GLY A . n 
A 1 35  ARG 35  36  36  ARG ARG A . n 
A 1 36  SER 36  37  37  SER SER A . n 
A 1 37  GLU 37  38  38  GLU GLU A . n 
A 1 38  TRP 38  39  39  TRP TRP A . n 
A 1 39  PHE 39  40  40  PHE PHE A . n 
A 1 40  VAL 40  41  41  VAL VAL A . n 
A 1 41  PHE 41  42  42  PHE PHE A . n 
A 1 42  ARG 42  43  43  ARG ARG A . n 
A 1 43  ARG 43  44  44  ARG ARG A . n 
A 1 44  TYR 44  45  45  TYR TYR A . n 
A 1 45  ALA 45  46  46  ALA ALA A . n 
A 1 46  GLU 46  47  47  GLU GLU A . n 
A 1 47  PHE 47  48  48  PHE PHE A . n 
A 1 48  ASP 48  49  49  ASP ASP A . n 
A 1 49  LYS 49  50  50  LYS LYS A . n 
A 1 50  LEU 50  51  51  LEU LEU A . n 
A 1 51  TYR 51  52  52  TYR TYR A . n 
A 1 52  ASN 52  53  53  ASN ASN A . n 
A 1 53  THR 53  54  54  THR THR A . n 
A 1 54  LEU 54  55  55  LEU LEU A . n 
A 1 55  LYS 55  56  56  LYS LYS A . n 
A 1 56  LYS 56  57  57  LYS LYS A . n 
A 1 57  GLN 57  58  58  GLN GLN A . n 
A 1 58  PHE 58  59  59  PHE PHE A . n 
A 1 59  PRO 59  60  60  PRO PRO A . n 
A 1 60  ALA 60  61  61  ALA ALA A . n 
A 1 61  MET 61  62  62  MET MET A . n 
A 1 62  ALA 62  63  63  ALA ALA A . n 
A 1 63  LEU 63  64  64  LEU LEU A . n 
A 1 64  LYS 64  65  65  LYS LYS A . n 
A 1 65  ILE 65  66  66  ILE ILE A . n 
A 1 66  PRO 66  67  67  PRO PRO A . n 
A 1 67  ALA 67  68  68  ALA ALA A . n 
A 1 68  LYS 68  69  69  LYS LYS A . n 
A 1 69  ARG 69  70  70  ARG ARG A . n 
A 1 70  ILE 70  71  71  ILE ILE A . n 
A 1 71  PHE 71  72  72  PHE PHE A . n 
A 1 72  GLY 72  73  73  GLY GLY A . n 
A 1 73  ASP 73  74  74  ASP ASP A . n 
A 1 74  ASN 74  75  75  ASN ASN A . n 
A 1 75  PHE 75  76  76  PHE PHE A . n 
A 1 76  ASP 76  77  77  ASP ASP A . n 
A 1 77  PRO 77  78  78  PRO PRO A . n 
A 1 78  ASP 78  79  79  ASP ASP A . n 
A 1 79  PHE 79  80  80  PHE PHE A . n 
A 1 80  ILE 80  81  81  ILE ILE A . n 
A 1 81  LYS 81  82  82  LYS LYS A . n 
A 1 82  GLN 82  83  83  GLN ALA A . n 
A 1 83  ARG 83  84  84  ARG ARG A . n 
A 1 84  ARG 84  85  85  ARG ARG A . n 
A 1 85  ALA 85  86  86  ALA ALA A . n 
A 1 86  GLY 86  87  87  GLY GLY A . n 
A 1 87  LEU 87  88  88  LEU LEU A . n 
A 1 88  ASN 88  89  89  ASN ASN A . n 
A 1 89  GLU 89  90  90  GLU GLU A . n 
A 1 90  PHE 90  91  91  PHE PHE A . n 
A 1 91  ILE 91  92  92  ILE ILE A . n 
A 1 92  GLN 92  93  93  GLN GLN A . n 
A 1 93  ASN 93  94  94  ASN ASN A . n 
A 1 94  LEU 94  95  95  LEU LEU A . n 
A 1 95  VAL 95  96  96  VAL VAL A . n 
A 1 96  ARG 96  97  97  ARG ARG A . n 
A 1 97  TYR 97  98  98  TYR TYR A . n 
A 1 98  PRO 98  99  99  PRO PRO A . n 
A 1 99  GLU 99  100 100 GLU GLU A . n 
A 1 100 LEU 100 101 101 LEU LEU A . n 
A 1 101 TYR 101 102 102 TYR TYR A . n 
A 1 102 ASN 102 103 103 ASN ASN A . n 
A 1 103 HIS 103 104 104 HIS HIS A . n 
A 1 104 PRO 104 105 105 PRO PRO A . n 
A 1 105 ASP 105 106 106 ASP ASP A . n 
A 1 106 VAL 106 107 107 VAL VAL A . n 
A 1 107 ARG 107 108 108 ARG ARG A . n 
A 1 108 ALA 108 109 109 ALA ALA A . n 
A 1 109 PHE 109 110 110 PHE PHE A . n 
A 1 110 LEU 110 111 111 LEU LEU A . n 
A 1 111 GLN 111 112 112 GLN GLN A . n 
A 1 112 MET 112 113 113 MET MET A . n 
A 1 113 ASP 113 114 114 ASP ASP A . n 
A 1 114 SER 114 115 115 SER SER A . n 
A 1 115 PRO 115 116 116 PRO PRO A . n 
A 1 116 LYS 116 117 117 LYS LYS A . n 
A 1 117 HIS 117 118 118 HIS HIS A . n 
A 1 118 GLN 118 119 119 GLN GLN A . n 
# 
loop_
_pdbx_nonpoly_scheme.asym_id 
_pdbx_nonpoly_scheme.entity_id 
_pdbx_nonpoly_scheme.mon_id 
_pdbx_nonpoly_scheme.ndb_seq_num 
_pdbx_nonpoly_scheme.pdb_seq_num 
_pdbx_nonpoly_scheme.auth_seq_num 
_pdbx_nonpoly_scheme.pdb_mon_id 
_pdbx_nonpoly_scheme.auth_mon_id 
_pdbx_nonpoly_scheme.pdb_strand_id 
_pdbx_nonpoly_scheme.pdb_ins_code 
B 2 GOL 1  201 1  GOL GOL A . 
C 3 HOH 1  301 4  HOH HOH A . 
C 3 HOH 2  302 8  HOH HOH A . 
C 3 HOH 3  303 10 HOH HOH A . 
C 3 HOH 4  304 3  HOH HOH A . 
C 3 HOH 5  305 2  HOH HOH A . 
C 3 HOH 6  306 12 HOH HOH A . 
C 3 HOH 7  307 1  HOH HOH A . 
C 3 HOH 8  308 11 HOH HOH A . 
C 3 HOH 9  309 2  HOH HOH A . 
C 3 HOH 10 310 4  HOH HOH A . 
C 3 HOH 11 311 13 HOH HOH A . 
C 3 HOH 12 312 15 HOH HOH A . 
C 3 HOH 13 313 2  HOH HOH A . 
C 3 HOH 14 314 6  HOH HOH A . 
C 3 HOH 15 315 16 HOH HOH A . 
C 3 HOH 16 316 4  HOH HOH A . 
C 3 HOH 17 317 3  HOH HOH A . 
C 3 HOH 18 318 7  HOH HOH A . 
C 3 HOH 19 319 9  HOH HOH A . 
C 3 HOH 20 320 5  HOH HOH A . 
C 3 HOH 21 321 6  HOH HOH A . 
# 
_pdbx_struct_assembly.id                   1 
_pdbx_struct_assembly.details              author_and_software_defined_assembly 
_pdbx_struct_assembly.method_details       PISA 
_pdbx_struct_assembly.oligomeric_details   monomeric 
_pdbx_struct_assembly.oligomeric_count     1 
# 
_pdbx_struct_assembly_gen.assembly_id       1 
_pdbx_struct_assembly_gen.oper_expression   1 
_pdbx_struct_assembly_gen.asym_id_list      A,B,C 
# 
_pdbx_struct_oper_list.id                   1 
_pdbx_struct_oper_list.type                 'identity operation' 
_pdbx_struct_oper_list.name                 1_555 
_pdbx_struct_oper_list.symmetry_operation   x,y,z 
_pdbx_struct_oper_list.matrix[1][1]         1.0000000000 
_pdbx_struct_oper_list.matrix[1][2]         0.0000000000 
_pdbx_struct_oper_list.matrix[1][3]         0.0000000000 
_pdbx_struct_oper_list.vector[1]            0.0000000000 
_pdbx_struct_oper_list.matrix[2][1]         0.0000000000 
_pdbx_struct_oper_list.matrix[2][2]         1.0000000000 
_pdbx_struct_oper_list.matrix[2][3]         0.0000000000 
_pdbx_struct_oper_list.vector[2]            0.0000000000 
_pdbx_struct_oper_list.matrix[3][1]         0.0000000000 
_pdbx_struct_oper_list.matrix[3][2]         0.0000000000 
_pdbx_struct_oper_list.matrix[3][3]         1.0000000000 
_pdbx_struct_oper_list.vector[3]            0.0000000000 
# 
loop_
_pdbx_audit_revision_history.ordinal 
_pdbx_audit_revision_history.data_content_type 
_pdbx_audit_revision_history.major_revision 
_pdbx_audit_revision_history.minor_revision 
_pdbx_audit_revision_history.revision_date 
1 'Structure model' 1 0 2018-09-05 
2 'Structure model' 1 1 2019-04-17 
3 'Structure model' 1 2 2020-01-01 
4 'Structure model' 1 3 2023-10-11 
# 
_pdbx_audit_revision_details.ordinal             1 
_pdbx_audit_revision_details.revision_ordinal    1 
_pdbx_audit_revision_details.data_content_type   'Structure model' 
_pdbx_audit_revision_details.provider            repository 
_pdbx_audit_revision_details.type                'Initial release' 
_pdbx_audit_revision_details.description         ? 
_pdbx_audit_revision_details.details             ? 
# 
loop_
_pdbx_audit_revision_group.ordinal 
_pdbx_audit_revision_group.revision_ordinal 
_pdbx_audit_revision_group.data_content_type 
_pdbx_audit_revision_group.group 
1 2 'Structure model' 'Data collection'            
2 2 'Structure model' 'Database references'        
3 3 'Structure model' 'Author supporting evidence' 
4 4 'Structure model' 'Data collection'            
5 4 'Structure model' 'Database references'        
6 4 'Structure model' 'Refinement description'     
# 
loop_
_pdbx_audit_revision_category.ordinal 
_pdbx_audit_revision_category.revision_ordinal 
_pdbx_audit_revision_category.data_content_type 
_pdbx_audit_revision_category.category 
1 2 'Structure model' citation                      
2 2 'Structure model' citation_author               
3 3 'Structure model' pdbx_audit_support            
4 4 'Structure model' chem_comp_atom                
5 4 'Structure model' chem_comp_bond                
6 4 'Structure model' database_2                    
7 4 'Structure model' pdbx_initial_refinement_model 
# 
loop_
_pdbx_audit_revision_item.ordinal 
_pdbx_audit_revision_item.revision_ordinal 
_pdbx_audit_revision_item.data_content_type 
_pdbx_audit_revision_item.item 
1  2 'Structure model' '_citation.country'                        
2  2 'Structure model' '_citation.journal_abbrev'                 
3  2 'Structure model' '_citation.journal_id_CSD'                 
4  2 'Structure model' '_citation.journal_id_ISSN'                
5  2 'Structure model' '_citation.journal_volume'                 
6  2 'Structure model' '_citation.page_first'                     
7  2 'Structure model' '_citation.page_last'                      
8  2 'Structure model' '_citation.pdbx_database_id_DOI'           
9  2 'Structure model' '_citation.pdbx_database_id_PubMed'        
10 2 'Structure model' '_citation.title'                          
11 2 'Structure model' '_citation.year'                           
12 3 'Structure model' '_pdbx_audit_support.funding_organization' 
13 4 'Structure model' '_database_2.pdbx_DOI'                     
14 4 'Structure model' '_database_2.pdbx_database_accession'      
# 
loop_
_software.citation_id 
_software.classification 
_software.compiler_name 
_software.compiler_version 
_software.contact_author 
_software.contact_author_email 
_software.date 
_software.description 
_software.dependencies 
_software.hardware 
_software.language 
_software.location 
_software.mods 
_software.name 
_software.os 
_software.os_version 
_software.type 
_software.version 
_software.pdbx_ordinal 
? refinement       ? ? ? ? ? ? ? ? ? ? ? PHENIX ? ? ? 1.9_1692 1 
? 'data reduction' ? ? ? ? ? ? ? ? ? ? ? XDS    ? ? ? .        2 
? 'data scaling'   ? ? ? ? ? ? ? ? ? ? ? SCALA  ? ? ? .        3 
? phasing          ? ? ? ? ? ? ? ? ? ? ? PHASER ? ? ? .        4 
# 
loop_
_pdbx_validate_torsion.id 
_pdbx_validate_torsion.PDB_model_num 
_pdbx_validate_torsion.auth_comp_id 
_pdbx_validate_torsion.auth_asym_id 
_pdbx_validate_torsion.auth_seq_id 
_pdbx_validate_torsion.PDB_ins_code 
_pdbx_validate_torsion.label_alt_id 
_pdbx_validate_torsion.phi 
_pdbx_validate_torsion.psi 
1 1 GLU A 20  ? ? -119.25 -159.05 
2 1 HIS A 118 ? ? -89.75  36.67   
# 
loop_
_pdbx_unobs_or_zero_occ_atoms.id 
_pdbx_unobs_or_zero_occ_atoms.PDB_model_num 
_pdbx_unobs_or_zero_occ_atoms.polymer_flag 
_pdbx_unobs_or_zero_occ_atoms.occupancy_flag 
_pdbx_unobs_or_zero_occ_atoms.auth_asym_id 
_pdbx_unobs_or_zero_occ_atoms.auth_comp_id 
_pdbx_unobs_or_zero_occ_atoms.auth_seq_id 
_pdbx_unobs_or_zero_occ_atoms.PDB_ins_code 
_pdbx_unobs_or_zero_occ_atoms.auth_atom_id 
_pdbx_unobs_or_zero_occ_atoms.label_alt_id 
_pdbx_unobs_or_zero_occ_atoms.label_asym_id 
_pdbx_unobs_or_zero_occ_atoms.label_comp_id 
_pdbx_unobs_or_zero_occ_atoms.label_seq_id 
_pdbx_unobs_or_zero_occ_atoms.label_atom_id 
1 1 Y 1 A GLN 83 ? CG  ? A GLN 82 CG  
2 1 Y 1 A GLN 83 ? CD  ? A GLN 82 CD  
3 1 Y 1 A GLN 83 ? OE1 ? A GLN 82 OE1 
4 1 Y 1 A GLN 83 ? NE2 ? A GLN 82 NE2 
5 1 Y 1 A GLU 90 ? CG  ? A GLU 89 CG  
6 1 Y 1 A GLU 90 ? CD  ? A GLU 89 CD  
7 1 Y 1 A GLU 90 ? OE1 ? A GLU 89 OE1 
8 1 Y 1 A GLU 90 ? OE2 ? A GLU 89 OE2 
# 
loop_
_pdbx_unobs_or_zero_occ_residues.id 
_pdbx_unobs_or_zero_occ_residues.PDB_model_num 
_pdbx_unobs_or_zero_occ_residues.polymer_flag 
_pdbx_unobs_or_zero_occ_residues.occupancy_flag 
_pdbx_unobs_or_zero_occ_residues.auth_asym_id 
_pdbx_unobs_or_zero_occ_residues.auth_comp_id 
_pdbx_unobs_or_zero_occ_residues.auth_seq_id 
_pdbx_unobs_or_zero_occ_residues.PDB_ins_code 
_pdbx_unobs_or_zero_occ_residues.label_asym_id 
_pdbx_unobs_or_zero_occ_residues.label_comp_id 
_pdbx_unobs_or_zero_occ_residues.label_seq_id 
1 1 Y 1 A GLY 2 ? A GLY 1 
2 1 Y 1 A SER 3 ? A SER 2 
3 1 Y 1 A LYS 4 ? A LYS 3 
4 1 Y 1 A GLU 5 ? A GLU 4 
# 
loop_
_chem_comp_atom.comp_id 
_chem_comp_atom.atom_id 
_chem_comp_atom.type_symbol 
_chem_comp_atom.pdbx_aromatic_flag 
_chem_comp_atom.pdbx_stereo_config 
_chem_comp_atom.pdbx_ordinal 
ALA N    N N N 1   
ALA CA   C N S 2   
ALA C    C N N 3   
ALA O    O N N 4   
ALA CB   C N N 5   
ALA OXT  O N N 6   
ALA H    H N N 7   
ALA H2   H N N 8   
ALA HA   H N N 9   
ALA HB1  H N N 10  
ALA HB2  H N N 11  
ALA HB3  H N N 12  
ALA HXT  H N N 13  
ARG N    N N N 14  
ARG CA   C N S 15  
ARG C    C N N 16  
ARG O    O N N 17  
ARG CB   C N N 18  
ARG CG   C N N 19  
ARG CD   C N N 20  
ARG NE   N N N 21  
ARG CZ   C N N 22  
ARG NH1  N N N 23  
ARG NH2  N N N 24  
ARG OXT  O N N 25  
ARG H    H N N 26  
ARG H2   H N N 27  
ARG HA   H N N 28  
ARG HB2  H N N 29  
ARG HB3  H N N 30  
ARG HG2  H N N 31  
ARG HG3  H N N 32  
ARG HD2  H N N 33  
ARG HD3  H N N 34  
ARG HE   H N N 35  
ARG HH11 H N N 36  
ARG HH12 H N N 37  
ARG HH21 H N N 38  
ARG HH22 H N N 39  
ARG HXT  H N N 40  
ASN N    N N N 41  
ASN CA   C N S 42  
ASN C    C N N 43  
ASN O    O N N 44  
ASN CB   C N N 45  
ASN CG   C N N 46  
ASN OD1  O N N 47  
ASN ND2  N N N 48  
ASN OXT  O N N 49  
ASN H    H N N 50  
ASN H2   H N N 51  
ASN HA   H N N 52  
ASN HB2  H N N 53  
ASN HB3  H N N 54  
ASN HD21 H N N 55  
ASN HD22 H N N 56  
ASN HXT  H N N 57  
ASP N    N N N 58  
ASP CA   C N S 59  
ASP C    C N N 60  
ASP O    O N N 61  
ASP CB   C N N 62  
ASP CG   C N N 63  
ASP OD1  O N N 64  
ASP OD2  O N N 65  
ASP OXT  O N N 66  
ASP H    H N N 67  
ASP H2   H N N 68  
ASP HA   H N N 69  
ASP HB2  H N N 70  
ASP HB3  H N N 71  
ASP HD2  H N N 72  
ASP HXT  H N N 73  
CYS N    N N N 74  
CYS CA   C N R 75  
CYS C    C N N 76  
CYS O    O N N 77  
CYS CB   C N N 78  
CYS SG   S N N 79  
CYS OXT  O N N 80  
CYS H    H N N 81  
CYS H2   H N N 82  
CYS HA   H N N 83  
CYS HB2  H N N 84  
CYS HB3  H N N 85  
CYS HG   H N N 86  
CYS HXT  H N N 87  
GLN N    N N N 88  
GLN CA   C N S 89  
GLN C    C N N 90  
GLN O    O N N 91  
GLN CB   C N N 92  
GLN CG   C N N 93  
GLN CD   C N N 94  
GLN OE1  O N N 95  
GLN NE2  N N N 96  
GLN OXT  O N N 97  
GLN H    H N N 98  
GLN H2   H N N 99  
GLN HA   H N N 100 
GLN HB2  H N N 101 
GLN HB3  H N N 102 
GLN HG2  H N N 103 
GLN HG3  H N N 104 
GLN HE21 H N N 105 
GLN HE22 H N N 106 
GLN HXT  H N N 107 
GLU N    N N N 108 
GLU CA   C N S 109 
GLU C    C N N 110 
GLU O    O N N 111 
GLU CB   C N N 112 
GLU CG   C N N 113 
GLU CD   C N N 114 
GLU OE1  O N N 115 
GLU OE2  O N N 116 
GLU OXT  O N N 117 
GLU H    H N N 118 
GLU H2   H N N 119 
GLU HA   H N N 120 
GLU HB2  H N N 121 
GLU HB3  H N N 122 
GLU HG2  H N N 123 
GLU HG3  H N N 124 
GLU HE2  H N N 125 
GLU HXT  H N N 126 
GLY N    N N N 127 
GLY CA   C N N 128 
GLY C    C N N 129 
GLY O    O N N 130 
GLY OXT  O N N 131 
GLY H    H N N 132 
GLY H2   H N N 133 
GLY HA2  H N N 134 
GLY HA3  H N N 135 
GLY HXT  H N N 136 
GOL C1   C N N 137 
GOL O1   O N N 138 
GOL C2   C N N 139 
GOL O2   O N N 140 
GOL C3   C N N 141 
GOL O3   O N N 142 
GOL H11  H N N 143 
GOL H12  H N N 144 
GOL HO1  H N N 145 
GOL H2   H N N 146 
GOL HO2  H N N 147 
GOL H31  H N N 148 
GOL H32  H N N 149 
GOL HO3  H N N 150 
HIS N    N N N 151 
HIS CA   C N S 152 
HIS C    C N N 153 
HIS O    O N N 154 
HIS CB   C N N 155 
HIS CG   C Y N 156 
HIS ND1  N Y N 157 
HIS CD2  C Y N 158 
HIS CE1  C Y N 159 
HIS NE2  N Y N 160 
HIS OXT  O N N 161 
HIS H    H N N 162 
HIS H2   H N N 163 
HIS HA   H N N 164 
HIS HB2  H N N 165 
HIS HB3  H N N 166 
HIS HD1  H N N 167 
HIS HD2  H N N 168 
HIS HE1  H N N 169 
HIS HE2  H N N 170 
HIS HXT  H N N 171 
HOH O    O N N 172 
HOH H1   H N N 173 
HOH H2   H N N 174 
ILE N    N N N 175 
ILE CA   C N S 176 
ILE C    C N N 177 
ILE O    O N N 178 
ILE CB   C N S 179 
ILE CG1  C N N 180 
ILE CG2  C N N 181 
ILE CD1  C N N 182 
ILE OXT  O N N 183 
ILE H    H N N 184 
ILE H2   H N N 185 
ILE HA   H N N 186 
ILE HB   H N N 187 
ILE HG12 H N N 188 
ILE HG13 H N N 189 
ILE HG21 H N N 190 
ILE HG22 H N N 191 
ILE HG23 H N N 192 
ILE HD11 H N N 193 
ILE HD12 H N N 194 
ILE HD13 H N N 195 
ILE HXT  H N N 196 
LEU N    N N N 197 
LEU CA   C N S 198 
LEU C    C N N 199 
LEU O    O N N 200 
LEU CB   C N N 201 
LEU CG   C N N 202 
LEU CD1  C N N 203 
LEU CD2  C N N 204 
LEU OXT  O N N 205 
LEU H    H N N 206 
LEU H2   H N N 207 
LEU HA   H N N 208 
LEU HB2  H N N 209 
LEU HB3  H N N 210 
LEU HG   H N N 211 
LEU HD11 H N N 212 
LEU HD12 H N N 213 
LEU HD13 H N N 214 
LEU HD21 H N N 215 
LEU HD22 H N N 216 
LEU HD23 H N N 217 
LEU HXT  H N N 218 
LYS N    N N N 219 
LYS CA   C N S 220 
LYS C    C N N 221 
LYS O    O N N 222 
LYS CB   C N N 223 
LYS CG   C N N 224 
LYS CD   C N N 225 
LYS CE   C N N 226 
LYS NZ   N N N 227 
LYS OXT  O N N 228 
LYS H    H N N 229 
LYS H2   H N N 230 
LYS HA   H N N 231 
LYS HB2  H N N 232 
LYS HB3  H N N 233 
LYS HG2  H N N 234 
LYS HG3  H N N 235 
LYS HD2  H N N 236 
LYS HD3  H N N 237 
LYS HE2  H N N 238 
LYS HE3  H N N 239 
LYS HZ1  H N N 240 
LYS HZ2  H N N 241 
LYS HZ3  H N N 242 
LYS HXT  H N N 243 
MET N    N N N 244 
MET CA   C N S 245 
MET C    C N N 246 
MET O    O N N 247 
MET CB   C N N 248 
MET CG   C N N 249 
MET SD   S N N 250 
MET CE   C N N 251 
MET OXT  O N N 252 
MET H    H N N 253 
MET H2   H N N 254 
MET HA   H N N 255 
MET HB2  H N N 256 
MET HB3  H N N 257 
MET HG2  H N N 258 
MET HG3  H N N 259 
MET HE1  H N N 260 
MET HE2  H N N 261 
MET HE3  H N N 262 
MET HXT  H N N 263 
PHE N    N N N 264 
PHE CA   C N S 265 
PHE C    C N N 266 
PHE O    O N N 267 
PHE CB   C N N 268 
PHE CG   C Y N 269 
PHE CD1  C Y N 270 
PHE CD2  C Y N 271 
PHE CE1  C Y N 272 
PHE CE2  C Y N 273 
PHE CZ   C Y N 274 
PHE OXT  O N N 275 
PHE H    H N N 276 
PHE H2   H N N 277 
PHE HA   H N N 278 
PHE HB2  H N N 279 
PHE HB3  H N N 280 
PHE HD1  H N N 281 
PHE HD2  H N N 282 
PHE HE1  H N N 283 
PHE HE2  H N N 284 
PHE HZ   H N N 285 
PHE HXT  H N N 286 
PRO N    N N N 287 
PRO CA   C N S 288 
PRO C    C N N 289 
PRO O    O N N 290 
PRO CB   C N N 291 
PRO CG   C N N 292 
PRO CD   C N N 293 
PRO OXT  O N N 294 
PRO H    H N N 295 
PRO HA   H N N 296 
PRO HB2  H N N 297 
PRO HB3  H N N 298 
PRO HG2  H N N 299 
PRO HG3  H N N 300 
PRO HD2  H N N 301 
PRO HD3  H N N 302 
PRO HXT  H N N 303 
SER N    N N N 304 
SER CA   C N S 305 
SER C    C N N 306 
SER O    O N N 307 
SER CB   C N N 308 
SER OG   O N N 309 
SER OXT  O N N 310 
SER H    H N N 311 
SER H2   H N N 312 
SER HA   H N N 313 
SER HB2  H N N 314 
SER HB3  H N N 315 
SER HG   H N N 316 
SER HXT  H N N 317 
THR N    N N N 318 
THR CA   C N S 319 
THR C    C N N 320 
THR O    O N N 321 
THR CB   C N R 322 
THR OG1  O N N 323 
THR CG2  C N N 324 
THR OXT  O N N 325 
THR H    H N N 326 
THR H2   H N N 327 
THR HA   H N N 328 
THR HB   H N N 329 
THR HG1  H N N 330 
THR HG21 H N N 331 
THR HG22 H N N 332 
THR HG23 H N N 333 
THR HXT  H N N 334 
TRP N    N N N 335 
TRP CA   C N S 336 
TRP C    C N N 337 
TRP O    O N N 338 
TRP CB   C N N 339 
TRP CG   C Y N 340 
TRP CD1  C Y N 341 
TRP CD2  C Y N 342 
TRP NE1  N Y N 343 
TRP CE2  C Y N 344 
TRP CE3  C Y N 345 
TRP CZ2  C Y N 346 
TRP CZ3  C Y N 347 
TRP CH2  C Y N 348 
TRP OXT  O N N 349 
TRP H    H N N 350 
TRP H2   H N N 351 
TRP HA   H N N 352 
TRP HB2  H N N 353 
TRP HB3  H N N 354 
TRP HD1  H N N 355 
TRP HE1  H N N 356 
TRP HE3  H N N 357 
TRP HZ2  H N N 358 
TRP HZ3  H N N 359 
TRP HH2  H N N 360 
TRP HXT  H N N 361 
TYR N    N N N 362 
TYR CA   C N S 363 
TYR C    C N N 364 
TYR O    O N N 365 
TYR CB   C N N 366 
TYR CG   C Y N 367 
TYR CD1  C Y N 368 
TYR CD2  C Y N 369 
TYR CE1  C Y N 370 
TYR CE2  C Y N 371 
TYR CZ   C Y N 372 
TYR OH   O N N 373 
TYR OXT  O N N 374 
TYR H    H N N 375 
TYR H2   H N N 376 
TYR HA   H N N 377 
TYR HB2  H N N 378 
TYR HB3  H N N 379 
TYR HD1  H N N 380 
TYR HD2  H N N 381 
TYR HE1  H N N 382 
TYR HE2  H N N 383 
TYR HH   H N N 384 
TYR HXT  H N N 385 
VAL N    N N N 386 
VAL CA   C N S 387 
VAL C    C N N 388 
VAL O    O N N 389 
VAL CB   C N N 390 
VAL CG1  C N N 391 
VAL CG2  C N N 392 
VAL OXT  O N N 393 
VAL H    H N N 394 
VAL H2   H N N 395 
VAL HA   H N N 396 
VAL HB   H N N 397 
VAL HG11 H N N 398 
VAL HG12 H N N 399 
VAL HG13 H N N 400 
VAL HG21 H N N 401 
VAL HG22 H N N 402 
VAL HG23 H N N 403 
VAL HXT  H N N 404 
# 
loop_
_chem_comp_bond.comp_id 
_chem_comp_bond.atom_id_1 
_chem_comp_bond.atom_id_2 
_chem_comp_bond.value_order 
_chem_comp_bond.pdbx_aromatic_flag 
_chem_comp_bond.pdbx_stereo_config 
_chem_comp_bond.pdbx_ordinal 
ALA N   CA   sing N N 1   
ALA N   H    sing N N 2   
ALA N   H2   sing N N 3   
ALA CA  C    sing N N 4   
ALA CA  CB   sing N N 5   
ALA CA  HA   sing N N 6   
ALA C   O    doub N N 7   
ALA C   OXT  sing N N 8   
ALA CB  HB1  sing N N 9   
ALA CB  HB2  sing N N 10  
ALA CB  HB3  sing N N 11  
ALA OXT HXT  sing N N 12  
ARG N   CA   sing N N 13  
ARG N   H    sing N N 14  
ARG N   H2   sing N N 15  
ARG CA  C    sing N N 16  
ARG CA  CB   sing N N 17  
ARG CA  HA   sing N N 18  
ARG C   O    doub N N 19  
ARG C   OXT  sing N N 20  
ARG CB  CG   sing N N 21  
ARG CB  HB2  sing N N 22  
ARG CB  HB3  sing N N 23  
ARG CG  CD   sing N N 24  
ARG CG  HG2  sing N N 25  
ARG CG  HG3  sing N N 26  
ARG CD  NE   sing N N 27  
ARG CD  HD2  sing N N 28  
ARG CD  HD3  sing N N 29  
ARG NE  CZ   sing N N 30  
ARG NE  HE   sing N N 31  
ARG CZ  NH1  sing N N 32  
ARG CZ  NH2  doub N N 33  
ARG NH1 HH11 sing N N 34  
ARG NH1 HH12 sing N N 35  
ARG NH2 HH21 sing N N 36  
ARG NH2 HH22 sing N N 37  
ARG OXT HXT  sing N N 38  
ASN N   CA   sing N N 39  
ASN N   H    sing N N 40  
ASN N   H2   sing N N 41  
ASN CA  C    sing N N 42  
ASN CA  CB   sing N N 43  
ASN CA  HA   sing N N 44  
ASN C   O    doub N N 45  
ASN C   OXT  sing N N 46  
ASN CB  CG   sing N N 47  
ASN CB  HB2  sing N N 48  
ASN CB  HB3  sing N N 49  
ASN CG  OD1  doub N N 50  
ASN CG  ND2  sing N N 51  
ASN ND2 HD21 sing N N 52  
ASN ND2 HD22 sing N N 53  
ASN OXT HXT  sing N N 54  
ASP N   CA   sing N N 55  
ASP N   H    sing N N 56  
ASP N   H2   sing N N 57  
ASP CA  C    sing N N 58  
ASP CA  CB   sing N N 59  
ASP CA  HA   sing N N 60  
ASP C   O    doub N N 61  
ASP C   OXT  sing N N 62  
ASP CB  CG   sing N N 63  
ASP CB  HB2  sing N N 64  
ASP CB  HB3  sing N N 65  
ASP CG  OD1  doub N N 66  
ASP CG  OD2  sing N N 67  
ASP OD2 HD2  sing N N 68  
ASP OXT HXT  sing N N 69  
CYS N   CA   sing N N 70  
CYS N   H    sing N N 71  
CYS N   H2   sing N N 72  
CYS CA  C    sing N N 73  
CYS CA  CB   sing N N 74  
CYS CA  HA   sing N N 75  
CYS C   O    doub N N 76  
CYS C   OXT  sing N N 77  
CYS CB  SG   sing N N 78  
CYS CB  HB2  sing N N 79  
CYS CB  HB3  sing N N 80  
CYS SG  HG   sing N N 81  
CYS OXT HXT  sing N N 82  
GLN N   CA   sing N N 83  
GLN N   H    sing N N 84  
GLN N   H2   sing N N 85  
GLN CA  C    sing N N 86  
GLN CA  CB   sing N N 87  
GLN CA  HA   sing N N 88  
GLN C   O    doub N N 89  
GLN C   OXT  sing N N 90  
GLN CB  CG   sing N N 91  
GLN CB  HB2  sing N N 92  
GLN CB  HB3  sing N N 93  
GLN CG  CD   sing N N 94  
GLN CG  HG2  sing N N 95  
GLN CG  HG3  sing N N 96  
GLN CD  OE1  doub N N 97  
GLN CD  NE2  sing N N 98  
GLN NE2 HE21 sing N N 99  
GLN NE2 HE22 sing N N 100 
GLN OXT HXT  sing N N 101 
GLU N   CA   sing N N 102 
GLU N   H    sing N N 103 
GLU N   H2   sing N N 104 
GLU CA  C    sing N N 105 
GLU CA  CB   sing N N 106 
GLU CA  HA   sing N N 107 
GLU C   O    doub N N 108 
GLU C   OXT  sing N N 109 
GLU CB  CG   sing N N 110 
GLU CB  HB2  sing N N 111 
GLU CB  HB3  sing N N 112 
GLU CG  CD   sing N N 113 
GLU CG  HG2  sing N N 114 
GLU CG  HG3  sing N N 115 
GLU CD  OE1  doub N N 116 
GLU CD  OE2  sing N N 117 
GLU OE2 HE2  sing N N 118 
GLU OXT HXT  sing N N 119 
GLY N   CA   sing N N 120 
GLY N   H    sing N N 121 
GLY N   H2   sing N N 122 
GLY CA  C    sing N N 123 
GLY CA  HA2  sing N N 124 
GLY CA  HA3  sing N N 125 
GLY C   O    doub N N 126 
GLY C   OXT  sing N N 127 
GLY OXT HXT  sing N N 128 
GOL C1  O1   sing N N 129 
GOL C1  C2   sing N N 130 
GOL C1  H11  sing N N 131 
GOL C1  H12  sing N N 132 
GOL O1  HO1  sing N N 133 
GOL C2  O2   sing N N 134 
GOL C2  C3   sing N N 135 
GOL C2  H2   sing N N 136 
GOL O2  HO2  sing N N 137 
GOL C3  O3   sing N N 138 
GOL C3  H31  sing N N 139 
GOL C3  H32  sing N N 140 
GOL O3  HO3  sing N N 141 
HIS N   CA   sing N N 142 
HIS N   H    sing N N 143 
HIS N   H2   sing N N 144 
HIS CA  C    sing N N 145 
HIS CA  CB   sing N N 146 
HIS CA  HA   sing N N 147 
HIS C   O    doub N N 148 
HIS C   OXT  sing N N 149 
HIS CB  CG   sing N N 150 
HIS CB  HB2  sing N N 151 
HIS CB  HB3  sing N N 152 
HIS CG  ND1  sing Y N 153 
HIS CG  CD2  doub Y N 154 
HIS ND1 CE1  doub Y N 155 
HIS ND1 HD1  sing N N 156 
HIS CD2 NE2  sing Y N 157 
HIS CD2 HD2  sing N N 158 
HIS CE1 NE2  sing Y N 159 
HIS CE1 HE1  sing N N 160 
HIS NE2 HE2  sing N N 161 
HIS OXT HXT  sing N N 162 
HOH O   H1   sing N N 163 
HOH O   H2   sing N N 164 
ILE N   CA   sing N N 165 
ILE N   H    sing N N 166 
ILE N   H2   sing N N 167 
ILE CA  C    sing N N 168 
ILE CA  CB   sing N N 169 
ILE CA  HA   sing N N 170 
ILE C   O    doub N N 171 
ILE C   OXT  sing N N 172 
ILE CB  CG1  sing N N 173 
ILE CB  CG2  sing N N 174 
ILE CB  HB   sing N N 175 
ILE CG1 CD1  sing N N 176 
ILE CG1 HG12 sing N N 177 
ILE CG1 HG13 sing N N 178 
ILE CG2 HG21 sing N N 179 
ILE CG2 HG22 sing N N 180 
ILE CG2 HG23 sing N N 181 
ILE CD1 HD11 sing N N 182 
ILE CD1 HD12 sing N N 183 
ILE CD1 HD13 sing N N 184 
ILE OXT HXT  sing N N 185 
LEU N   CA   sing N N 186 
LEU N   H    sing N N 187 
LEU N   H2   sing N N 188 
LEU CA  C    sing N N 189 
LEU CA  CB   sing N N 190 
LEU CA  HA   sing N N 191 
LEU C   O    doub N N 192 
LEU C   OXT  sing N N 193 
LEU CB  CG   sing N N 194 
LEU CB  HB2  sing N N 195 
LEU CB  HB3  sing N N 196 
LEU CG  CD1  sing N N 197 
LEU CG  CD2  sing N N 198 
LEU CG  HG   sing N N 199 
LEU CD1 HD11 sing N N 200 
LEU CD1 HD12 sing N N 201 
LEU CD1 HD13 sing N N 202 
LEU CD2 HD21 sing N N 203 
LEU CD2 HD22 sing N N 204 
LEU CD2 HD23 sing N N 205 
LEU OXT HXT  sing N N 206 
LYS N   CA   sing N N 207 
LYS N   H    sing N N 208 
LYS N   H2   sing N N 209 
LYS CA  C    sing N N 210 
LYS CA  CB   sing N N 211 
LYS CA  HA   sing N N 212 
LYS C   O    doub N N 213 
LYS C   OXT  sing N N 214 
LYS CB  CG   sing N N 215 
LYS CB  HB2  sing N N 216 
LYS CB  HB3  sing N N 217 
LYS CG  CD   sing N N 218 
LYS CG  HG2  sing N N 219 
LYS CG  HG3  sing N N 220 
LYS CD  CE   sing N N 221 
LYS CD  HD2  sing N N 222 
LYS CD  HD3  sing N N 223 
LYS CE  NZ   sing N N 224 
LYS CE  HE2  sing N N 225 
LYS CE  HE3  sing N N 226 
LYS NZ  HZ1  sing N N 227 
LYS NZ  HZ2  sing N N 228 
LYS NZ  HZ3  sing N N 229 
LYS OXT HXT  sing N N 230 
MET N   CA   sing N N 231 
MET N   H    sing N N 232 
MET N   H2   sing N N 233 
MET CA  C    sing N N 234 
MET CA  CB   sing N N 235 
MET CA  HA   sing N N 236 
MET C   O    doub N N 237 
MET C   OXT  sing N N 238 
MET CB  CG   sing N N 239 
MET CB  HB2  sing N N 240 
MET CB  HB3  sing N N 241 
MET CG  SD   sing N N 242 
MET CG  HG2  sing N N 243 
MET CG  HG3  sing N N 244 
MET SD  CE   sing N N 245 
MET CE  HE1  sing N N 246 
MET CE  HE2  sing N N 247 
MET CE  HE3  sing N N 248 
MET OXT HXT  sing N N 249 
PHE N   CA   sing N N 250 
PHE N   H    sing N N 251 
PHE N   H2   sing N N 252 
PHE CA  C    sing N N 253 
PHE CA  CB   sing N N 254 
PHE CA  HA   sing N N 255 
PHE C   O    doub N N 256 
PHE C   OXT  sing N N 257 
PHE CB  CG   sing N N 258 
PHE CB  HB2  sing N N 259 
PHE CB  HB3  sing N N 260 
PHE CG  CD1  doub Y N 261 
PHE CG  CD2  sing Y N 262 
PHE CD1 CE1  sing Y N 263 
PHE CD1 HD1  sing N N 264 
PHE CD2 CE2  doub Y N 265 
PHE CD2 HD2  sing N N 266 
PHE CE1 CZ   doub Y N 267 
PHE CE1 HE1  sing N N 268 
PHE CE2 CZ   sing Y N 269 
PHE CE2 HE2  sing N N 270 
PHE CZ  HZ   sing N N 271 
PHE OXT HXT  sing N N 272 
PRO N   CA   sing N N 273 
PRO N   CD   sing N N 274 
PRO N   H    sing N N 275 
PRO CA  C    sing N N 276 
PRO CA  CB   sing N N 277 
PRO CA  HA   sing N N 278 
PRO C   O    doub N N 279 
PRO C   OXT  sing N N 280 
PRO CB  CG   sing N N 281 
PRO CB  HB2  sing N N 282 
PRO CB  HB3  sing N N 283 
PRO CG  CD   sing N N 284 
PRO CG  HG2  sing N N 285 
PRO CG  HG3  sing N N 286 
PRO CD  HD2  sing N N 287 
PRO CD  HD3  sing N N 288 
PRO OXT HXT  sing N N 289 
SER N   CA   sing N N 290 
SER N   H    sing N N 291 
SER N   H2   sing N N 292 
SER CA  C    sing N N 293 
SER CA  CB   sing N N 294 
SER CA  HA   sing N N 295 
SER C   O    doub N N 296 
SER C   OXT  sing N N 297 
SER CB  OG   sing N N 298 
SER CB  HB2  sing N N 299 
SER CB  HB3  sing N N 300 
SER OG  HG   sing N N 301 
SER OXT HXT  sing N N 302 
THR N   CA   sing N N 303 
THR N   H    sing N N 304 
THR N   H2   sing N N 305 
THR CA  C    sing N N 306 
THR CA  CB   sing N N 307 
THR CA  HA   sing N N 308 
THR C   O    doub N N 309 
THR C   OXT  sing N N 310 
THR CB  OG1  sing N N 311 
THR CB  CG2  sing N N 312 
THR CB  HB   sing N N 313 
THR OG1 HG1  sing N N 314 
THR CG2 HG21 sing N N 315 
THR CG2 HG22 sing N N 316 
THR CG2 HG23 sing N N 317 
THR OXT HXT  sing N N 318 
TRP N   CA   sing N N 319 
TRP N   H    sing N N 320 
TRP N   H2   sing N N 321 
TRP CA  C    sing N N 322 
TRP CA  CB   sing N N 323 
TRP CA  HA   sing N N 324 
TRP C   O    doub N N 325 
TRP C   OXT  sing N N 326 
TRP CB  CG   sing N N 327 
TRP CB  HB2  sing N N 328 
TRP CB  HB3  sing N N 329 
TRP CG  CD1  doub Y N 330 
TRP CG  CD2  sing Y N 331 
TRP CD1 NE1  sing Y N 332 
TRP CD1 HD1  sing N N 333 
TRP CD2 CE2  doub Y N 334 
TRP CD2 CE3  sing Y N 335 
TRP NE1 CE2  sing Y N 336 
TRP NE1 HE1  sing N N 337 
TRP CE2 CZ2  sing Y N 338 
TRP CE3 CZ3  doub Y N 339 
TRP CE3 HE3  sing N N 340 
TRP CZ2 CH2  doub Y N 341 
TRP CZ2 HZ2  sing N N 342 
TRP CZ3 CH2  sing Y N 343 
TRP CZ3 HZ3  sing N N 344 
TRP CH2 HH2  sing N N 345 
TRP OXT HXT  sing N N 346 
TYR N   CA   sing N N 347 
TYR N   H    sing N N 348 
TYR N   H2   sing N N 349 
TYR CA  C    sing N N 350 
TYR CA  CB   sing N N 351 
TYR CA  HA   sing N N 352 
TYR C   O    doub N N 353 
TYR C   OXT  sing N N 354 
TYR CB  CG   sing N N 355 
TYR CB  HB2  sing N N 356 
TYR CB  HB3  sing N N 357 
TYR CG  CD1  doub Y N 358 
TYR CG  CD2  sing Y N 359 
TYR CD1 CE1  sing Y N 360 
TYR CD1 HD1  sing N N 361 
TYR CD2 CE2  doub Y N 362 
TYR CD2 HD2  sing N N 363 
TYR CE1 CZ   doub Y N 364 
TYR CE1 HE1  sing N N 365 
TYR CE2 CZ   sing Y N 366 
TYR CE2 HE2  sing N N 367 
TYR CZ  OH   sing N N 368 
TYR OH  HH   sing N N 369 
TYR OXT HXT  sing N N 370 
VAL N   CA   sing N N 371 
VAL N   H    sing N N 372 
VAL N   H2   sing N N 373 
VAL CA  C    sing N N 374 
VAL CA  CB   sing N N 375 
VAL CA  HA   sing N N 376 
VAL C   O    doub N N 377 
VAL C   OXT  sing N N 378 
VAL CB  CG1  sing N N 379 
VAL CB  CG2  sing N N 380 
VAL CB  HB   sing N N 381 
VAL CG1 HG11 sing N N 382 
VAL CG1 HG12 sing N N 383 
VAL CG1 HG13 sing N N 384 
VAL CG2 HG21 sing N N 385 
VAL CG2 HG22 sing N N 386 
VAL CG2 HG23 sing N N 387 
VAL OXT HXT  sing N N 388 
# 
loop_
_pdbx_audit_support.funding_organization 
_pdbx_audit_support.country 
_pdbx_audit_support.grant_number 
_pdbx_audit_support.ordinal 
'Australian Research Council (ARC)'                               Australia DP160101743 1 
'National Health and Medical Research Council (NHMRC, Australia)' Australia APP1099114  2 
'National Health and Medical Research Council (NHMRC, Australia)' Australia APP1136021  3 
# 
loop_
_pdbx_entity_nonpoly.entity_id 
_pdbx_entity_nonpoly.name 
_pdbx_entity_nonpoly.comp_id 
2 GLYCEROL GOL 
3 water    HOH 
# 
_pdbx_initial_refinement_model.id               1 
_pdbx_initial_refinement_model.entity_id_list   ? 
_pdbx_initial_refinement_model.type             'experimental model' 
_pdbx_initial_refinement_model.source_name      PDB 
_pdbx_initial_refinement_model.accession_code   1XTE 
_pdbx_initial_refinement_model.details          ? 
# 
_pdbx_struct_assembly_auth_evidence.id                     1 
_pdbx_struct_assembly_auth_evidence.assembly_id            1 
_pdbx_struct_assembly_auth_evidence.experimental_support   'gel filtration' 
_pdbx_struct_assembly_auth_evidence.details                ? 
# 
